data_8R3Y
#
_entry.id   8R3Y
#
_cell.length_a   1.00
_cell.length_b   1.00
_cell.length_c   1.00
_cell.angle_alpha   90.00
_cell.angle_beta   90.00
_cell.angle_gamma   90.00
#
_symmetry.space_group_name_H-M   'P 1'
#
loop_
_entity.id
_entity.type
_entity.pdbx_description
1 polymer 'Protein kinase C iota type'
2 polymer 'Lethal(2) giant larvae protein homolog 1'
3 polymer 'Partitioning defective 6 homolog alpha'
4 non-polymer 'PHOSPHOAMINOPHOSPHONIC ACID-ADENYLATE ESTER'
#
loop_
_entity_poly.entity_id
_entity_poly.type
_entity_poly.pdbx_seq_one_letter_code
_entity_poly.pdbx_strand_id
1 'polypeptide(L)'
;SLGLQDFDLLRVIGRGSYAKVLLVRLKKTDRIYAMKVVKKELVNDDEDIDWVQTEKHVFEQASNHPFLVGLHSCFQTESR
LFFVIEYVNGGDLMFHMQRQRKLPEEHARFYSAEISLALNYLHERGIIYRDLKLDNVLLDSEGHIKLTDYGMCKEGLRPG
DTTS(TPO)FCGTPNYIAPEILRGEDYGFSVDWWALGVLMFEMMAGRSPFDIVGSSDNPDQNTEDYLFQVILEKQIRIPR
SLSVKAASVLKSFLNKDPKERLGCHPQTGFADIQGHPFFRNVDWDMMEQKQVVPPFKPNISGEFGLDNFDSQFTNEPVQL
(TPO)PDDDDIVRKIDQSEFEGFEYI
;
I
2 'polypeptide(L)'
;REKLKQELFAFNKTVEHGFPNQPSALAFDPELRIMAIGTRSGAVKIYGAPGVEFTGLHRDAATVTQMHFLTGQGRLLSLL
DDSSLHLWEIVHHNGCAHLEEALSFQLPSRPGFDGASAPLSLTRVTVVLLVAAGDIAALGTEGSSVFFLDVTTLTLLEGQ
TLAPGEVLRSVPDDYRCGKALGPVESLQGHLRDPTKILIGYSRGLLVIWNQASQCVDHIFLGNQQLESLCWGRDSSTVVS
SHSDGSYAVWSVDAGSFPTLQPTVATTPYGPFPCKAINKILWRNCESGGHFIIFSGGMPRASYGDRHCVSVLRAETLVTL
DFTSRIIDFFTVHSTRPEDEFDDPQALAVLLEEELVVLDLQTPGWPAVPAPYLAPLHSSAITCSAHVASVPAKLWARIVS
AGEQQSPQPVSSALSWPITGGRNLAQEPSQRGLLLTGHEDGTVRFWDASGVALRPLYKLSTAGLFQTDCEHADSLAQAAE
DDWPPFRKVGCFDPYSDDPRLGVQKVALCKYTAQMVVAGTAGQVLVLELSDVPVEQAVSVAIIDLLQDREGFTWKGHERL
SPRTGPLPWPAGFQPRVLVQCLPPAAVTAVTLHTEWSLVAFGTSHGFGLFDYQRKSPVLARCTLHPNDSLAMEGPLSRVK
SLKKSLRQ(SEP)FRRIRKSRVSGKKRAANASSKLQEANAQLAEQACPHDVEMTPVQRRIEPRSADDSLSGVVRCLYFAD
TFLRDGAHHGPTMWAGTNSGSVFAYALEVPAAAVGGEKRPEQAVEAVLGKEVQLMHRAPVVAIAVLDGRGRPLPEPYEAS
RDLAQAPDMQGGHAVLIASEEQFKVFTLPKVSAKTKFKLTAHEGCRVRKVALATFASVACEDYAETCLACLTNLGDVHVF
SVPGLRPQVHYSCIRKEDISGIASCVFTRHGQGFYLISPSEFERFSLSARNITEPLCSLDI
;
L
3 'polypeptide(L)'
;THRRVRLHKHGSDRPLGFYIRDGMSVRVAPQGLERVPGIFISRLVRGGLAESTGLLAVSDEILEVNGIEVAGKTLDQVTD
MMVANSHNLIVTVKPANQR
;
P
#
# COMPACT_ATOMS: atom_id res chain seq x y z
N SER A 1 -39.08 -35.91 17.46
CA SER A 1 -37.77 -35.24 17.60
C SER A 1 -37.50 -34.33 16.39
N LEU A 2 -36.49 -33.46 16.49
CA LEU A 2 -36.12 -32.48 15.47
C LEU A 2 -35.68 -33.12 14.15
N GLY A 3 -36.21 -32.62 13.05
CA GLY A 3 -35.96 -33.12 11.70
C GLY A 3 -36.74 -32.32 10.66
N LEU A 4 -36.27 -32.36 9.42
CA LEU A 4 -36.65 -31.41 8.38
C LEU A 4 -38.16 -31.28 8.10
N GLN A 5 -38.94 -32.34 8.27
CA GLN A 5 -40.36 -32.36 7.98
C GLN A 5 -41.21 -31.35 8.78
N ASP A 6 -40.85 -31.02 10.02
CA ASP A 6 -41.71 -30.15 10.84
C ASP A 6 -41.67 -28.68 10.44
N PHE A 7 -40.55 -28.20 9.90
CA PHE A 7 -40.33 -26.79 9.59
C PHE A 7 -40.56 -26.58 8.09
N ASP A 8 -41.43 -25.63 7.74
CA ASP A 8 -41.75 -25.31 6.35
C ASP A 8 -40.98 -24.08 5.89
N LEU A 9 -40.43 -24.15 4.67
CA LEU A 9 -39.33 -23.31 4.22
C LEU A 9 -39.90 -22.18 3.36
N LEU A 10 -39.85 -20.95 3.86
CA LEU A 10 -40.59 -19.84 3.26
C LEU A 10 -39.79 -19.23 2.10
N ARG A 11 -38.63 -18.64 2.40
CA ARG A 11 -37.76 -17.98 1.42
C ARG A 11 -36.32 -18.04 1.88
N VAL A 12 -35.39 -18.09 0.94
CA VAL A 12 -33.95 -17.91 1.21
C VAL A 12 -33.70 -16.46 1.56
N ILE A 13 -33.04 -16.20 2.69
CA ILE A 13 -32.72 -14.85 3.17
C ILE A 13 -31.22 -14.59 3.21
N GLY A 14 -30.36 -15.59 2.97
CA GLY A 14 -28.91 -15.34 2.88
C GLY A 14 -28.12 -16.50 2.29
N ARG A 15 -27.32 -16.22 1.25
CA ARG A 15 -26.33 -17.16 0.73
C ARG A 15 -24.96 -16.69 1.19
N GLY A 16 -24.26 -17.55 1.93
CA GLY A 16 -22.96 -17.24 2.52
C GLY A 16 -21.79 -17.89 1.79
N SER A 17 -20.72 -18.20 2.50
CA SER A 17 -19.56 -18.91 1.98
C SER A 17 -19.90 -20.37 1.75
N TYR A 18 -20.38 -21.05 2.79
CA TYR A 18 -20.61 -22.51 2.82
C TYR A 18 -22.03 -22.87 3.30
N ALA A 19 -22.94 -21.91 3.29
CA ALA A 19 -24.23 -22.05 3.94
C ALA A 19 -25.38 -21.27 3.29
N LYS A 20 -26.59 -21.77 3.48
CA LYS A 20 -27.86 -21.21 2.99
C LYS A 20 -28.75 -20.91 4.18
N VAL A 21 -29.25 -19.69 4.30
CA VAL A 21 -30.15 -19.31 5.38
C VAL A 21 -31.56 -19.19 4.85
N LEU A 22 -32.49 -19.91 5.45
CA LEU A 22 -33.90 -19.88 5.12
C LEU A 22 -34.69 -19.39 6.31
N LEU A 23 -35.69 -18.56 6.04
CA LEU A 23 -36.76 -18.29 6.98
C LEU A 23 -37.71 -19.51 7.04
N VAL A 24 -37.94 -20.06 8.23
CA VAL A 24 -38.70 -21.30 8.44
C VAL A 24 -39.77 -21.15 9.52
N ARG A 25 -40.94 -21.75 9.31
CA ARG A 25 -42.10 -21.66 10.23
C ARG A 25 -42.49 -23.04 10.76
N LEU A 26 -43.01 -23.07 11.99
CA LEU A 26 -43.66 -24.23 12.61
C LEU A 26 -45.18 -23.99 12.76
N LYS A 27 -45.97 -25.08 12.79
CA LYS A 27 -47.41 -25.06 13.14
C LYS A 27 -47.73 -25.65 14.52
N LYS A 28 -46.91 -26.57 15.05
CA LYS A 28 -47.12 -27.19 16.38
C LYS A 28 -46.97 -26.19 17.53
N THR A 29 -46.05 -25.24 17.34
CA THR A 29 -45.98 -23.94 17.98
C THR A 29 -45.73 -22.94 16.87
N ASP A 30 -46.48 -21.85 16.80
CA ASP A 30 -46.73 -21.15 15.53
C ASP A 30 -45.58 -20.24 15.04
N ARG A 31 -44.42 -20.30 15.71
CA ARG A 31 -43.35 -19.31 15.60
C ARG A 31 -42.47 -19.50 14.36
N ILE A 32 -41.75 -18.44 13.99
CA ILE A 32 -40.88 -18.35 12.81
C ILE A 32 -39.45 -18.00 13.19
N TYR A 33 -38.47 -18.62 12.54
CA TYR A 33 -37.06 -18.54 12.89
C TYR A 33 -36.18 -18.62 11.65
N ALA A 34 -34.93 -18.16 11.74
CA ALA A 34 -33.97 -18.44 10.70
C ALA A 34 -33.42 -19.84 10.91
N MET A 35 -32.99 -20.46 9.83
CA MET A 35 -32.32 -21.75 9.85
C MET A 35 -31.20 -21.72 8.83
N LYS A 36 -30.00 -22.05 9.27
CA LYS A 36 -28.78 -22.05 8.47
C LYS A 36 -28.42 -23.48 8.14
N VAL A 37 -28.18 -23.73 6.86
CA VAL A 37 -27.89 -25.06 6.30
C VAL A 37 -26.44 -25.14 5.86
N VAL A 38 -25.68 -26.10 6.36
CA VAL A 38 -24.36 -26.48 5.85
C VAL A 38 -24.45 -27.81 5.11
N LYS A 39 -23.59 -28.08 4.13
CA LYS A 39 -23.67 -29.30 3.32
C LYS A 39 -22.66 -30.30 3.88
N LYS A 40 -23.13 -31.46 4.36
CA LYS A 40 -22.28 -32.50 4.99
C LYS A 40 -21.23 -33.04 4.02
N GLU A 41 -21.54 -33.07 2.72
CA GLU A 41 -20.58 -33.35 1.65
C GLU A 41 -19.50 -32.26 1.48
N LEU A 42 -19.80 -30.98 1.75
CA LEU A 42 -18.83 -29.89 1.71
C LEU A 42 -17.85 -30.00 2.87
N VAL A 43 -18.32 -30.20 4.10
CA VAL A 43 -17.48 -30.28 5.31
C VAL A 43 -16.75 -31.62 5.49
N ASN A 44 -16.15 -32.14 4.41
CA ASN A 44 -15.53 -33.47 4.36
C ASN A 44 -14.08 -33.54 4.89
N ASP A 45 -13.35 -32.44 5.01
CA ASP A 45 -11.99 -32.46 5.56
C ASP A 45 -11.98 -32.71 7.09
N ASP A 46 -10.86 -33.20 7.63
CA ASP A 46 -10.63 -33.27 9.08
C ASP A 46 -10.73 -31.87 9.72
N GLU A 47 -10.19 -30.87 9.02
CA GLU A 47 -10.33 -29.46 9.40
C GLU A 47 -11.76 -28.96 9.26
N ASP A 48 -12.54 -29.48 8.32
CA ASP A 48 -13.93 -29.08 8.15
C ASP A 48 -14.81 -29.61 9.26
N ILE A 49 -14.68 -30.90 9.59
CA ILE A 49 -15.41 -31.44 10.73
C ILE A 49 -15.00 -30.74 12.02
N ASP A 50 -13.74 -30.35 12.17
CA ASP A 50 -13.33 -29.55 13.31
C ASP A 50 -13.99 -28.17 13.31
N TRP A 51 -14.01 -27.42 12.21
CA TRP A 51 -14.61 -26.08 12.28
C TRP A 51 -16.13 -26.15 12.49
N VAL A 52 -16.83 -27.10 11.88
CA VAL A 52 -18.27 -27.23 12.11
C VAL A 52 -18.61 -27.79 13.50
N GLN A 53 -17.79 -28.69 14.06
CA GLN A 53 -17.95 -29.14 15.45
C GLN A 53 -17.70 -27.99 16.43
N THR A 54 -16.59 -27.28 16.26
CA THR A 54 -16.28 -26.13 17.11
C THR A 54 -17.32 -25.02 16.97
N GLU A 55 -17.95 -24.83 15.81
CA GLU A 55 -19.08 -23.91 15.69
C GLU A 55 -20.21 -24.24 16.67
N LYS A 56 -20.52 -25.53 16.89
CA LYS A 56 -21.47 -25.92 17.95
C LYS A 56 -20.95 -25.49 19.32
N HIS A 57 -19.67 -25.71 19.63
CA HIS A 57 -19.10 -25.28 20.91
C HIS A 57 -19.21 -23.78 21.15
N VAL A 58 -19.12 -22.93 20.11
CA VAL A 58 -19.32 -21.49 20.32
C VAL A 58 -20.76 -21.19 20.72
N PHE A 59 -21.77 -21.80 20.11
CA PHE A 59 -23.15 -21.64 20.62
C PHE A 59 -23.32 -22.18 22.04
N GLU A 60 -22.59 -23.24 22.39
CA GLU A 60 -22.61 -23.84 23.72
C GLU A 60 -22.06 -22.87 24.78
N GLN A 61 -20.94 -22.21 24.51
CA GLN A 61 -20.35 -21.16 25.36
C GLN A 61 -21.10 -19.82 25.30
N ALA A 62 -21.67 -19.43 24.17
CA ALA A 62 -22.47 -18.23 24.00
C ALA A 62 -23.93 -18.42 24.44
N SER A 63 -24.14 -19.09 25.57
CA SER A 63 -25.46 -19.52 26.04
C SER A 63 -26.42 -18.35 26.28
N ASN A 64 -25.91 -17.20 26.71
CA ASN A 64 -26.67 -15.95 26.80
C ASN A 64 -25.76 -14.72 26.76
N HIS A 65 -25.88 -13.92 25.70
CA HIS A 65 -25.55 -12.48 25.68
C HIS A 65 -26.55 -11.76 24.77
N PRO A 66 -27.01 -10.54 25.07
CA PRO A 66 -28.01 -9.87 24.24
C PRO A 66 -27.56 -9.61 22.80
N PHE A 67 -26.26 -9.49 22.51
CA PHE A 67 -25.74 -9.13 21.18
C PHE A 67 -25.19 -10.30 20.37
N LEU A 68 -25.44 -11.53 20.78
CA LEU A 68 -25.14 -12.74 20.02
C LEU A 68 -26.47 -13.40 19.55
N VAL A 69 -26.42 -14.55 18.88
CA VAL A 69 -27.62 -15.31 18.48
C VAL A 69 -27.60 -16.72 19.07
N GLY A 70 -28.74 -17.17 19.61
CA GLY A 70 -28.86 -18.44 20.32
C GLY A 70 -29.30 -19.60 19.42
N LEU A 71 -28.70 -20.78 19.59
CA LEU A 71 -29.10 -22.02 18.93
C LEU A 71 -30.37 -22.57 19.58
N HIS A 72 -31.49 -22.42 18.89
CA HIS A 72 -32.84 -22.78 19.36
C HIS A 72 -33.21 -24.23 19.03
N SER A 73 -32.69 -24.80 17.94
CA SER A 73 -32.87 -26.19 17.51
C SER A 73 -31.72 -26.62 16.58
N CYS A 74 -31.40 -27.91 16.51
CA CYS A 74 -30.40 -28.44 15.56
C CYS A 74 -30.82 -29.83 15.02
N PHE A 75 -30.50 -30.12 13.76
CA PHE A 75 -30.87 -31.35 13.03
C PHE A 75 -29.94 -31.60 11.84
N GLN A 76 -29.76 -32.86 11.39
CA GLN A 76 -28.74 -33.22 10.39
C GLN A 76 -29.24 -34.11 9.23
N THR A 77 -30.46 -33.87 8.73
CA THR A 77 -31.14 -34.73 7.75
C THR A 77 -30.58 -34.63 6.33
N GLU A 78 -30.51 -35.74 5.60
CA GLU A 78 -30.33 -35.83 4.12
C GLU A 78 -29.14 -35.04 3.56
N SER A 79 -27.92 -35.32 4.02
CA SER A 79 -26.67 -34.65 3.59
C SER A 79 -26.59 -33.14 3.91
N ARG A 80 -27.49 -32.64 4.75
CA ARG A 80 -27.57 -31.25 5.22
C ARG A 80 -27.45 -31.21 6.75
N LEU A 81 -26.97 -30.09 7.28
CA LEU A 81 -26.63 -29.87 8.68
C LEU A 81 -27.18 -28.52 9.12
N PHE A 82 -28.23 -28.56 9.93
CA PHE A 82 -29.13 -27.45 10.22
C PHE A 82 -28.90 -26.89 11.61
N PHE A 83 -28.74 -25.58 11.67
CA PHE A 83 -28.76 -24.80 12.89
C PHE A 83 -29.97 -23.87 12.84
N VAL A 84 -30.86 -23.90 13.82
CA VAL A 84 -32.04 -23.03 13.89
C VAL A 84 -31.77 -21.99 14.96
N ILE A 85 -31.91 -20.73 14.58
CA ILE A 85 -31.28 -19.62 15.27
C ILE A 85 -32.25 -18.45 15.29
N GLU A 86 -32.05 -17.49 16.18
CA GLU A 86 -32.88 -16.29 16.24
C GLU A 86 -33.01 -15.66 14.84
N TYR A 87 -34.24 -15.43 14.35
CA TYR A 87 -34.44 -14.70 13.11
C TYR A 87 -34.09 -13.24 13.34
N VAL A 88 -33.16 -12.67 12.59
CA VAL A 88 -32.92 -11.23 12.66
C VAL A 88 -33.90 -10.49 11.75
N ASN A 89 -34.69 -9.60 12.33
CA ASN A 89 -35.79 -8.92 11.64
C ASN A 89 -35.33 -7.74 10.75
N GLY A 90 -34.08 -7.26 10.90
CA GLY A 90 -33.60 -6.01 10.31
C GLY A 90 -32.53 -6.15 9.22
N GLY A 91 -32.22 -7.37 8.78
CA GLY A 91 -31.16 -7.61 7.80
C GLY A 91 -29.76 -7.51 8.40
N ASP A 92 -28.73 -7.65 7.57
CA ASP A 92 -27.35 -7.40 8.00
C ASP A 92 -26.99 -5.93 7.90
N LEU A 93 -25.89 -5.54 8.54
CA LEU A 93 -25.43 -4.17 8.54
C LEU A 93 -24.92 -3.75 7.16
N MET A 94 -24.36 -4.67 6.37
CA MET A 94 -23.97 -4.37 5.00
C MET A 94 -25.14 -3.85 4.16
N PHE A 95 -26.31 -4.48 4.14
CA PHE A 95 -27.44 -3.93 3.38
C PHE A 95 -27.85 -2.55 3.88
N HIS A 96 -27.83 -2.31 5.19
CA HIS A 96 -28.10 -1.00 5.76
C HIS A 96 -27.07 0.03 5.26
N MET A 97 -25.79 -0.34 5.13
CA MET A 97 -24.78 0.50 4.51
C MET A 97 -25.01 0.74 3.03
N GLN A 98 -25.58 -0.19 2.27
CA GLN A 98 -25.94 0.09 0.87
C GLN A 98 -27.01 1.16 0.77
N ARG A 99 -28.02 1.09 1.63
CA ARG A 99 -29.13 2.04 1.62
C ARG A 99 -28.70 3.42 2.09
N GLN A 100 -28.03 3.50 3.24
CA GLN A 100 -27.52 4.74 3.83
C GLN A 100 -26.25 5.35 3.19
N ARG A 101 -25.33 4.52 2.70
CA ARG A 101 -23.93 4.82 2.31
C ARG A 101 -23.02 5.35 3.41
N LYS A 102 -23.39 6.41 4.10
CA LYS A 102 -22.57 7.08 5.11
C LYS A 102 -23.37 7.21 6.40
N LEU A 103 -22.81 6.83 7.55
CA LEU A 103 -23.46 7.08 8.84
C LEU A 103 -22.91 8.37 9.46
N PRO A 104 -23.75 9.28 9.97
CA PRO A 104 -23.30 10.39 10.81
C PRO A 104 -22.71 9.85 12.13
N GLU A 105 -21.86 10.62 12.81
CA GLU A 105 -21.11 10.12 13.97
C GLU A 105 -22.02 9.62 15.11
N GLU A 106 -23.21 10.19 15.28
CA GLU A 106 -24.14 9.75 16.31
C GLU A 106 -24.68 8.34 16.07
N HIS A 107 -24.87 7.96 14.81
CA HIS A 107 -25.25 6.61 14.43
C HIS A 107 -24.07 5.63 14.53
N ALA A 108 -22.90 5.99 14.00
CA ALA A 108 -21.77 5.08 13.97
C ALA A 108 -21.21 4.74 15.35
N ARG A 109 -21.20 5.70 16.29
CA ARG A 109 -20.75 5.50 17.67
C ARG A 109 -21.52 4.41 18.40
N PHE A 110 -22.84 4.39 18.21
CA PHE A 110 -23.72 3.43 18.84
C PHE A 110 -23.40 2.00 18.40
N TYR A 111 -23.30 1.76 17.09
CA TYR A 111 -23.02 0.43 16.58
C TYR A 111 -21.64 -0.06 17.00
N SER A 112 -20.60 0.78 16.98
CA SER A 112 -19.27 0.31 17.36
C SER A 112 -19.17 -0.05 18.83
N ALA A 113 -19.84 0.69 19.71
CA ALA A 113 -19.87 0.40 21.13
C ALA A 113 -20.59 -0.92 21.43
N GLU A 114 -21.78 -1.14 20.87
CA GLU A 114 -22.45 -2.44 21.02
C GLU A 114 -21.62 -3.60 20.47
N ILE A 115 -20.96 -3.43 19.32
CA ILE A 115 -20.08 -4.46 18.78
C ILE A 115 -18.87 -4.67 19.70
N SER A 116 -18.37 -3.64 20.38
CA SER A 116 -17.31 -3.79 21.37
C SER A 116 -17.73 -4.63 22.57
N LEU A 117 -18.97 -4.49 23.06
CA LEU A 117 -19.47 -5.32 24.15
C LEU A 117 -19.59 -6.78 23.71
N ALA A 118 -20.16 -7.03 22.54
CA ALA A 118 -20.22 -8.37 21.98
C ALA A 118 -18.82 -9.00 21.85
N LEU A 119 -17.87 -8.27 21.26
CA LEU A 119 -16.51 -8.75 21.10
C LEU A 119 -15.87 -9.07 22.44
N ASN A 120 -15.99 -8.18 23.42
CA ASN A 120 -15.39 -8.42 24.72
C ASN A 120 -15.96 -9.65 25.41
N TYR A 121 -17.25 -9.96 25.24
CA TYR A 121 -17.85 -11.14 25.82
C TYR A 121 -17.21 -12.42 25.32
N LEU A 122 -17.01 -12.56 24.00
CA LEU A 122 -16.29 -13.71 23.48
C LEU A 122 -14.87 -13.78 24.07
N HIS A 123 -14.12 -12.68 24.07
CA HIS A 123 -12.72 -12.68 24.51
C HIS A 123 -12.60 -13.10 25.96
N GLU A 124 -13.46 -12.57 26.81
CA GLU A 124 -13.47 -12.79 28.24
C GLU A 124 -13.84 -14.23 28.59
N ARG A 125 -14.77 -14.83 27.85
CA ARG A 125 -15.15 -16.24 27.99
C ARG A 125 -14.10 -17.22 27.45
N GLY A 126 -13.34 -16.83 26.44
CA GLY A 126 -12.24 -17.64 25.89
C GLY A 126 -12.36 -17.93 24.40
N ILE A 127 -13.12 -17.11 23.67
CA ILE A 127 -13.35 -17.22 22.25
C ILE A 127 -12.73 -16.03 21.53
N ILE A 128 -11.96 -16.24 20.46
CA ILE A 128 -11.62 -15.16 19.51
C ILE A 128 -12.55 -15.30 18.32
N TYR A 129 -13.33 -14.27 17.99
CA TYR A 129 -14.38 -14.35 16.98
C TYR A 129 -13.84 -14.49 15.56
N ARG A 130 -12.62 -14.01 15.28
CA ARG A 130 -11.81 -14.36 14.09
C ARG A 130 -12.37 -13.91 12.73
N ASP A 131 -13.64 -13.57 12.59
CA ASP A 131 -14.25 -13.21 11.31
C ASP A 131 -15.34 -12.13 11.44
N LEU A 132 -15.09 -11.07 12.22
CA LEU A 132 -15.96 -9.88 12.19
C LEU A 132 -15.97 -9.32 10.77
N LYS A 133 -17.17 -8.97 10.29
CA LYS A 133 -17.48 -8.67 8.89
C LYS A 133 -18.73 -7.82 8.84
N LEU A 134 -18.86 -6.92 7.88
CA LEU A 134 -20.00 -5.99 7.85
C LEU A 134 -21.36 -6.67 7.60
N ASP A 135 -21.36 -7.94 7.22
CA ASP A 135 -22.56 -8.75 7.01
C ASP A 135 -22.75 -9.87 8.05
N ASN A 136 -21.73 -10.13 8.89
CA ASN A 136 -21.84 -10.91 10.11
C ASN A 136 -22.54 -10.13 11.22
N VAL A 137 -22.41 -8.81 11.18
CA VAL A 137 -23.17 -7.93 12.04
C VAL A 137 -24.57 -7.80 11.47
N LEU A 138 -25.57 -7.96 12.32
CA LEU A 138 -26.99 -7.98 12.01
C LEU A 138 -27.76 -7.00 12.86
N LEU A 139 -28.99 -6.63 12.47
CA LEU A 139 -29.89 -5.80 13.27
C LEU A 139 -31.16 -6.55 13.71
N ASP A 140 -31.53 -6.43 14.98
CA ASP A 140 -32.90 -6.71 15.46
C ASP A 140 -33.94 -5.74 14.89
N SER A 141 -35.24 -6.01 15.08
CA SER A 141 -36.35 -5.09 14.78
C SER A 141 -36.26 -3.73 15.49
N GLU A 142 -35.66 -3.70 16.68
CA GLU A 142 -35.35 -2.47 17.42
C GLU A 142 -33.98 -1.88 17.08
N GLY A 143 -33.17 -2.56 16.24
CA GLY A 143 -31.89 -2.05 15.75
C GLY A 143 -30.63 -2.45 16.52
N HIS A 144 -30.74 -3.07 17.71
CA HIS A 144 -29.56 -3.57 18.42
C HIS A 144 -28.79 -4.58 17.58
N ILE A 145 -27.46 -4.52 17.61
CA ILE A 145 -26.69 -5.44 16.78
C ILE A 145 -26.78 -6.86 17.28
N LYS A 146 -26.66 -7.83 16.37
CA LYS A 146 -26.22 -9.17 16.72
C LYS A 146 -25.01 -9.53 15.90
N LEU A 147 -24.07 -10.28 16.46
CA LEU A 147 -22.88 -10.78 15.76
C LEU A 147 -23.05 -12.27 15.57
N THR A 148 -22.92 -12.80 14.33
CA THR A 148 -23.68 -14.03 14.02
C THR A 148 -23.13 -15.16 13.16
N ASP A 149 -21.90 -15.18 12.66
CA ASP A 149 -21.33 -16.44 12.18
C ASP A 149 -20.15 -16.88 13.03
N TYR A 150 -20.31 -18.01 13.72
CA TYR A 150 -19.33 -18.51 14.67
C TYR A 150 -18.38 -19.58 14.10
N GLY A 151 -18.33 -19.78 12.78
CA GLY A 151 -17.56 -20.86 12.16
C GLY A 151 -16.07 -20.88 12.48
N MET A 152 -15.35 -19.78 12.24
CA MET A 152 -13.88 -19.73 12.36
C MET A 152 -13.34 -19.33 13.75
N CYS A 153 -14.14 -19.27 14.80
CA CYS A 153 -13.67 -18.80 16.10
C CYS A 153 -12.57 -19.69 16.71
N LYS A 154 -11.64 -19.12 17.48
CA LYS A 154 -10.71 -19.86 18.34
C LYS A 154 -11.37 -20.14 19.66
N GLU A 155 -11.67 -21.39 19.95
CA GLU A 155 -12.26 -21.87 21.22
C GLU A 155 -11.21 -22.05 22.34
N GLY A 156 -11.61 -21.83 23.59
CA GLY A 156 -10.83 -22.19 24.78
C GLY A 156 -9.54 -21.39 25.04
N LEU A 157 -9.41 -20.18 24.49
CA LEU A 157 -8.24 -19.32 24.72
C LEU A 157 -8.14 -18.88 26.19
N ARG A 158 -7.03 -19.21 26.87
CA ARG A 158 -6.74 -18.68 28.21
C ARG A 158 -6.35 -17.19 28.12
N PRO A 159 -6.78 -16.31 29.05
CA PRO A 159 -6.44 -14.89 29.00
C PRO A 159 -4.93 -14.64 28.92
N GLY A 160 -4.49 -13.96 27.85
CA GLY A 160 -3.08 -13.68 27.56
C GLY A 160 -2.37 -14.75 26.68
N ASP A 161 -3.01 -15.87 26.35
CA ASP A 161 -2.48 -16.83 25.36
C ASP A 161 -2.81 -16.44 23.89
N THR A 162 -2.37 -17.27 22.93
CA THR A 162 -2.32 -16.96 21.48
C THR A 162 -2.66 -18.16 20.59
N THR A 163 -2.84 -17.92 19.28
CA THR A 163 -3.12 -18.89 18.20
C THR A 163 -2.21 -18.66 16.99
N SER A 164 -2.15 -19.61 16.05
CA SER A 164 -1.23 -19.55 14.89
C SER A 164 -1.89 -19.87 13.54
N PHE A 166 -3.97 -19.45 10.15
CA PHE A 166 -4.37 -18.38 9.25
C PHE A 166 -5.88 -18.41 8.99
N CYS A 167 -6.63 -17.34 9.28
CA CYS A 167 -8.10 -17.34 9.25
C CYS A 167 -8.69 -15.94 9.03
N GLY A 168 -9.96 -15.89 8.61
CA GLY A 168 -10.76 -14.66 8.47
C GLY A 168 -10.91 -14.15 7.03
N THR A 169 -11.89 -13.28 6.81
CA THR A 169 -12.19 -12.66 5.51
C THR A 169 -11.13 -11.64 5.07
N PRO A 170 -10.64 -11.65 3.81
CA PRO A 170 -9.45 -10.89 3.41
C PRO A 170 -9.44 -9.39 3.69
N ASN A 171 -10.57 -8.68 3.55
CA ASN A 171 -10.65 -7.25 3.86
C ASN A 171 -10.41 -6.93 5.35
N TYR A 172 -10.54 -7.91 6.25
CA TYR A 172 -10.51 -7.72 7.70
C TYR A 172 -9.41 -8.52 8.43
N ILE A 173 -8.59 -9.34 7.76
CA ILE A 173 -7.47 -10.03 8.42
C ILE A 173 -6.52 -8.99 9.05
N ALA A 174 -6.06 -9.23 10.30
CA ALA A 174 -5.13 -8.35 11.02
C ALA A 174 -3.65 -8.65 10.70
N PRO A 175 -2.76 -7.64 10.63
CA PRO A 175 -1.40 -7.78 10.12
C PRO A 175 -0.60 -8.92 10.74
N GLU A 176 -0.72 -9.14 12.04
CA GLU A 176 0.03 -10.17 12.74
C GLU A 176 -0.26 -11.58 12.22
N ILE A 177 -1.44 -11.80 11.62
CA ILE A 177 -1.79 -13.05 10.96
C ILE A 177 -0.99 -13.22 9.65
N LEU A 178 -0.87 -12.16 8.85
CA LEU A 178 -0.21 -12.20 7.54
C LEU A 178 1.31 -12.30 7.65
N ARG A 179 1.88 -11.69 8.69
CA ARG A 179 3.29 -11.85 9.06
C ARG A 179 3.66 -13.30 9.42
N GLY A 180 2.71 -14.07 9.95
CA GLY A 180 2.95 -15.38 10.53
C GLY A 180 3.25 -15.35 12.04
N GLU A 181 2.94 -14.24 12.74
CA GLU A 181 3.06 -14.17 14.20
C GLU A 181 2.03 -15.07 14.90
N ASP A 182 2.30 -15.45 16.14
CA ASP A 182 1.24 -15.91 17.05
C ASP A 182 0.44 -14.71 17.56
N TYR A 183 -0.88 -14.83 17.65
CA TYR A 183 -1.77 -13.68 17.86
C TYR A 183 -2.84 -13.96 18.92
N GLY A 184 -3.21 -12.92 19.67
CA GLY A 184 -4.32 -12.95 20.62
C GLY A 184 -5.57 -12.28 20.08
N PHE A 185 -6.51 -11.89 20.94
CA PHE A 185 -7.74 -11.20 20.54
C PHE A 185 -7.55 -9.75 20.06
N SER A 186 -6.30 -9.27 19.92
CA SER A 186 -5.97 -8.03 19.21
C SER A 186 -6.52 -7.99 17.79
N VAL A 187 -6.63 -9.15 17.14
CA VAL A 187 -7.13 -9.27 15.77
C VAL A 187 -8.61 -8.87 15.66
N ASP A 188 -9.41 -9.09 16.69
CA ASP A 188 -10.83 -8.69 16.65
C ASP A 188 -11.00 -7.18 16.78
N TRP A 189 -10.12 -6.51 17.52
CA TRP A 189 -10.09 -5.05 17.61
C TRP A 189 -9.58 -4.41 16.32
N TRP A 190 -8.65 -5.05 15.60
CA TRP A 190 -8.29 -4.62 14.25
C TRP A 190 -9.51 -4.63 13.31
N ALA A 191 -10.23 -5.74 13.27
CA ALA A 191 -11.44 -5.88 12.46
C ALA A 191 -12.56 -4.90 12.86
N LEU A 192 -12.68 -4.53 14.13
CA LEU A 192 -13.58 -3.44 14.51
C LEU A 192 -13.13 -2.10 13.93
N GLY A 193 -11.84 -1.76 13.96
CA GLY A 193 -11.36 -0.52 13.35
C GLY A 193 -11.71 -0.41 11.86
N VAL A 194 -11.52 -1.49 11.10
CA VAL A 194 -11.93 -1.55 9.69
C VAL A 194 -13.42 -1.28 9.55
N LEU A 195 -14.25 -1.98 10.32
CA LEU A 195 -15.69 -1.87 10.21
C LEU A 195 -16.20 -0.47 10.60
N MET A 196 -15.59 0.18 11.58
CA MET A 196 -15.94 1.55 11.95
C MET A 196 -15.62 2.54 10.84
N PHE A 197 -14.52 2.36 10.13
CA PHE A 197 -14.19 3.17 8.98
C PHE A 197 -15.25 2.97 7.89
N GLU A 198 -15.58 1.72 7.59
CA GLU A 198 -16.60 1.41 6.59
C GLU A 198 -17.96 2.02 6.92
N MET A 199 -18.36 2.10 8.18
CA MET A 199 -19.59 2.82 8.57
C MET A 199 -19.49 4.32 8.36
N MET A 200 -18.43 4.95 8.88
CA MET A 200 -18.28 6.41 8.86
C MET A 200 -17.92 7.01 7.50
N ALA A 201 -17.04 6.37 6.74
CA ALA A 201 -16.65 6.82 5.40
C ALA A 201 -17.63 6.34 4.32
N GLY A 202 -18.08 5.09 4.40
CA GLY A 202 -18.86 4.41 3.38
C GLY A 202 -18.05 3.58 2.39
N ARG A 203 -16.75 3.39 2.64
CA ARG A 203 -15.76 2.72 1.79
C ARG A 203 -14.76 1.98 2.66
N SER A 204 -14.13 0.90 2.19
CA SER A 204 -13.08 0.24 2.97
C SER A 204 -11.82 1.12 3.05
N PRO A 205 -11.16 1.24 4.22
CA PRO A 205 -9.87 1.89 4.28
C PRO A 205 -8.84 1.08 3.46
N PHE A 206 -8.95 -0.24 3.53
CA PHE A 206 -8.20 -1.20 2.72
C PHE A 206 -8.97 -1.54 1.45
N ASP A 207 -9.57 -0.55 0.80
CA ASP A 207 -10.11 -0.73 -0.53
C ASP A 207 -9.01 -1.18 -1.51
N ILE A 208 -9.42 -1.70 -2.67
CA ILE A 208 -8.52 -1.64 -3.82
C ILE A 208 -8.23 -0.16 -4.11
N VAL A 209 -6.95 0.23 -3.98
CA VAL A 209 -6.51 1.63 -3.93
C VAL A 209 -7.00 2.47 -5.11
N GLY A 210 -7.22 3.77 -4.90
CA GLY A 210 -7.79 4.72 -5.86
C GLY A 210 -6.99 5.03 -7.14
N SER A 211 -6.02 4.22 -7.52
CA SER A 211 -5.41 4.24 -8.86
C SER A 211 -6.37 3.66 -9.93
N SER A 212 -6.07 3.88 -11.21
CA SER A 212 -6.89 3.37 -12.32
C SER A 212 -6.82 1.83 -12.47
N ASP A 213 -7.84 1.25 -13.11
CA ASP A 213 -8.12 -0.19 -13.13
C ASP A 213 -7.03 -1.05 -13.78
N ASN A 214 -6.74 -2.21 -13.19
CA ASN A 214 -5.88 -3.26 -13.74
C ASN A 214 -6.37 -4.64 -13.27
N PRO A 215 -6.17 -5.72 -14.05
CA PRO A 215 -6.27 -7.08 -13.53
C PRO A 215 -5.11 -7.37 -12.57
N ASP A 216 -5.26 -8.38 -11.72
CA ASP A 216 -4.48 -8.52 -10.48
C ASP A 216 -4.61 -7.31 -9.54
N GLN A 217 -5.79 -6.71 -9.50
CA GLN A 217 -6.26 -5.82 -8.43
C GLN A 217 -7.24 -6.56 -7.52
N ASN A 218 -8.24 -7.22 -8.08
CA ASN A 218 -9.09 -8.19 -7.36
C ASN A 218 -8.39 -9.55 -7.15
N THR A 219 -7.25 -9.51 -6.46
CA THR A 219 -6.58 -10.68 -5.88
C THR A 219 -6.20 -10.36 -4.45
N GLU A 220 -6.26 -11.36 -3.57
CA GLU A 220 -5.85 -11.12 -2.19
C GLU A 220 -4.33 -10.92 -2.06
N ASP A 221 -3.51 -11.37 -3.00
CA ASP A 221 -2.07 -11.01 -3.04
C ASP A 221 -1.84 -9.50 -3.13
N TYR A 222 -2.75 -8.77 -3.76
CA TYR A 222 -2.69 -7.31 -3.83
C TYR A 222 -3.19 -6.71 -2.51
N LEU A 223 -4.36 -7.13 -2.05
CA LEU A 223 -4.97 -6.60 -0.84
C LEU A 223 -4.11 -6.83 0.40
N PHE A 224 -3.51 -8.01 0.55
CA PHE A 224 -2.64 -8.33 1.67
C PHE A 224 -1.39 -7.45 1.73
N GLN A 225 -0.84 -7.08 0.57
CA GLN A 225 0.24 -6.11 0.50
C GLN A 225 -0.22 -4.69 0.76
N VAL A 226 -1.39 -4.31 0.26
CA VAL A 226 -2.01 -3.01 0.60
C VAL A 226 -2.21 -2.88 2.10
N ILE A 227 -2.69 -3.90 2.81
CA ILE A 227 -2.94 -3.75 4.25
C ILE A 227 -1.64 -3.77 5.06
N LEU A 228 -0.65 -4.60 4.67
CA LEU A 228 0.65 -4.64 5.32
C LEU A 228 1.43 -3.35 5.12
N GLU A 229 1.71 -2.97 3.88
CA GLU A 229 2.76 -2.00 3.57
C GLU A 229 2.28 -0.55 3.43
N LYS A 230 1.05 -0.32 2.97
CA LYS A 230 0.55 1.04 2.72
C LYS A 230 0.15 1.75 4.01
N GLN A 231 0.36 3.06 4.07
CA GLN A 231 -0.23 3.92 5.11
C GLN A 231 -1.76 3.93 4.97
N ILE A 232 -2.48 4.39 6.01
CA ILE A 232 -3.94 4.55 5.97
C ILE A 232 -4.30 5.98 6.36
N ARG A 233 -5.26 6.58 5.65
CA ARG A 233 -5.65 7.99 5.82
C ARG A 233 -7.13 8.13 6.09
N ILE A 234 -7.45 8.97 7.06
CA ILE A 234 -8.81 9.23 7.50
C ILE A 234 -9.41 10.37 6.66
N PRO A 235 -10.69 10.35 6.27
CA PRO A 235 -11.31 11.47 5.59
C PRO A 235 -11.24 12.74 6.43
N ARG A 236 -10.74 13.86 5.90
CA ARG A 236 -10.52 15.07 6.71
C ARG A 236 -11.81 15.68 7.27
N SER A 237 -12.97 15.30 6.73
CA SER A 237 -14.29 15.71 7.23
C SER A 237 -14.68 15.07 8.57
N LEU A 238 -14.07 13.95 8.99
CA LEU A 238 -14.43 13.28 10.24
C LEU A 238 -14.06 14.13 11.47
N SER A 239 -14.89 14.10 12.50
CA SER A 239 -14.61 14.72 13.80
C SER A 239 -13.32 14.17 14.39
N VAL A 240 -12.55 14.99 15.12
CA VAL A 240 -11.20 14.62 15.58
C VAL A 240 -11.21 13.39 16.49
N LYS A 241 -12.25 13.24 17.31
CA LYS A 241 -12.46 12.07 18.17
C LYS A 241 -12.68 10.78 17.38
N ALA A 242 -13.42 10.85 16.28
CA ALA A 242 -13.67 9.70 15.40
C ALA A 242 -12.39 9.27 14.66
N ALA A 243 -11.62 10.24 14.18
CA ALA A 243 -10.32 10.01 13.58
C ALA A 243 -9.38 9.28 14.56
N SER A 244 -9.31 9.73 15.82
CA SER A 244 -8.47 9.09 16.83
C SER A 244 -8.87 7.65 17.14
N VAL A 245 -10.16 7.32 17.17
CA VAL A 245 -10.55 5.91 17.34
C VAL A 245 -10.03 5.06 16.19
N LEU A 246 -10.28 5.49 14.95
CA LEU A 246 -9.88 4.75 13.77
C LEU A 246 -8.37 4.57 13.75
N LYS A 247 -7.58 5.62 13.94
CA LYS A 247 -6.11 5.53 14.02
C LYS A 247 -5.67 4.53 15.08
N SER A 248 -6.24 4.62 16.28
CA SER A 248 -5.81 3.82 17.42
C SER A 248 -6.11 2.33 17.26
N PHE A 249 -7.23 1.93 16.66
CA PHE A 249 -7.45 0.52 16.26
C PHE A 249 -6.63 0.12 15.04
N LEU A 250 -6.42 1.03 14.10
CA LEU A 250 -5.68 0.83 12.85
C LEU A 250 -4.16 0.69 13.00
N ASN A 251 -3.55 1.13 14.11
CA ASN A 251 -2.16 0.78 14.42
C ASN A 251 -1.78 -0.66 14.00
N LYS A 252 -0.75 -0.79 13.17
CA LYS A 252 -0.26 -2.06 12.64
C LYS A 252 0.43 -2.93 13.69
N ASP A 253 0.80 -2.37 14.83
CA ASP A 253 1.46 -3.06 15.94
C ASP A 253 0.42 -3.39 17.02
N PRO A 254 0.13 -4.67 17.30
CA PRO A 254 -0.94 -5.04 18.22
C PRO A 254 -0.74 -4.48 19.63
N LYS A 255 0.50 -4.31 20.09
CA LYS A 255 0.79 -3.75 21.41
C LYS A 255 0.37 -2.28 21.54
N GLU A 256 0.46 -1.52 20.46
CA GLU A 256 0.04 -0.12 20.39
C GLU A 256 -1.47 0.10 20.37
N ARG A 257 -2.25 -0.84 19.79
CA ARG A 257 -3.69 -0.65 19.51
C ARG A 257 -4.52 -0.32 20.74
N LEU A 258 -5.53 0.54 20.56
CA LEU A 258 -6.57 0.74 21.56
C LEU A 258 -7.27 -0.60 21.86
N GLY A 259 -7.41 -0.96 23.13
CA GLY A 259 -8.09 -2.19 23.56
C GLY A 259 -7.24 -3.46 23.60
N CYS A 260 -5.98 -3.45 23.17
CA CYS A 260 -5.16 -4.67 23.07
C CYS A 260 -4.25 -4.96 24.28
N HIS A 261 -4.26 -4.12 25.31
CA HIS A 261 -3.53 -4.37 26.56
C HIS A 261 -4.11 -5.60 27.29
N PRO A 262 -3.29 -6.56 27.76
CA PRO A 262 -3.76 -7.84 28.28
C PRO A 262 -4.62 -7.76 29.56
N GLN A 263 -4.63 -6.62 30.28
CA GLN A 263 -5.52 -6.39 31.42
C GLN A 263 -6.41 -5.15 31.27
N THR A 264 -5.85 -3.95 31.06
CA THR A 264 -6.63 -2.70 31.11
C THR A 264 -7.29 -2.29 29.78
N GLY A 265 -7.22 -3.12 28.73
CA GLY A 265 -7.58 -2.70 27.38
C GLY A 265 -9.00 -2.16 27.23
N PHE A 266 -10.02 -2.88 27.72
CA PHE A 266 -11.40 -2.41 27.58
C PHE A 266 -11.68 -1.13 28.37
N ALA A 267 -11.04 -0.92 29.52
CA ALA A 267 -11.16 0.34 30.26
C ALA A 267 -10.66 1.55 29.46
N ASP A 268 -9.64 1.39 28.60
CA ASP A 268 -9.23 2.41 27.65
C ASP A 268 -10.31 2.68 26.59
N ILE A 269 -10.94 1.63 26.05
CA ILE A 269 -12.11 1.77 25.16
C ILE A 269 -13.25 2.51 25.88
N GLN A 270 -13.51 2.26 27.17
CA GLN A 270 -14.50 3.05 27.91
C GLN A 270 -14.08 4.52 28.07
N GLY A 271 -12.77 4.79 28.21
CA GLY A 271 -12.24 6.11 28.57
C GLY A 271 -11.90 7.03 27.39
N HIS A 272 -11.73 6.48 26.20
CA HIS A 272 -11.45 7.22 24.97
C HIS A 272 -12.55 8.25 24.67
N PRO A 273 -12.26 9.47 24.17
CA PRO A 273 -13.26 10.54 24.06
C PRO A 273 -14.53 10.18 23.28
N PHE A 274 -14.40 9.49 22.15
CA PHE A 274 -15.55 9.13 21.31
C PHE A 274 -16.54 8.26 22.07
N PHE A 275 -16.02 7.22 22.71
CA PHE A 275 -16.74 6.37 23.62
C PHE A 275 -17.17 7.06 24.93
N ARG A 276 -16.47 8.11 25.42
CA ARG A 276 -16.79 8.74 26.72
C ARG A 276 -18.24 9.17 26.83
N ASN A 277 -18.87 9.54 25.72
CA ASN A 277 -20.30 9.84 25.70
C ASN A 277 -21.23 8.69 26.20
N VAL A 278 -20.89 7.40 26.02
CA VAL A 278 -21.84 6.27 26.13
C VAL A 278 -21.71 5.42 27.41
N ASP A 279 -22.87 5.11 28.01
CA ASP A 279 -23.03 4.37 29.26
C ASP A 279 -23.04 2.85 29.06
N TRP A 280 -21.92 2.16 29.32
CA TRP A 280 -21.78 0.72 29.06
C TRP A 280 -22.77 -0.18 29.80
N ASP A 281 -23.21 0.19 31.00
CA ASP A 281 -24.23 -0.57 31.74
C ASP A 281 -25.61 -0.47 31.07
N MET A 282 -26.06 0.75 30.76
CA MET A 282 -27.31 1.01 30.05
C MET A 282 -27.31 0.45 28.63
N MET A 283 -26.14 0.37 28.01
CA MET A 283 -25.91 -0.23 26.71
C MET A 283 -26.02 -1.75 26.70
N GLU A 284 -25.67 -2.47 27.77
CA GLU A 284 -26.07 -3.88 27.84
C GLU A 284 -27.56 -4.05 28.09
N GLN A 285 -28.17 -3.18 28.88
CA GLN A 285 -29.61 -3.17 29.11
C GLN A 285 -30.43 -2.75 27.88
N LYS A 286 -31.76 -2.83 28.01
CA LYS A 286 -32.78 -2.31 27.07
C LYS A 286 -32.76 -0.77 26.88
N GLN A 287 -32.07 -0.07 27.76
CA GLN A 287 -32.37 1.32 28.14
C GLN A 287 -31.81 2.39 27.19
N VAL A 288 -30.68 2.13 26.54
CA VAL A 288 -30.18 2.98 25.43
C VAL A 288 -31.16 2.95 24.26
N VAL A 289 -31.34 4.05 23.53
CA VAL A 289 -32.25 4.12 22.38
C VAL A 289 -31.47 4.06 21.06
N PRO A 290 -31.64 3.02 20.22
CA PRO A 290 -31.02 2.98 18.91
C PRO A 290 -31.56 4.09 18.00
N PRO A 291 -30.76 4.61 17.05
CA PRO A 291 -31.12 5.78 16.24
C PRO A 291 -32.00 5.44 15.02
N PHE A 292 -31.99 4.20 14.55
CA PHE A 292 -32.67 3.72 13.34
C PHE A 292 -33.43 2.42 13.61
N LYS A 293 -34.68 2.30 13.14
CA LYS A 293 -35.52 1.11 13.30
C LYS A 293 -35.82 0.49 11.94
N PRO A 294 -35.35 -0.74 11.64
CA PRO A 294 -35.48 -1.34 10.31
C PRO A 294 -36.93 -1.75 9.95
N ASN A 295 -37.11 -2.26 8.73
CA ASN A 295 -38.39 -2.31 8.02
C ASN A 295 -39.48 -3.12 8.73
N ILE A 296 -40.74 -2.72 8.53
CA ILE A 296 -41.94 -3.45 8.96
C ILE A 296 -42.84 -3.87 7.77
N SER A 297 -42.34 -3.72 6.53
CA SER A 297 -43.03 -4.16 5.31
C SER A 297 -42.95 -5.67 5.09
N GLY A 298 -43.74 -6.20 4.15
CA GLY A 298 -43.86 -7.63 3.85
C GLY A 298 -44.48 -8.43 4.99
N GLU A 299 -44.63 -9.74 4.82
CA GLU A 299 -45.15 -10.60 5.90
C GLU A 299 -44.18 -10.69 7.09
N PHE A 300 -42.86 -10.66 6.82
CA PHE A 300 -41.82 -10.87 7.83
C PHE A 300 -40.54 -10.04 7.60
N GLY A 301 -40.58 -8.93 6.86
CA GLY A 301 -39.38 -8.11 6.61
C GLY A 301 -38.41 -8.68 5.55
N LEU A 302 -38.91 -9.53 4.66
CA LEU A 302 -38.17 -10.24 3.62
C LEU A 302 -37.40 -9.30 2.66
N ASP A 303 -37.91 -8.09 2.47
CA ASP A 303 -37.32 -7.01 1.69
C ASP A 303 -35.93 -6.58 2.18
N ASN A 304 -35.61 -6.70 3.48
CA ASN A 304 -34.29 -6.33 4.00
C ASN A 304 -33.12 -7.07 3.37
N PHE A 305 -33.31 -8.32 2.92
CA PHE A 305 -32.24 -9.12 2.34
C PHE A 305 -31.96 -8.77 0.86
N ASP A 306 -30.82 -9.22 0.35
CA ASP A 306 -30.41 -8.98 -1.04
C ASP A 306 -31.40 -9.59 -2.03
N SER A 307 -31.70 -8.87 -3.11
CA SER A 307 -32.47 -9.37 -4.27
C SER A 307 -31.96 -10.73 -4.76
N GLN A 308 -30.65 -10.97 -4.70
CA GLN A 308 -30.03 -12.25 -5.05
C GLN A 308 -30.57 -13.42 -4.21
N PHE A 309 -30.98 -13.17 -2.97
CA PHE A 309 -31.51 -14.15 -2.03
C PHE A 309 -33.05 -14.07 -1.99
N THR A 310 -33.63 -12.88 -1.83
CA THR A 310 -35.08 -12.69 -1.68
C THR A 310 -35.89 -12.85 -2.98
N ASN A 311 -35.27 -13.38 -4.04
CA ASN A 311 -35.89 -13.93 -5.26
C ASN A 311 -35.37 -15.35 -5.62
N GLU A 312 -34.54 -15.97 -4.79
CA GLU A 312 -34.02 -17.33 -5.01
C GLU A 312 -35.14 -18.39 -4.81
N PRO A 313 -35.11 -19.54 -5.51
CA PRO A 313 -36.03 -20.65 -5.28
C PRO A 313 -35.78 -21.40 -3.96
N VAL A 314 -36.83 -22.00 -3.40
CA VAL A 314 -36.93 -22.36 -1.98
C VAL A 314 -36.37 -23.73 -1.58
N GLN A 315 -36.16 -24.64 -2.53
CA GLN A 315 -35.69 -26.00 -2.25
C GLN A 315 -34.24 -26.03 -1.73
N LEU A 316 -33.83 -27.14 -1.13
CA LEU A 316 -32.49 -27.40 -0.58
C LEU A 316 -31.36 -27.53 -1.63
N PRO A 318 -31.93 -29.41 -5.62
CA PRO A 318 -32.89 -30.51 -5.77
C PRO A 318 -32.46 -31.88 -5.26
N ASP A 319 -31.23 -32.32 -5.56
CA ASP A 319 -30.74 -33.64 -5.12
C ASP A 319 -29.21 -33.75 -5.12
N ASP A 320 -28.69 -34.74 -4.40
CA ASP A 320 -27.31 -35.21 -4.45
C ASP A 320 -27.10 -36.16 -5.66
N ASP A 321 -27.48 -35.77 -6.88
CA ASP A 321 -27.39 -36.69 -8.03
C ASP A 321 -25.94 -37.12 -8.31
N ASP A 322 -25.71 -38.44 -8.36
CA ASP A 322 -24.41 -39.15 -8.27
C ASP A 322 -23.62 -38.92 -6.96
N ILE A 323 -23.67 -37.71 -6.41
CA ILE A 323 -23.08 -37.30 -5.12
C ILE A 323 -23.56 -38.21 -3.97
N VAL A 324 -24.78 -38.72 -4.07
CA VAL A 324 -25.47 -39.64 -3.15
C VAL A 324 -24.67 -40.91 -2.85
N ARG A 325 -23.84 -41.40 -3.77
CA ARG A 325 -22.90 -42.49 -3.45
C ARG A 325 -21.78 -42.05 -2.51
N LYS A 326 -21.25 -40.83 -2.70
CA LYS A 326 -20.15 -40.22 -1.92
C LYS A 326 -20.52 -39.77 -0.51
N ILE A 327 -21.73 -39.23 -0.31
CA ILE A 327 -22.14 -38.51 0.93
C ILE A 327 -21.96 -39.29 2.24
N ASP A 328 -21.82 -38.54 3.34
CA ASP A 328 -21.90 -39.04 4.72
C ASP A 328 -23.34 -39.08 5.22
N GLN A 329 -23.67 -40.08 6.05
CA GLN A 329 -25.01 -40.32 6.59
C GLN A 329 -25.04 -40.57 8.11
N SER A 330 -23.94 -40.29 8.84
CA SER A 330 -23.88 -40.44 10.32
C SER A 330 -22.76 -39.66 11.05
N GLU A 331 -21.65 -39.31 10.41
CA GLU A 331 -20.42 -38.96 11.16
C GLU A 331 -20.53 -37.71 12.04
N PHE A 332 -21.35 -36.73 11.65
CA PHE A 332 -21.51 -35.43 12.33
C PHE A 332 -22.46 -35.45 13.54
N GLU A 333 -23.05 -36.60 13.88
CA GLU A 333 -23.84 -36.84 15.11
C GLU A 333 -23.07 -36.42 16.39
N GLY A 334 -23.79 -36.18 17.48
CA GLY A 334 -23.25 -35.77 18.78
C GLY A 334 -23.14 -34.25 18.96
N PHE A 335 -22.94 -33.53 17.86
CA PHE A 335 -23.30 -32.11 17.70
C PHE A 335 -24.54 -31.96 16.82
N GLU A 336 -25.54 -32.83 17.05
CA GLU A 336 -26.88 -32.74 16.47
C GLU A 336 -27.88 -32.01 17.38
N TYR A 337 -27.62 -31.87 18.68
CA TYR A 337 -28.61 -31.36 19.65
C TYR A 337 -28.08 -30.22 20.52
N ILE A 338 -29.00 -29.44 21.08
CA ILE A 338 -28.72 -28.20 21.82
C ILE A 338 -27.94 -28.49 23.11
N ARG B 1 22.74 -13.52 -35.20
CA ARG B 1 22.79 -12.18 -34.54
C ARG B 1 24.20 -11.65 -34.31
N GLU B 2 25.20 -12.46 -33.94
CA GLU B 2 26.61 -12.05 -33.74
C GLU B 2 26.82 -10.83 -32.82
N LYS B 3 26.06 -10.76 -31.72
CA LYS B 3 26.15 -9.77 -30.63
C LYS B 3 25.89 -8.30 -31.01
N LEU B 4 25.29 -8.03 -32.18
CA LEU B 4 24.89 -6.67 -32.58
C LEU B 4 23.91 -5.98 -31.60
N LYS B 5 23.13 -6.76 -30.84
CA LYS B 5 22.18 -6.29 -29.82
C LYS B 5 22.82 -5.54 -28.65
N GLN B 6 24.05 -5.87 -28.30
CA GLN B 6 24.74 -5.37 -27.12
C GLN B 6 25.08 -3.88 -27.23
N GLU B 7 25.17 -3.34 -28.45
CA GLU B 7 25.27 -1.89 -28.67
C GLU B 7 23.98 -1.14 -28.31
N LEU B 8 22.83 -1.82 -28.25
CA LEU B 8 21.51 -1.23 -28.08
C LEU B 8 21.03 -1.27 -26.62
N PHE B 9 21.00 -2.46 -26.01
CA PHE B 9 20.42 -2.66 -24.67
C PHE B 9 21.25 -3.55 -23.75
N ALA B 10 21.25 -3.20 -22.47
CA ALA B 10 21.74 -3.98 -21.33
C ALA B 10 21.06 -3.45 -20.05
N PHE B 11 20.89 -4.28 -19.01
CA PHE B 11 20.00 -3.96 -17.88
C PHE B 11 20.75 -3.45 -16.67
N ASN B 12 20.26 -2.37 -16.08
CA ASN B 12 20.78 -1.73 -14.88
C ASN B 12 19.65 -1.23 -13.99
N LYS B 13 19.90 -1.18 -12.68
CA LYS B 13 19.15 -0.38 -11.72
C LYS B 13 19.91 0.91 -11.42
N THR B 14 19.18 1.95 -11.04
CA THR B 14 19.71 3.19 -10.49
C THR B 14 19.22 3.34 -9.04
N VAL B 15 19.92 4.15 -8.23
CA VAL B 15 19.52 4.47 -6.86
C VAL B 15 18.12 5.12 -6.80
N GLU B 16 17.38 4.83 -5.74
CA GLU B 16 16.01 5.30 -5.54
C GLU B 16 15.89 6.82 -5.34
N HIS B 17 14.65 7.31 -5.33
CA HIS B 17 14.29 8.71 -5.09
C HIS B 17 13.22 8.79 -4.00
N GLY B 18 13.10 9.96 -3.37
CA GLY B 18 12.14 10.22 -2.31
C GLY B 18 12.54 9.68 -0.94
N PHE B 19 11.76 10.05 0.08
CA PHE B 19 12.04 9.74 1.47
C PHE B 19 12.09 8.22 1.74
N PRO B 20 12.96 7.68 2.63
CA PRO B 20 13.10 6.25 2.82
C PRO B 20 11.88 5.64 3.53
N ASN B 21 11.52 4.40 3.19
CA ASN B 21 10.44 3.71 3.88
C ASN B 21 10.85 3.22 5.28
N GLN B 22 9.95 3.24 6.25
CA GLN B 22 10.18 2.70 7.61
C GLN B 22 11.50 3.16 8.26
N PRO B 23 11.76 4.46 8.39
CA PRO B 23 12.96 4.99 9.02
C PRO B 23 13.01 4.57 10.49
N SER B 24 14.21 4.47 11.05
CA SER B 24 14.40 3.75 12.32
C SER B 24 15.59 4.25 13.13
N ALA B 25 16.65 4.69 12.46
CA ALA B 25 17.86 5.21 13.08
C ALA B 25 18.32 6.45 12.34
N LEU B 26 19.18 7.24 12.97
CA LEU B 26 19.76 8.44 12.39
C LEU B 26 21.18 8.63 12.92
N ALA B 27 22.04 9.28 12.16
CA ALA B 27 23.27 9.88 12.64
C ALA B 27 23.56 11.19 11.90
N PHE B 28 24.39 12.02 12.49
CA PHE B 28 24.93 13.24 11.90
C PHE B 28 26.36 13.41 12.38
N ASP B 29 27.23 13.96 11.54
CA ASP B 29 28.64 14.16 11.83
C ASP B 29 29.00 15.61 11.55
N PRO B 30 29.27 16.45 12.56
CA PRO B 30 29.57 17.86 12.33
C PRO B 30 30.90 18.13 11.61
N GLU B 31 31.80 17.15 11.53
CA GLU B 31 33.16 17.35 11.02
C GLU B 31 33.27 16.94 9.53
N LEU B 32 32.62 15.85 9.11
CA LEU B 32 32.36 15.60 7.68
C LEU B 32 31.16 16.39 7.15
N ARG B 33 30.26 16.84 8.04
CA ARG B 33 28.97 17.51 7.77
C ARG B 33 28.00 16.68 6.95
N ILE B 34 27.89 15.40 7.25
CA ILE B 34 27.01 14.42 6.58
C ILE B 34 26.01 13.77 7.54
N MET B 35 24.86 13.36 7.03
CA MET B 35 23.78 12.70 7.76
C MET B 35 23.54 11.29 7.21
N ALA B 36 23.23 10.33 8.06
CA ALA B 36 22.84 8.98 7.66
C ALA B 36 21.50 8.56 8.27
N ILE B 37 20.73 7.75 7.55
CA ILE B 37 19.45 7.22 8.01
C ILE B 37 19.46 5.71 7.91
N GLY B 38 19.12 5.05 9.00
CA GLY B 38 18.91 3.61 9.06
C GLY B 38 17.42 3.29 9.06
N THR B 39 17.05 2.09 8.63
CA THR B 39 15.67 1.77 8.25
C THR B 39 15.32 0.34 8.61
N ARG B 40 14.06 0.04 8.93
CA ARG B 40 13.61 -1.32 9.33
C ARG B 40 13.87 -2.40 8.27
N SER B 41 13.97 -2.04 7.00
CA SER B 41 14.39 -2.93 5.91
C SER B 41 15.89 -3.31 5.91
N GLY B 42 16.70 -2.77 6.83
CA GLY B 42 18.15 -3.00 6.89
C GLY B 42 19.01 -2.08 6.01
N ALA B 43 18.43 -1.01 5.46
CA ALA B 43 19.13 -0.03 4.64
C ALA B 43 19.83 1.03 5.50
N VAL B 44 20.94 1.58 5.00
CA VAL B 44 21.79 2.58 5.67
C VAL B 44 22.15 3.65 4.64
N LYS B 45 21.26 4.60 4.38
CA LYS B 45 21.46 5.61 3.35
C LYS B 45 22.18 6.83 3.92
N ILE B 46 22.87 7.60 3.11
CA ILE B 46 23.65 8.77 3.56
C ILE B 46 23.38 9.96 2.63
N TYR B 47 23.18 11.15 3.20
CA TYR B 47 22.60 12.31 2.51
C TYR B 47 23.37 13.60 2.77
N GLY B 48 24.65 13.60 2.39
CA GLY B 48 25.58 14.64 2.82
C GLY B 48 25.39 16.03 2.21
N ALA B 49 24.90 16.13 0.98
CA ALA B 49 24.84 17.41 0.27
C ALA B 49 23.93 17.31 -0.96
N PRO B 50 23.52 18.43 -1.59
CA PRO B 50 22.76 18.40 -2.82
C PRO B 50 23.41 17.51 -3.89
N GLY B 51 22.64 16.57 -4.44
CA GLY B 51 23.13 15.62 -5.45
C GLY B 51 24.09 14.55 -4.93
N VAL B 52 24.31 14.45 -3.62
CA VAL B 52 25.12 13.40 -2.98
C VAL B 52 24.22 12.42 -2.26
N GLU B 53 24.41 11.14 -2.56
CA GLU B 53 23.77 10.03 -1.89
C GLU B 53 24.69 8.82 -1.88
N PHE B 54 24.59 8.01 -0.82
CA PHE B 54 25.19 6.68 -0.75
C PHE B 54 24.16 5.72 -0.16
N THR B 55 24.35 4.41 -0.29
CA THR B 55 23.44 3.41 0.27
C THR B 55 24.14 2.10 0.59
N GLY B 56 24.20 1.76 1.88
CA GLY B 56 24.42 0.40 2.34
C GLY B 56 23.12 -0.37 2.49
N LEU B 57 23.22 -1.70 2.51
CA LEU B 57 22.16 -2.63 2.84
C LEU B 57 22.81 -3.89 3.41
N HIS B 58 22.58 -4.19 4.68
CA HIS B 58 23.35 -5.22 5.40
C HIS B 58 23.22 -6.60 4.77
N ARG B 59 24.19 -7.49 5.03
CA ARG B 59 24.10 -8.93 4.74
C ARG B 59 22.77 -9.54 5.21
N ASP B 60 22.33 -9.18 6.41
CA ASP B 60 21.09 -9.66 7.04
C ASP B 60 20.07 -8.50 7.12
N ALA B 61 18.88 -8.67 6.55
CA ALA B 61 17.90 -7.58 6.40
C ALA B 61 17.08 -7.27 7.68
N ALA B 62 17.73 -7.32 8.85
CA ALA B 62 17.12 -7.05 10.14
C ALA B 62 16.89 -5.54 10.36
N THR B 63 15.95 -5.22 11.25
CA THR B 63 15.70 -3.86 11.70
C THR B 63 16.87 -3.32 12.51
N VAL B 64 17.02 -1.99 12.57
CA VAL B 64 18.08 -1.31 13.32
C VAL B 64 17.53 -0.23 14.24
N THR B 65 18.11 -0.01 15.44
CA THR B 65 18.06 1.35 16.02
C THR B 65 19.26 1.71 16.92
N GLN B 66 20.42 2.00 16.32
CA GLN B 66 21.46 2.90 16.83
C GLN B 66 22.32 3.23 15.61
N MET B 67 22.71 4.48 15.34
CA MET B 67 23.80 4.75 14.38
C MET B 67 24.74 5.82 14.92
N HIS B 68 26.04 5.64 14.72
CA HIS B 68 27.04 6.63 15.07
C HIS B 68 28.12 6.69 14.01
N PHE B 69 28.59 7.90 13.76
CA PHE B 69 29.68 8.17 12.85
C PHE B 69 30.96 8.33 13.66
N LEU B 70 32.07 7.84 13.12
CA LEU B 70 33.39 8.28 13.58
C LEU B 70 33.65 9.67 12.97
N THR B 71 33.50 10.72 13.77
CA THR B 71 33.40 12.08 13.24
C THR B 71 34.67 12.50 12.52
N GLY B 72 34.60 12.78 11.22
CA GLY B 72 35.76 13.11 10.39
C GLY B 72 36.45 11.93 9.69
N GLN B 73 35.93 10.70 9.86
CA GLN B 73 36.55 9.45 9.39
C GLN B 73 35.62 8.62 8.50
N GLY B 74 36.20 7.75 7.68
CA GLY B 74 35.49 7.02 6.63
C GLY B 74 34.57 5.89 7.08
N ARG B 75 34.04 5.91 8.32
CA ARG B 75 33.40 4.75 8.94
C ARG B 75 32.19 5.10 9.82
N LEU B 76 31.27 4.16 9.97
CA LEU B 76 30.06 4.29 10.79
C LEU B 76 29.71 2.94 11.46
N LEU B 77 29.08 3.00 12.63
CA LEU B 77 28.56 1.89 13.43
C LEU B 77 27.04 1.88 13.32
N SER B 78 26.43 0.71 13.12
CA SER B 78 24.97 0.56 13.04
C SER B 78 24.47 -0.68 13.79
N LEU B 79 23.49 -0.52 14.67
CA LEU B 79 23.05 -1.55 15.61
C LEU B 79 21.69 -2.15 15.25
N LEU B 80 21.61 -3.47 15.25
CA LEU B 80 20.51 -4.30 14.77
C LEU B 80 19.66 -4.75 15.96
N ASP B 81 18.38 -5.04 15.77
CA ASP B 81 17.60 -5.71 16.83
C ASP B 81 18.24 -7.04 17.30
N ASP B 82 19.04 -7.69 16.45
CA ASP B 82 19.92 -8.81 16.80
C ASP B 82 21.10 -8.42 17.73
N SER B 83 21.69 -9.43 18.37
CA SER B 83 22.99 -9.42 19.03
C SER B 83 24.13 -8.76 18.23
N SER B 84 24.11 -8.82 16.89
CA SER B 84 25.18 -8.30 16.03
C SER B 84 25.33 -6.78 16.05
N LEU B 85 26.58 -6.35 15.85
CA LEU B 85 26.99 -5.01 15.45
C LEU B 85 28.05 -5.19 14.34
N HIS B 86 28.08 -4.30 13.36
CA HIS B 86 29.11 -4.31 12.32
C HIS B 86 29.41 -2.90 11.79
N LEU B 87 30.61 -2.75 11.23
CA LEU B 87 31.22 -1.47 10.87
C LEU B 87 31.10 -1.25 9.35
N TRP B 88 30.57 -0.11 8.95
CA TRP B 88 30.45 0.30 7.55
C TRP B 88 31.55 1.28 7.21
N GLU B 89 32.20 1.09 6.07
CA GLU B 89 33.36 1.85 5.63
C GLU B 89 33.14 2.39 4.22
N ILE B 90 33.43 3.67 4.00
CA ILE B 90 33.19 4.35 2.73
C ILE B 90 34.51 4.50 1.98
N VAL B 91 34.52 4.14 0.70
CA VAL B 91 35.73 4.12 -0.12
C VAL B 91 35.48 4.82 -1.44
N HIS B 92 36.46 5.64 -1.86
CA HIS B 92 36.47 6.30 -3.16
C HIS B 92 36.94 5.31 -4.23
N HIS B 93 36.04 4.39 -4.59
CA HIS B 93 36.11 3.63 -5.84
C HIS B 93 36.24 4.67 -6.96
N ASN B 94 37.16 4.45 -7.91
CA ASN B 94 37.79 5.57 -8.63
C ASN B 94 36.80 6.56 -9.27
N GLY B 95 35.83 6.10 -10.07
CA GLY B 95 34.59 6.84 -10.29
C GLY B 95 33.57 6.79 -9.14
N CYS B 96 33.25 5.58 -8.68
CA CYS B 96 31.94 5.29 -8.08
C CYS B 96 31.93 5.19 -6.55
N ALA B 97 32.30 6.25 -5.84
CA ALA B 97 32.40 6.26 -4.37
C ALA B 97 31.19 5.63 -3.66
N HIS B 98 31.45 4.74 -2.70
CA HIS B 98 30.47 3.76 -2.21
C HIS B 98 30.78 3.25 -0.79
N LEU B 99 29.75 2.81 -0.07
CA LEU B 99 29.81 2.30 1.30
C LEU B 99 29.79 0.75 1.32
N GLU B 100 30.67 0.12 2.10
CA GLU B 100 30.91 -1.33 2.14
C GLU B 100 31.27 -1.81 3.55
N GLU B 101 31.01 -3.07 3.91
CA GLU B 101 31.08 -3.46 5.33
C GLU B 101 32.48 -4.02 5.62
N ALA B 102 33.07 -3.54 6.72
CA ALA B 102 34.44 -3.84 7.12
C ALA B 102 34.54 -5.07 8.04
N LEU B 103 33.87 -5.05 9.19
CA LEU B 103 34.08 -6.00 10.30
C LEU B 103 32.80 -6.26 11.08
N SER B 104 32.74 -7.40 11.78
CA SER B 104 31.57 -7.88 12.52
C SER B 104 31.88 -8.23 13.99
N PHE B 105 30.91 -7.98 14.87
CA PHE B 105 30.97 -8.12 16.32
C PHE B 105 29.82 -8.97 16.88
N GLN B 106 30.07 -9.69 17.97
CA GLN B 106 29.11 -10.58 18.64
C GLN B 106 29.39 -10.67 20.15
N LEU B 107 28.35 -10.95 20.95
CA LEU B 107 28.45 -11.24 22.39
C LEU B 107 27.61 -12.48 22.77
N PRO B 108 28.05 -13.29 23.76
CA PRO B 108 27.32 -14.47 24.23
C PRO B 108 26.01 -14.10 24.93
N VAL B 125 23.80 -4.86 23.92
CA VAL B 125 22.80 -5.11 22.87
C VAL B 125 21.87 -3.92 22.65
N THR B 126 21.94 -2.92 23.52
CA THR B 126 20.84 -1.98 23.76
C THR B 126 21.18 -0.55 23.34
N VAL B 127 22.42 -0.13 23.52
CA VAL B 127 22.88 1.23 23.24
C VAL B 127 24.38 1.20 22.98
N VAL B 128 24.91 2.17 22.25
CA VAL B 128 26.35 2.36 22.06
C VAL B 128 26.64 3.85 21.96
N LEU B 129 27.84 4.28 22.35
CA LEU B 129 28.31 5.67 22.26
C LEU B 129 29.81 5.71 22.00
N LEU B 130 30.35 6.81 21.47
CA LEU B 130 31.75 6.96 21.09
C LEU B 130 32.38 8.24 21.63
N VAL B 131 33.70 8.21 21.75
CA VAL B 131 34.55 9.25 22.35
C VAL B 131 35.49 9.86 21.31
N ALA B 132 35.67 11.18 21.32
CA ALA B 132 36.65 11.88 20.49
C ALA B 132 37.98 12.10 21.25
N ALA B 133 39.08 12.22 20.51
CA ALA B 133 40.48 12.33 20.98
C ALA B 133 40.99 11.11 21.80
N GLY B 134 40.32 10.75 22.89
CA GLY B 134 40.48 9.48 23.60
C GLY B 134 39.67 8.38 22.91
N ASP B 135 40.05 8.02 21.69
CA ASP B 135 39.21 7.32 20.71
C ASP B 135 38.73 5.93 21.19
N ILE B 136 37.54 5.87 21.78
CA ILE B 136 36.95 4.68 22.41
C ILE B 136 35.45 4.62 22.12
N ALA B 137 34.87 3.42 22.02
CA ALA B 137 33.45 3.17 21.99
C ALA B 137 33.00 2.42 23.26
N ALA B 138 31.76 2.62 23.69
CA ALA B 138 31.16 1.93 24.84
C ALA B 138 29.77 1.42 24.49
N LEU B 139 29.44 0.21 24.90
CA LEU B 139 28.18 -0.47 24.63
C LEU B 139 27.45 -0.73 25.94
N GLY B 140 26.13 -0.70 25.91
CA GLY B 140 25.27 -1.06 27.03
C GLY B 140 24.26 -2.13 26.64
N THR B 141 23.93 -3.03 27.57
CA THR B 141 23.03 -4.16 27.33
C THR B 141 21.75 -4.07 28.16
N GLU B 142 20.88 -5.06 28.03
CA GLU B 142 19.60 -5.16 28.76
C GLU B 142 19.80 -5.59 30.22
N GLY B 143 20.77 -6.44 30.50
CA GLY B 143 21.40 -6.54 31.82
C GLY B 143 22.09 -5.23 32.18
N SER B 144 22.33 -4.95 33.46
CA SER B 144 22.70 -3.61 33.93
C SER B 144 24.19 -3.25 33.75
N SER B 145 24.79 -3.69 32.65
CA SER B 145 26.23 -3.70 32.42
C SER B 145 26.67 -2.98 31.15
N VAL B 146 27.90 -2.48 31.20
CA VAL B 146 28.54 -1.66 30.16
C VAL B 146 29.86 -2.29 29.77
N PHE B 147 30.22 -2.19 28.49
CA PHE B 147 31.41 -2.80 27.92
C PHE B 147 32.12 -1.79 27.01
N PHE B 148 33.44 -1.87 26.89
CA PHE B 148 34.20 -0.97 26.05
C PHE B 148 34.89 -1.67 24.88
N LEU B 149 34.93 -0.97 23.74
CA LEU B 149 35.42 -1.46 22.47
C LEU B 149 36.34 -0.42 21.82
N ASP B 150 37.53 -0.82 21.37
CA ASP B 150 38.33 -0.02 20.44
C ASP B 150 37.81 -0.27 19.02
N VAL B 151 37.20 0.76 18.45
CA VAL B 151 36.62 0.74 17.12
C VAL B 151 37.61 0.38 16.01
N THR B 152 38.91 0.51 16.26
CA THR B 152 39.98 0.12 15.33
C THR B 152 39.94 -1.39 14.98
N THR B 153 39.45 -2.23 15.88
CA THR B 153 39.37 -3.69 15.76
C THR B 153 38.17 -4.19 16.56
N LEU B 154 37.12 -4.70 15.90
CA LEU B 154 35.83 -4.98 16.55
C LEU B 154 35.90 -6.14 17.56
N THR B 155 36.27 -5.81 18.80
CA THR B 155 36.24 -6.66 20.00
C THR B 155 36.07 -5.79 21.24
N LEU B 156 35.50 -6.34 22.32
CA LEU B 156 35.65 -5.72 23.63
C LEU B 156 37.10 -5.78 24.09
N LEU B 157 37.50 -4.81 24.90
CA LEU B 157 38.67 -4.92 25.77
C LEU B 157 38.25 -5.65 27.05
N GLU B 158 38.86 -6.79 27.35
CA GLU B 158 38.39 -7.68 28.41
C GLU B 158 38.52 -7.10 29.84
N GLY B 159 39.46 -6.18 30.07
CA GLY B 159 39.62 -5.47 31.34
C GLY B 159 38.70 -4.26 31.48
N GLN B 160 38.53 -3.47 30.41
CA GLN B 160 37.57 -2.37 30.36
C GLN B 160 36.15 -2.91 30.13
N THR B 161 35.54 -3.38 31.22
CA THR B 161 34.13 -3.79 31.29
C THR B 161 33.61 -3.44 32.67
N LEU B 162 32.31 -3.18 32.77
CA LEU B 162 31.70 -2.57 33.95
C LEU B 162 30.40 -3.30 34.29
N ALA B 163 30.50 -4.21 35.25
CA ALA B 163 29.41 -5.06 35.72
C ALA B 163 28.54 -4.36 36.80
N PRO B 164 27.31 -4.83 37.05
CA PRO B 164 26.39 -4.17 37.97
C PRO B 164 26.94 -4.12 39.41
N GLY B 165 27.56 -5.20 39.88
CA GLY B 165 28.16 -5.28 41.21
C GLY B 165 29.23 -4.22 41.49
N GLU B 166 29.98 -3.78 40.48
CA GLU B 166 31.02 -2.76 40.65
C GLU B 166 30.41 -1.37 40.89
N VAL B 167 29.47 -0.99 40.04
CA VAL B 167 28.76 0.29 40.16
C VAL B 167 27.84 0.31 41.38
N LEU B 168 27.26 -0.83 41.75
CA LEU B 168 26.56 -1.01 43.01
C LEU B 168 27.50 -0.80 44.20
N ARG B 169 28.80 -1.12 44.15
CA ARG B 169 29.67 -1.01 45.35
C ARG B 169 29.66 0.37 45.99
N SER B 170 29.48 1.42 45.18
CA SER B 170 29.34 2.80 45.69
C SER B 170 28.09 3.08 46.55
N VAL B 171 26.96 2.41 46.31
CA VAL B 171 25.59 2.55 46.90
C VAL B 171 25.27 3.75 47.82
N PRO B 172 24.25 4.59 47.49
CA PRO B 172 23.65 5.51 48.45
C PRO B 172 22.82 4.76 49.51
N ASP B 173 22.58 5.40 50.66
CA ASP B 173 22.05 4.78 51.88
C ASP B 173 20.68 4.08 51.72
N ASP B 174 19.83 4.55 50.80
CA ASP B 174 18.56 3.88 50.47
C ASP B 174 18.76 2.58 49.66
N TYR B 175 19.76 2.56 48.77
CA TYR B 175 20.05 1.44 47.88
C TYR B 175 21.07 0.45 48.47
N ARG B 176 21.78 0.76 49.56
CA ARG B 176 22.73 -0.15 50.24
C ARG B 176 22.19 -1.56 50.50
N CYS B 177 20.90 -1.67 50.83
CA CYS B 177 20.22 -2.93 51.14
C CYS B 177 19.75 -3.75 49.92
N GLY B 178 19.86 -3.23 48.70
CA GLY B 178 19.28 -3.82 47.49
C GLY B 178 20.25 -4.00 46.33
N LYS B 179 20.11 -5.10 45.58
CA LYS B 179 20.97 -5.51 44.44
C LYS B 179 20.24 -5.52 43.09
N ALA B 180 18.94 -5.26 43.07
CA ALA B 180 18.03 -5.39 41.92
C ALA B 180 18.10 -4.21 40.92
N LEU B 181 19.30 -3.83 40.47
CA LEU B 181 19.51 -2.71 39.54
C LEU B 181 18.90 -3.00 38.16
N GLY B 182 18.12 -2.06 37.61
CA GLY B 182 17.39 -2.21 36.35
C GLY B 182 18.25 -2.08 35.08
N PRO B 183 17.66 -2.19 33.88
CA PRO B 183 18.41 -2.30 32.63
C PRO B 183 19.38 -1.15 32.37
N VAL B 184 20.54 -1.42 31.76
CA VAL B 184 21.41 -0.34 31.30
C VAL B 184 20.74 0.42 30.16
N GLU B 185 20.91 1.73 30.15
CA GLU B 185 20.33 2.59 29.12
C GLU B 185 21.07 3.93 29.04
N SER B 186 20.87 4.66 27.94
CA SER B 186 21.31 6.04 27.78
C SER B 186 22.78 6.31 28.13
N LEU B 187 23.68 5.45 27.67
CA LEU B 187 25.11 5.76 27.64
C LEU B 187 25.28 7.10 26.93
N GLN B 188 25.90 8.08 27.59
CA GLN B 188 26.21 9.36 27.00
C GLN B 188 27.72 9.57 27.01
N GLY B 189 28.20 10.22 25.95
CA GLY B 189 29.62 10.42 25.72
C GLY B 189 30.23 11.49 26.63
N HIS B 190 31.51 11.72 26.41
CA HIS B 190 32.28 12.73 27.11
C HIS B 190 31.87 14.16 26.76
N LEU B 191 32.36 15.13 27.53
CA LEU B 191 31.94 16.53 27.53
C LEU B 191 33.17 17.44 27.71
N ARG B 192 33.83 17.74 26.58
CA ARG B 192 35.18 18.35 26.43
C ARG B 192 36.35 17.52 26.97
N ASP B 193 36.31 17.03 28.21
CA ASP B 193 37.40 16.20 28.76
C ASP B 193 37.34 14.74 28.23
N PRO B 194 38.44 13.96 28.18
CA PRO B 194 38.53 12.83 27.25
C PRO B 194 38.13 11.45 27.81
N THR B 195 37.88 11.32 29.11
CA THR B 195 37.87 10.00 29.80
C THR B 195 36.60 9.69 30.60
N LYS B 196 35.62 10.60 30.65
CA LYS B 196 34.39 10.44 31.43
C LYS B 196 33.23 9.98 30.56
N ILE B 197 32.54 8.94 31.01
CA ILE B 197 31.31 8.39 30.44
C ILE B 197 30.17 8.61 31.43
N LEU B 198 28.98 8.99 30.97
CA LEU B 198 27.77 9.06 31.78
C LEU B 198 26.89 7.85 31.48
N ILE B 199 26.32 7.25 32.51
CA ILE B 199 25.59 5.98 32.41
C ILE B 199 24.24 6.11 33.13
N GLY B 200 23.21 5.55 32.52
CA GLY B 200 21.88 5.43 33.09
C GLY B 200 21.47 3.96 33.28
N TYR B 201 20.68 3.72 34.32
CA TYR B 201 20.06 2.44 34.59
C TYR B 201 18.58 2.71 34.74
N SER B 202 17.71 1.96 34.08
CA SER B 202 16.31 2.38 33.92
C SER B 202 15.58 2.53 35.25
N ARG B 203 16.07 1.88 36.32
CA ARG B 203 15.66 2.04 37.72
C ARG B 203 15.60 3.50 38.18
N GLY B 204 16.42 4.36 37.61
CA GLY B 204 16.54 5.77 37.97
C GLY B 204 17.93 6.17 38.46
N LEU B 205 18.93 5.31 38.34
CA LEU B 205 20.28 5.55 38.87
C LEU B 205 21.18 6.02 37.72
N LEU B 206 22.04 6.99 38.04
CA LEU B 206 22.83 7.78 37.12
C LEU B 206 24.25 7.89 37.69
N VAL B 207 25.27 7.69 36.86
CA VAL B 207 26.67 7.65 37.28
C VAL B 207 27.54 8.37 36.24
N ILE B 208 28.65 8.99 36.67
CA ILE B 208 29.75 9.38 35.77
C ILE B 208 31.06 8.66 36.15
N TRP B 209 31.67 8.02 35.16
CA TRP B 209 32.63 6.93 35.29
C TRP B 209 33.85 7.17 34.41
N ASN B 210 35.02 6.85 34.93
CA ASN B 210 36.28 7.19 34.30
C ASN B 210 36.92 5.94 33.69
N GLN B 211 37.28 6.02 32.41
CA GLN B 211 37.98 4.95 31.71
C GLN B 211 39.45 4.83 32.13
N ALA B 212 40.22 5.91 32.01
CA ALA B 212 41.66 5.90 32.25
C ALA B 212 42.06 5.56 33.69
N SER B 213 41.18 5.75 34.66
CA SER B 213 41.42 5.43 36.09
C SER B 213 40.45 4.40 36.66
N GLN B 214 39.56 3.82 35.84
CA GLN B 214 38.65 2.73 36.22
C GLN B 214 37.90 2.99 37.54
N CYS B 215 37.26 4.16 37.69
CA CYS B 215 36.57 4.54 38.92
C CYS B 215 35.41 5.51 38.68
N VAL B 216 34.47 5.59 39.62
CA VAL B 216 33.41 6.63 39.62
C VAL B 216 34.03 7.98 39.94
N ASP B 217 33.76 8.98 39.11
CA ASP B 217 34.09 10.38 39.40
C ASP B 217 32.98 11.10 40.15
N HIS B 218 31.70 10.84 39.82
CA HIS B 218 30.56 11.22 40.64
C HIS B 218 29.40 10.23 40.51
N ILE B 219 28.57 10.15 41.54
CA ILE B 219 27.22 9.60 41.46
C ILE B 219 26.24 10.75 41.23
N PHE B 220 25.05 10.45 40.69
CA PHE B 220 23.86 11.30 40.78
C PHE B 220 22.68 10.45 41.27
N LEU B 221 21.98 10.84 42.33
CA LEU B 221 20.80 10.08 42.76
C LEU B 221 19.64 10.20 41.75
N GLY B 222 18.69 9.28 41.87
CA GLY B 222 17.42 9.28 41.13
C GLY B 222 16.58 8.07 41.49
N ASN B 223 15.26 8.19 41.36
CA ASN B 223 14.30 7.34 42.09
C ASN B 223 13.16 6.79 41.21
N GLN B 224 12.74 7.56 40.21
CA GLN B 224 11.71 7.22 39.22
C GLN B 224 12.34 6.59 37.96
N GLN B 225 11.55 5.87 37.16
CA GLN B 225 12.09 5.19 35.99
C GLN B 225 12.63 6.19 34.98
N LEU B 226 13.78 5.90 34.39
CA LEU B 226 14.58 6.80 33.56
C LEU B 226 14.33 6.52 32.08
N GLU B 227 14.27 7.57 31.25
CA GLU B 227 14.68 7.37 29.85
C GLU B 227 15.17 8.64 29.10
N SER B 228 16.25 9.28 29.56
CA SER B 228 17.22 10.07 28.78
C SER B 228 18.41 10.40 29.67
N LEU B 229 19.59 10.61 29.11
CA LEU B 229 20.68 11.39 29.67
C LEU B 229 21.25 12.34 28.62
N CYS B 230 21.81 13.43 29.09
CA CYS B 230 22.41 14.48 28.29
C CYS B 230 23.64 15.05 29.01
N TRP B 231 24.59 15.60 28.26
CA TRP B 231 25.72 16.37 28.76
C TRP B 231 25.70 17.81 28.22
N GLY B 232 26.13 18.80 29.02
CA GLY B 232 26.40 20.16 28.56
C GLY B 232 27.90 20.37 28.34
N ARG B 233 28.32 21.09 27.29
CA ARG B 233 29.74 21.20 26.91
C ARG B 233 30.62 21.78 28.01
N ASP B 234 30.08 22.69 28.80
CA ASP B 234 30.60 23.08 30.10
C ASP B 234 29.77 22.31 31.15
N SER B 235 30.40 21.38 31.87
CA SER B 235 29.71 20.40 32.73
C SER B 235 29.17 20.96 34.04
N SER B 236 28.92 22.28 34.13
CA SER B 236 28.28 22.93 35.28
C SER B 236 26.87 22.39 35.55
N THR B 237 26.14 21.95 34.52
CA THR B 237 24.82 21.31 34.65
C THR B 237 24.50 20.35 33.49
N VAL B 238 23.67 19.36 33.78
CA VAL B 238 23.32 18.19 32.96
C VAL B 238 21.82 17.92 33.12
N VAL B 239 21.17 17.30 32.13
CA VAL B 239 19.72 17.01 32.16
C VAL B 239 19.40 15.59 31.78
N SER B 240 18.35 15.04 32.35
CA SER B 240 17.93 13.65 32.24
C SER B 240 16.42 13.57 32.18
N SER B 241 15.84 12.58 31.52
CA SER B 241 14.40 12.42 31.47
C SER B 241 13.95 11.09 32.03
N HIS B 242 12.72 11.07 32.52
CA HIS B 242 12.11 9.94 33.20
C HIS B 242 10.84 9.52 32.48
N SER B 243 10.56 8.22 32.49
CA SER B 243 9.49 7.59 31.71
C SER B 243 8.11 7.74 32.37
N ASP B 244 7.87 8.93 32.90
CA ASP B 244 6.67 9.39 33.61
C ASP B 244 6.33 10.87 33.32
N GLY B 245 7.03 11.50 32.36
CA GLY B 245 6.84 12.89 31.98
C GLY B 245 7.72 13.88 32.74
N SER B 246 8.51 13.43 33.71
CA SER B 246 9.45 14.26 34.44
C SER B 246 10.80 14.36 33.74
N TYR B 247 11.56 15.38 34.08
CA TYR B 247 12.98 15.44 33.80
C TYR B 247 13.79 15.94 35.01
N ALA B 248 14.91 15.29 35.30
CA ALA B 248 15.83 15.71 36.34
C ALA B 248 16.96 16.57 35.75
N VAL B 249 17.13 17.78 36.26
CA VAL B 249 18.28 18.63 35.98
C VAL B 249 19.19 18.61 37.19
N TRP B 250 20.49 18.46 36.98
CA TRP B 250 21.51 18.36 38.01
C TRP B 250 22.68 19.29 37.72
N SER B 251 23.29 19.90 38.74
CA SER B 251 24.62 20.50 38.63
C SER B 251 25.75 19.54 39.06
N VAL B 252 27.00 19.88 38.72
CA VAL B 252 28.20 19.07 39.04
C VAL B 252 29.33 19.93 39.62
N ASP B 253 29.91 19.52 40.74
CA ASP B 253 31.23 19.97 41.22
C ASP B 253 31.86 18.91 42.15
N ALA B 254 33.16 19.00 42.41
CA ALA B 254 33.91 17.97 43.17
C ALA B 254 33.37 17.73 44.60
N GLY B 255 32.68 18.70 45.20
CA GLY B 255 32.03 18.58 46.49
C GLY B 255 30.58 18.08 46.42
N SER B 256 29.95 18.06 45.25
CA SER B 256 28.55 17.64 45.07
C SER B 256 28.36 16.12 45.08
N PHE B 257 29.42 15.33 45.29
CA PHE B 257 29.47 13.87 45.11
C PHE B 257 28.28 13.08 45.73
N PRO B 258 27.78 13.38 46.94
CA PRO B 258 26.63 12.68 47.51
C PRO B 258 25.28 12.93 46.83
N THR B 259 25.13 14.01 46.05
CA THR B 259 23.94 14.38 45.23
C THR B 259 22.58 14.10 45.87
N LEU B 260 22.24 14.75 46.99
CA LEU B 260 21.06 14.40 47.78
C LEU B 260 19.70 14.59 47.07
N GLN B 261 19.48 15.71 46.37
CA GLN B 261 18.25 16.06 45.65
C GLN B 261 18.55 16.93 44.40
N PRO B 262 17.76 16.82 43.32
CA PRO B 262 18.05 17.47 42.04
C PRO B 262 18.00 19.00 42.08
N THR B 263 18.62 19.64 41.10
CA THR B 263 18.84 21.08 41.09
C THR B 263 17.67 21.89 40.52
N VAL B 264 17.04 21.42 39.44
CA VAL B 264 15.93 22.12 38.74
C VAL B 264 14.85 21.15 38.25
N ALA B 265 14.70 19.98 38.87
CA ALA B 265 13.81 18.92 38.39
C ALA B 265 12.36 19.39 38.28
N THR B 266 11.68 19.00 37.20
CA THR B 266 10.34 19.49 36.85
C THR B 266 9.66 18.54 35.87
N THR B 267 8.35 18.66 35.72
CA THR B 267 7.60 18.12 34.58
C THR B 267 6.94 19.29 33.84
N PRO B 268 7.16 19.46 32.52
CA PRO B 268 6.92 20.72 31.83
C PRO B 268 5.44 21.02 31.53
N TYR B 269 4.52 20.05 31.67
CA TYR B 269 3.09 20.23 31.40
C TYR B 269 2.18 19.83 32.58
N GLY B 270 2.28 20.60 33.66
CA GLY B 270 1.23 20.69 34.68
C GLY B 270 1.11 19.48 35.61
N PRO B 271 0.05 19.43 36.44
CA PRO B 271 -0.17 18.38 37.44
C PRO B 271 -0.70 17.05 36.86
N PHE B 272 -1.05 17.03 35.57
CA PHE B 272 -1.75 15.93 34.92
C PHE B 272 -0.89 14.67 34.73
N PRO B 273 -1.51 13.51 34.46
CA PRO B 273 -0.81 12.38 33.85
C PRO B 273 -0.26 12.81 32.49
N CYS B 274 1.05 12.75 32.29
CA CYS B 274 1.68 13.31 31.09
C CYS B 274 2.79 12.42 30.48
N LYS B 275 2.44 11.14 30.25
CA LYS B 275 3.12 10.21 29.34
C LYS B 275 4.59 9.96 29.75
N ALA B 276 5.52 10.09 28.82
CA ALA B 276 6.95 9.84 29.00
C ALA B 276 7.74 10.85 28.20
N ILE B 277 9.02 11.05 28.51
CA ILE B 277 9.94 11.84 27.68
C ILE B 277 11.09 10.93 27.22
N ASN B 278 11.26 10.74 25.90
CA ASN B 278 12.14 9.71 25.34
C ASN B 278 13.55 10.21 24.94
N LYS B 279 13.73 11.51 24.77
CA LYS B 279 15.02 12.17 24.52
C LYS B 279 14.99 13.61 25.05
N ILE B 280 16.14 14.13 25.46
CA ILE B 280 16.39 15.55 25.73
C ILE B 280 17.72 15.95 25.12
N LEU B 281 17.80 17.14 24.53
CA LEU B 281 19.05 17.84 24.22
C LEU B 281 19.10 19.20 24.92
N TRP B 282 20.30 19.61 25.32
CA TRP B 282 20.62 20.81 26.07
C TRP B 282 21.57 21.69 25.27
N ARG B 283 21.20 22.96 25.02
CA ARG B 283 22.00 23.92 24.23
C ARG B 283 22.25 25.24 24.96
N ASN B 284 22.20 25.22 26.28
CA ASN B 284 22.16 26.39 27.17
C ASN B 284 23.45 27.25 27.17
N CYS B 285 24.63 26.70 26.84
CA CYS B 285 25.93 27.37 27.04
C CYS B 285 26.23 28.50 26.03
N GLU B 286 25.39 28.70 25.02
CA GLU B 286 25.41 29.90 24.18
C GLU B 286 25.00 31.18 24.94
N SER B 287 25.15 32.33 24.28
CA SER B 287 24.53 33.59 24.72
C SER B 287 23.00 33.52 24.62
N GLY B 288 22.29 34.01 25.64
CA GLY B 288 20.82 33.96 25.75
C GLY B 288 20.29 32.89 26.70
N GLY B 289 19.00 32.55 26.57
CA GLY B 289 18.28 31.63 27.47
C GLY B 289 18.59 30.13 27.29
N HIS B 290 18.04 29.31 28.19
CA HIS B 290 18.32 27.88 28.31
C HIS B 290 17.58 27.02 27.28
N PHE B 291 18.16 26.84 26.08
CA PHE B 291 17.57 25.95 25.08
C PHE B 291 17.51 24.52 25.61
N ILE B 292 16.31 23.95 25.70
CA ILE B 292 16.07 22.54 26.00
C ILE B 292 15.08 22.02 24.97
N ILE B 293 15.30 20.84 24.40
CA ILE B 293 14.45 20.24 23.38
C ILE B 293 14.14 18.82 23.81
N PHE B 294 12.88 18.41 23.77
CA PHE B 294 12.47 17.10 24.27
C PHE B 294 11.29 16.49 23.53
N SER B 295 11.26 15.17 23.46
CA SER B 295 10.21 14.42 22.77
C SER B 295 9.31 13.71 23.76
N GLY B 296 8.00 13.85 23.57
CA GLY B 296 6.98 13.38 24.52
C GLY B 296 6.62 14.45 25.56
N GLY B 297 6.15 14.00 26.72
CA GLY B 297 5.79 14.84 27.87
C GLY B 297 4.39 15.44 27.85
N MET B 298 3.63 15.28 26.76
CA MET B 298 2.32 15.89 26.59
C MET B 298 1.28 15.28 27.55
N PRO B 299 0.32 16.05 28.11
CA PRO B 299 -0.74 15.53 28.97
C PRO B 299 -1.58 14.44 28.30
N ARG B 300 -1.56 13.22 28.84
CA ARG B 300 -2.15 12.04 28.19
C ARG B 300 -3.68 12.10 28.12
N ALA B 301 -4.29 12.73 29.12
CA ALA B 301 -5.74 12.85 29.24
C ALA B 301 -6.40 13.72 28.15
N SER B 302 -5.63 14.56 27.44
CA SER B 302 -6.15 15.50 26.43
C SER B 302 -5.34 15.58 25.13
N TYR B 303 -4.08 15.15 25.13
CA TYR B 303 -3.16 15.25 23.99
C TYR B 303 -2.30 13.97 23.86
N GLY B 304 -2.88 12.81 24.14
CA GLY B 304 -2.13 11.57 24.37
C GLY B 304 -1.59 10.87 23.13
N ASP B 305 -2.41 10.64 22.11
CA ASP B 305 -2.04 9.78 20.98
C ASP B 305 -1.05 10.42 20.00
N ARG B 306 -1.06 11.74 19.88
CA ARG B 306 -0.30 12.53 18.89
C ARG B 306 1.20 12.63 19.17
N HIS B 307 1.99 12.89 18.13
CA HIS B 307 3.45 12.83 18.11
C HIS B 307 4.04 14.23 18.07
N CYS B 308 4.83 14.62 19.09
CA CYS B 308 5.30 16.00 19.22
C CYS B 308 6.69 16.14 19.86
N VAL B 309 7.41 17.21 19.52
CA VAL B 309 8.68 17.63 20.13
C VAL B 309 8.48 19.02 20.69
N SER B 310 8.82 19.24 21.95
CA SER B 310 8.75 20.54 22.61
C SER B 310 10.10 21.20 22.67
N VAL B 311 10.18 22.46 22.29
CA VAL B 311 11.37 23.29 22.40
C VAL B 311 11.10 24.40 23.39
N LEU B 312 11.95 24.54 24.40
CA LEU B 312 11.92 25.59 25.40
C LEU B 312 13.15 26.46 25.27
N ARG B 313 12.98 27.76 25.36
CA ARG B 313 14.04 28.70 25.71
C ARG B 313 13.45 29.83 26.52
N ALA B 314 13.99 30.12 27.71
CA ALA B 314 13.45 31.16 28.59
C ALA B 314 11.91 31.02 28.75
N GLU B 315 11.14 32.08 28.52
CA GLU B 315 9.67 32.06 28.59
C GLU B 315 9.00 31.45 27.34
N THR B 316 9.69 31.41 26.19
CA THR B 316 9.16 30.84 24.94
C THR B 316 9.26 29.31 24.93
N LEU B 317 8.11 28.64 25.03
CA LEU B 317 7.95 27.22 24.78
C LEU B 317 7.02 27.04 23.57
N VAL B 318 7.42 26.27 22.57
CA VAL B 318 6.49 25.75 21.57
C VAL B 318 6.59 24.23 21.50
N THR B 319 5.48 23.60 21.19
CA THR B 319 5.41 22.22 20.81
C THR B 319 5.21 22.15 19.32
N LEU B 320 6.02 21.33 18.66
CA LEU B 320 5.98 21.08 17.24
C LEU B 320 5.23 19.77 17.06
N ASP B 321 4.11 19.85 16.36
CA ASP B 321 3.18 18.74 16.20
C ASP B 321 3.31 18.16 14.80
N PHE B 322 3.55 16.86 14.74
CA PHE B 322 3.92 16.17 13.52
C PHE B 322 2.88 15.16 13.09
N THR B 323 2.73 15.00 11.80
CA THR B 323 1.73 14.14 11.18
C THR B 323 2.14 12.66 11.14
N SER B 324 3.29 12.29 11.69
CA SER B 324 3.75 10.91 11.82
C SER B 324 4.76 10.75 12.96
N ARG B 325 4.97 9.51 13.44
CA ARG B 325 5.72 9.18 14.66
C ARG B 325 7.17 9.63 14.62
N ILE B 326 7.70 10.24 15.68
CA ILE B 326 9.09 10.71 15.74
C ILE B 326 10.04 9.53 15.94
N ILE B 327 11.06 9.39 15.09
CA ILE B 327 12.12 8.39 15.24
C ILE B 327 13.26 8.97 16.08
N ASP B 328 13.85 10.08 15.67
CA ASP B 328 15.03 10.67 16.32
C ASP B 328 15.24 12.13 15.88
N PHE B 329 16.10 12.88 16.56
CA PHE B 329 16.41 14.27 16.27
C PHE B 329 17.83 14.63 16.68
N PHE B 330 18.40 15.62 16.01
CA PHE B 330 19.74 16.15 16.24
C PHE B 330 19.77 17.66 16.03
N THR B 331 20.70 18.34 16.69
CA THR B 331 20.90 19.79 16.51
C THR B 331 22.24 20.05 15.81
N VAL B 332 22.28 21.03 14.92
CA VAL B 332 23.50 21.51 14.25
C VAL B 332 24.32 22.34 15.24
N HIS B 333 25.52 21.89 15.54
CA HIS B 333 26.42 22.39 16.60
C HIS B 333 27.87 21.95 16.34
N SER B 334 28.86 22.55 17.02
CA SER B 334 30.28 22.22 16.81
C SER B 334 30.91 21.36 17.91
N THR B 335 31.49 20.23 17.50
CA THR B 335 32.24 19.26 18.31
C THR B 335 33.68 19.67 18.65
N ARG B 336 34.19 20.81 18.15
CA ARG B 336 35.51 21.35 18.49
C ARG B 336 35.63 21.60 20.00
N PRO B 337 36.51 20.89 20.75
CA PRO B 337 36.58 21.02 22.21
C PRO B 337 36.95 22.42 22.70
N GLU B 338 37.76 23.15 21.94
CA GLU B 338 38.18 24.53 22.26
C GLU B 338 37.03 25.55 22.17
N ASP B 339 35.90 25.21 21.56
CA ASP B 339 34.72 26.08 21.52
C ASP B 339 33.99 26.08 22.88
N GLU B 340 33.39 27.22 23.22
CA GLU B 340 32.67 27.50 24.47
C GLU B 340 31.16 27.72 24.25
N PHE B 341 30.70 27.69 23.00
CA PHE B 341 29.30 27.90 22.64
C PHE B 341 28.61 26.59 22.25
N ASP B 342 27.39 26.38 22.73
CA ASP B 342 26.53 25.24 22.30
C ASP B 342 25.96 25.41 20.88
N ASP B 343 26.11 26.61 20.31
CA ASP B 343 25.85 27.03 18.93
C ASP B 343 24.71 26.34 18.17
N PRO B 344 23.47 26.28 18.69
CA PRO B 344 22.36 25.61 18.05
C PRO B 344 21.81 26.42 16.86
N GLN B 345 22.32 26.19 15.65
CA GLN B 345 21.85 26.90 14.46
C GLN B 345 20.48 26.39 13.99
N ALA B 346 20.34 25.08 13.85
CA ALA B 346 19.14 24.42 13.36
C ALA B 346 18.92 23.07 14.06
N LEU B 347 17.66 22.66 14.18
CA LEU B 347 17.18 21.41 14.76
C LEU B 347 16.57 20.55 13.65
N ALA B 348 16.99 19.31 13.49
CA ALA B 348 16.44 18.40 12.50
C ALA B 348 15.84 17.17 13.16
N VAL B 349 14.69 16.74 12.66
CA VAL B 349 13.84 15.69 13.23
C VAL B 349 13.45 14.72 12.13
N LEU B 350 13.58 13.43 12.40
CA LEU B 350 13.20 12.37 11.51
C LEU B 350 11.85 11.83 11.98
N LEU B 351 10.79 12.10 11.23
CA LEU B 351 9.48 11.49 11.43
C LEU B 351 9.39 10.19 10.64
N GLU B 352 8.38 9.38 10.86
CA GLU B 352 8.23 8.11 10.16
C GLU B 352 7.99 8.28 8.65
N GLU B 353 7.52 9.44 8.21
CA GLU B 353 7.14 9.71 6.81
C GLU B 353 7.78 10.97 6.21
N GLU B 354 8.60 11.70 6.96
CA GLU B 354 9.25 12.95 6.52
C GLU B 354 10.50 13.25 7.36
N LEU B 355 11.49 13.96 6.82
CA LEU B 355 12.52 14.62 7.64
C LEU B 355 12.29 16.11 7.57
N VAL B 356 12.21 16.76 8.72
CA VAL B 356 12.02 18.20 8.82
C VAL B 356 13.24 18.81 9.49
N VAL B 357 13.56 20.04 9.11
CA VAL B 357 14.60 20.84 9.74
C VAL B 357 14.09 22.25 9.92
N LEU B 358 14.44 22.84 11.05
CA LEU B 358 13.90 24.10 11.54
C LEU B 358 15.06 24.92 12.11
N ASP B 359 15.10 26.20 11.80
CA ASP B 359 16.18 27.10 12.20
C ASP B 359 15.68 28.07 13.28
N LEU B 360 16.48 28.22 14.33
CA LEU B 360 16.05 28.90 15.56
C LEU B 360 16.59 30.33 15.69
N GLN B 361 17.06 30.95 14.60
CA GLN B 361 17.61 32.31 14.61
C GLN B 361 16.58 33.38 15.05
N THR B 362 15.33 33.28 14.59
CA THR B 362 14.28 34.28 14.83
C THR B 362 13.08 33.68 15.58
N PRO B 363 12.37 34.45 16.43
CA PRO B 363 11.20 33.97 17.17
C PRO B 363 10.16 33.32 16.25
N GLY B 364 9.51 32.27 16.75
CA GLY B 364 8.66 31.39 15.93
C GLY B 364 9.42 30.35 15.11
N TRP B 365 10.75 30.44 15.00
CA TRP B 365 11.67 29.37 14.58
C TRP B 365 11.30 28.72 13.23
N PRO B 366 11.58 29.37 12.08
CA PRO B 366 11.10 28.96 10.77
C PRO B 366 11.58 27.58 10.32
N ALA B 367 10.72 26.83 9.64
CA ALA B 367 11.12 25.63 8.91
C ALA B 367 12.06 25.98 7.73
N VAL B 368 12.92 25.05 7.37
CA VAL B 368 13.93 25.17 6.30
C VAL B 368 13.59 24.21 5.14
N PRO B 369 13.48 24.69 3.88
CA PRO B 369 13.18 23.83 2.73
C PRO B 369 14.28 22.79 2.44
N ALA B 370 13.89 21.64 1.90
CA ALA B 370 14.79 20.51 1.67
C ALA B 370 15.18 20.34 0.17
N PRO B 371 16.48 20.30 -0.18
CA PRO B 371 16.91 20.09 -1.57
C PRO B 371 16.75 18.64 -2.06
N TYR B 372 16.55 17.68 -1.18
CA TYR B 372 16.49 16.25 -1.47
C TYR B 372 15.62 15.52 -0.45
N LEU B 373 15.40 14.22 -0.68
CA LEU B 373 14.71 13.32 0.26
C LEU B 373 13.26 13.73 0.55
N ALA B 374 12.57 14.24 -0.47
CA ALA B 374 11.23 14.77 -0.37
C ALA B 374 10.18 13.69 -0.04
N PRO B 375 9.10 14.04 0.68
CA PRO B 375 7.99 13.15 0.93
C PRO B 375 7.05 13.10 -0.28
N LEU B 376 7.38 12.27 -1.28
CA LEU B 376 6.57 12.07 -2.50
C LEU B 376 5.14 11.65 -2.17
N HIS B 377 5.01 10.73 -1.21
CA HIS B 377 3.79 10.18 -0.63
C HIS B 377 2.79 11.16 -0.03
N SER B 378 3.12 12.43 0.20
CA SER B 378 2.38 13.35 1.07
C SER B 378 0.88 13.38 0.78
N SER B 379 0.48 13.14 -0.47
CA SER B 379 -0.82 12.55 -0.81
C SER B 379 -0.58 11.33 -1.69
N ALA B 380 -1.33 10.24 -1.54
CA ALA B 380 -0.97 8.96 -2.16
C ALA B 380 -0.81 9.05 -3.68
N ILE B 381 0.23 8.42 -4.23
CA ILE B 381 0.55 8.42 -5.66
C ILE B 381 -0.43 7.50 -6.39
N THR B 382 -1.31 8.06 -7.21
CA THR B 382 -2.29 7.28 -7.99
C THR B 382 -1.81 6.94 -9.40
N CYS B 383 -0.94 7.74 -10.03
CA CYS B 383 -0.38 7.42 -11.35
C CYS B 383 1.02 8.02 -11.59
N SER B 384 1.79 7.38 -12.48
CA SER B 384 3.09 7.83 -12.98
C SER B 384 2.97 8.25 -14.44
N ALA B 385 3.43 9.44 -14.81
CA ALA B 385 3.59 9.86 -16.21
C ALA B 385 5.00 10.39 -16.46
N HIS B 386 5.54 10.21 -17.66
CA HIS B 386 6.88 10.68 -18.04
C HIS B 386 6.86 11.32 -19.42
N VAL B 387 7.59 12.43 -19.61
CA VAL B 387 7.86 13.01 -20.94
C VAL B 387 9.36 13.26 -21.13
N ALA B 388 9.86 12.99 -22.32
CA ALA B 388 11.29 13.03 -22.67
C ALA B 388 11.59 14.08 -23.74
N SER B 389 12.84 14.54 -23.81
CA SER B 389 13.31 15.58 -24.74
C SER B 389 12.55 16.91 -24.62
N VAL B 390 12.25 17.35 -23.40
CA VAL B 390 11.35 18.49 -23.17
C VAL B 390 11.93 19.82 -23.72
N PRO B 391 11.15 20.67 -24.42
CA PRO B 391 11.57 21.96 -24.91
C PRO B 391 11.99 22.93 -23.81
N ALA B 392 13.04 23.71 -24.07
CA ALA B 392 13.58 24.65 -23.10
C ALA B 392 12.61 25.79 -22.79
N LYS B 393 11.79 26.21 -23.75
CA LYS B 393 10.74 27.23 -23.54
C LYS B 393 9.66 26.76 -22.56
N LEU B 394 9.19 25.53 -22.72
CA LEU B 394 8.25 24.89 -21.79
C LEU B 394 8.89 24.74 -20.41
N TRP B 395 10.11 24.22 -20.32
CA TRP B 395 10.74 23.98 -19.03
C TRP B 395 10.94 25.28 -18.27
N ALA B 396 11.37 26.35 -18.94
CA ALA B 396 11.49 27.67 -18.36
C ALA B 396 10.13 28.22 -17.89
N ARG B 397 9.05 28.00 -18.64
CA ARG B 397 7.69 28.35 -18.26
C ARG B 397 7.20 27.59 -17.03
N ILE B 398 7.51 26.30 -16.93
CA ILE B 398 7.15 25.45 -15.79
C ILE B 398 7.92 25.88 -14.55
N VAL B 399 9.24 26.04 -14.60
CA VAL B 399 9.98 26.47 -13.42
C VAL B 399 9.64 27.92 -13.05
N SER B 400 9.32 28.79 -14.00
CA SER B 400 8.82 30.13 -13.69
C SER B 400 7.49 30.08 -12.94
N ALA B 401 6.55 29.22 -13.35
CA ALA B 401 5.32 28.98 -12.60
C ALA B 401 5.59 28.38 -11.21
N GLY B 402 6.54 27.46 -11.09
CA GLY B 402 6.97 26.87 -9.81
C GLY B 402 7.53 27.89 -8.83
N GLU B 403 8.46 28.73 -9.27
CA GLU B 403 9.04 29.73 -8.39
C GLU B 403 8.04 30.84 -8.07
N GLN B 404 7.13 31.18 -8.98
CA GLN B 404 6.07 32.14 -8.71
C GLN B 404 5.08 31.64 -7.64
N GLN B 405 4.70 30.35 -7.64
CA GLN B 405 3.80 29.82 -6.60
C GLN B 405 4.49 29.66 -5.24
N SER B 406 5.78 29.34 -5.21
CA SER B 406 6.52 28.96 -4.00
C SER B 406 7.14 30.16 -3.28
N ALA B 413 18.49 32.61 9.32
CA ALA B 413 18.51 32.88 7.89
C ALA B 413 18.33 31.61 7.05
N LEU B 414 17.83 31.76 5.81
CA LEU B 414 17.66 30.65 4.87
C LEU B 414 19.02 30.01 4.55
N SER B 415 19.23 28.84 5.10
CA SER B 415 20.45 28.05 5.03
C SER B 415 20.10 26.57 5.10
N TRP B 416 20.85 25.73 4.40
CA TRP B 416 20.77 24.28 4.52
C TRP B 416 22.01 23.77 5.26
N PRO B 417 21.91 23.07 6.39
CA PRO B 417 23.07 22.73 7.19
C PRO B 417 23.85 21.52 6.65
N ILE B 418 23.16 20.49 6.16
CA ILE B 418 23.77 19.23 5.74
C ILE B 418 24.45 19.42 4.37
N THR B 419 25.76 19.67 4.36
CA THR B 419 26.50 20.23 3.21
C THR B 419 27.93 19.67 3.07
N GLY B 420 28.12 18.38 3.32
CA GLY B 420 29.42 17.71 3.39
C GLY B 420 30.10 17.45 2.04
N GLY B 421 29.98 16.22 1.50
CA GLY B 421 30.64 15.79 0.26
C GLY B 421 30.18 16.53 -1.00
N ARG B 422 30.72 16.17 -2.17
CA ARG B 422 30.43 16.87 -3.45
C ARG B 422 29.99 15.94 -4.58
N ASN B 423 29.07 16.46 -5.39
CA ASN B 423 28.49 15.82 -6.57
C ASN B 423 29.46 15.92 -7.78
N LEU B 424 29.85 14.77 -8.37
CA LEU B 424 30.75 14.71 -9.53
C LEU B 424 30.01 14.46 -10.86
N ALA B 425 28.72 14.16 -10.84
CA ALA B 425 27.92 13.89 -12.05
C ALA B 425 27.72 15.12 -12.95
N GLN B 426 27.45 14.87 -14.24
CA GLN B 426 27.30 15.88 -15.30
C GLN B 426 25.98 16.66 -15.23
N GLU B 427 25.97 17.88 -15.78
CA GLU B 427 24.77 18.69 -16.01
C GLU B 427 23.85 18.04 -17.06
N PRO B 428 22.50 18.04 -16.91
CA PRO B 428 21.60 17.33 -17.81
C PRO B 428 21.73 17.69 -19.29
N SER B 429 22.00 16.69 -20.13
CA SER B 429 21.94 16.78 -21.60
C SER B 429 20.62 16.27 -22.21
N GLN B 430 19.72 15.73 -21.38
CA GLN B 430 18.39 15.26 -21.77
C GLN B 430 17.40 15.59 -20.65
N ARG B 431 16.63 16.67 -20.83
CA ARG B 431 15.63 17.16 -19.88
C ARG B 431 14.39 16.26 -19.89
N GLY B 432 14.43 15.17 -19.14
CA GLY B 432 13.28 14.34 -18.82
C GLY B 432 12.48 14.91 -17.65
N LEU B 433 11.16 14.87 -17.73
CA LEU B 433 10.23 15.26 -16.68
C LEU B 433 9.35 14.05 -16.35
N LEU B 434 9.32 13.66 -15.08
CA LEU B 434 8.34 12.71 -14.56
C LEU B 434 7.31 13.52 -13.77
N LEU B 435 6.02 13.33 -14.05
CA LEU B 435 4.95 14.06 -13.42
C LEU B 435 3.89 13.09 -12.90
N THR B 436 3.35 13.37 -11.71
CA THR B 436 2.60 12.38 -10.93
C THR B 436 1.31 12.97 -10.41
N GLY B 437 0.26 12.16 -10.47
CA GLY B 437 -1.04 12.47 -9.92
C GLY B 437 -1.25 11.78 -8.58
N HIS B 438 -2.05 12.42 -7.74
CA HIS B 438 -2.20 12.09 -6.33
C HIS B 438 -3.66 12.08 -5.90
N GLU B 439 -4.02 11.32 -4.86
CA GLU B 439 -5.39 11.24 -4.33
C GLU B 439 -6.03 12.61 -4.03
N ASP B 440 -5.23 13.63 -3.76
CA ASP B 440 -5.67 15.00 -3.45
C ASP B 440 -6.16 15.76 -4.68
N GLY B 441 -6.11 15.16 -5.86
CA GLY B 441 -6.44 15.82 -7.12
C GLY B 441 -5.38 16.83 -7.55
N THR B 442 -4.12 16.55 -7.23
CA THR B 442 -2.99 17.42 -7.57
C THR B 442 -2.01 16.70 -8.48
N VAL B 443 -1.41 17.43 -9.42
CA VAL B 443 -0.31 16.94 -10.25
C VAL B 443 0.98 17.62 -9.85
N ARG B 444 2.03 16.84 -9.59
CA ARG B 444 3.39 17.30 -9.27
C ARG B 444 4.35 17.00 -10.41
N PHE B 445 5.27 17.93 -10.66
CA PHE B 445 6.25 17.87 -11.74
C PHE B 445 7.64 17.63 -11.15
N TRP B 446 8.43 16.68 -11.65
CA TRP B 446 9.72 16.27 -11.08
C TRP B 446 10.84 16.17 -12.12
N ASP B 447 12.03 16.68 -11.80
CA ASP B 447 13.21 16.63 -12.66
C ASP B 447 13.78 15.21 -12.76
N ALA B 448 13.27 14.41 -13.67
CA ALA B 448 13.71 13.02 -13.84
C ALA B 448 15.10 12.87 -14.46
N SER B 449 15.74 13.93 -14.95
CA SER B 449 17.04 13.87 -15.61
C SER B 449 18.18 13.56 -14.62
N GLY B 450 19.12 12.71 -15.03
CA GLY B 450 20.30 12.38 -14.21
C GLY B 450 20.00 11.52 -12.97
N VAL B 451 20.66 11.82 -11.86
CA VAL B 451 20.75 10.93 -10.69
C VAL B 451 19.51 11.01 -9.77
N ALA B 452 18.86 12.16 -9.61
CA ALA B 452 17.81 12.36 -8.59
C ALA B 452 16.69 13.34 -9.01
N LEU B 453 15.47 13.15 -8.47
CA LEU B 453 14.32 14.05 -8.67
C LEU B 453 14.50 15.37 -7.92
N ARG B 454 13.89 16.44 -8.43
CA ARG B 454 13.63 17.71 -7.73
C ARG B 454 12.19 18.17 -8.02
N PRO B 455 11.41 18.68 -7.08
CA PRO B 455 10.06 19.16 -7.34
C PRO B 455 10.06 20.50 -8.08
N LEU B 456 9.42 20.57 -9.25
CA LEU B 456 9.32 21.78 -10.06
C LEU B 456 8.10 22.64 -9.73
N TYR B 457 6.91 22.04 -9.68
CA TYR B 457 5.60 22.71 -9.67
C TYR B 457 4.51 21.77 -9.13
N LYS B 458 3.36 22.32 -8.70
CA LYS B 458 2.21 21.58 -8.16
C LYS B 458 0.89 22.24 -8.61
N LEU B 459 0.11 21.54 -9.42
CA LEU B 459 -1.20 21.99 -9.92
C LEU B 459 -2.30 21.34 -9.08
N SER B 460 -3.26 22.11 -8.59
CA SER B 460 -4.44 21.58 -7.90
C SER B 460 -5.68 21.66 -8.78
N THR B 461 -6.18 20.48 -9.19
CA THR B 461 -7.47 20.34 -9.88
C THR B 461 -8.62 20.58 -8.91
N ALA B 462 -8.42 20.25 -7.63
CA ALA B 462 -9.42 20.29 -6.56
C ALA B 462 -10.11 21.65 -6.44
N GLY B 463 -9.43 22.74 -6.78
CA GLY B 463 -9.97 24.09 -6.78
C GLY B 463 -11.26 24.26 -7.61
N LEU B 464 -11.46 23.49 -8.68
CA LEU B 464 -12.67 23.59 -9.52
C LEU B 464 -13.95 23.12 -8.82
N PHE B 465 -13.87 22.07 -8.00
CA PHE B 465 -15.02 21.32 -7.51
C PHE B 465 -15.50 21.79 -6.13
N GLN B 466 -16.82 21.89 -5.95
CA GLN B 466 -17.42 22.22 -4.66
C GLN B 466 -17.24 21.08 -3.65
N THR B 467 -17.17 21.41 -2.36
CA THR B 467 -17.08 20.40 -1.28
C THR B 467 -18.45 19.79 -0.97
N ASP B 468 -18.61 18.48 -1.20
CA ASP B 468 -19.84 17.74 -0.85
C ASP B 468 -20.04 17.56 0.66
N CYS B 469 -18.95 17.57 1.42
CA CYS B 469 -18.93 17.42 2.88
C CYS B 469 -17.78 18.27 3.48
N GLU B 470 -17.90 18.62 4.76
CA GLU B 470 -17.03 19.59 5.44
C GLU B 470 -16.84 19.26 6.93
N HIS B 471 -15.77 19.76 7.53
CA HIS B 471 -15.47 19.54 8.95
C HIS B 471 -16.50 20.19 9.88
N ASP B 481 -2.53 30.77 22.10
CA ASP B 481 -2.56 29.31 22.02
C ASP B 481 -3.21 28.64 23.24
N ASP B 482 -3.60 27.37 23.08
CA ASP B 482 -4.14 26.51 24.15
C ASP B 482 -3.06 26.15 25.18
N TRP B 483 -3.39 25.30 26.16
CA TRP B 483 -2.44 24.80 27.16
C TRP B 483 -1.16 24.19 26.57
N PRO B 484 -1.21 23.18 25.68
CA PRO B 484 -0.06 22.81 24.88
C PRO B 484 0.18 23.90 23.82
N PRO B 485 1.36 24.52 23.76
CA PRO B 485 1.62 25.60 22.83
C PRO B 485 1.89 25.03 21.44
N PHE B 486 0.87 24.79 20.61
CA PHE B 486 1.03 23.92 19.44
C PHE B 486 1.25 24.74 18.16
N ARG B 487 2.21 24.29 17.36
CA ARG B 487 2.43 24.74 15.97
C ARG B 487 2.64 23.52 15.07
N LYS B 488 1.91 23.45 13.97
CA LYS B 488 1.81 22.26 13.11
C LYS B 488 2.86 22.38 12.00
N VAL B 489 3.61 21.31 11.76
CA VAL B 489 4.82 21.34 10.93
C VAL B 489 5.00 20.02 10.16
N GLY B 490 5.69 20.09 9.03
CA GLY B 490 5.83 18.98 8.07
C GLY B 490 4.81 19.08 6.93
N CYS B 491 5.21 18.73 5.71
CA CYS B 491 4.35 18.73 4.53
C CYS B 491 3.44 17.49 4.45
N PHE B 492 3.84 16.36 5.06
CA PHE B 492 3.08 15.12 4.99
C PHE B 492 1.68 15.27 5.58
N ASP B 493 0.64 14.83 4.88
CA ASP B 493 -0.76 14.88 5.33
C ASP B 493 -1.30 13.45 5.56
N PRO B 494 -1.79 13.11 6.76
CA PRO B 494 -2.35 11.81 7.08
C PRO B 494 -3.86 11.73 6.79
N TYR B 495 -4.46 12.76 6.20
CA TYR B 495 -5.89 12.80 5.86
C TYR B 495 -6.14 12.78 4.36
N SER B 496 -7.30 12.27 3.96
CA SER B 496 -7.78 12.24 2.57
C SER B 496 -8.85 13.31 2.36
N ASP B 497 -8.74 14.11 1.31
CA ASP B 497 -9.66 15.22 1.08
C ASP B 497 -11.03 14.74 0.59
N ASP B 498 -11.03 13.87 -0.42
CA ASP B 498 -12.19 13.26 -1.08
C ASP B 498 -11.72 12.04 -1.89
N PRO B 499 -12.42 10.90 -1.89
CA PRO B 499 -11.95 9.71 -2.59
C PRO B 499 -11.94 9.82 -4.11
N ARG B 500 -12.67 10.80 -4.69
CA ARG B 500 -12.85 10.90 -6.15
C ARG B 500 -12.30 12.16 -6.82
N LEU B 501 -11.54 12.96 -6.09
CA LEU B 501 -10.63 13.96 -6.66
C LEU B 501 -9.37 13.32 -7.27
N GLY B 502 -9.01 12.10 -6.91
CA GLY B 502 -7.75 11.45 -7.29
C GLY B 502 -7.54 11.29 -8.79
N VAL B 503 -6.31 11.49 -9.26
CA VAL B 503 -5.97 11.49 -10.69
C VAL B 503 -5.64 10.09 -11.19
N GLN B 504 -6.45 9.60 -12.10
CA GLN B 504 -6.45 8.26 -12.66
C GLN B 504 -5.44 8.10 -13.79
N LYS B 505 -5.30 9.12 -14.64
CA LYS B 505 -4.35 9.25 -15.76
C LYS B 505 -3.95 10.71 -15.98
N VAL B 506 -2.74 10.93 -16.50
CA VAL B 506 -2.19 12.22 -16.95
C VAL B 506 -1.54 12.04 -18.32
N ALA B 507 -1.67 13.01 -19.21
CA ALA B 507 -0.85 13.11 -20.40
C ALA B 507 -0.56 14.58 -20.76
N LEU B 508 0.62 14.85 -21.31
CA LEU B 508 1.16 16.18 -21.56
C LEU B 508 1.69 16.28 -22.99
N CYS B 509 1.37 17.38 -23.68
CA CYS B 509 1.75 17.64 -25.07
C CYS B 509 2.81 18.74 -25.15
N LYS B 510 4.08 18.35 -25.04
CA LYS B 510 5.26 19.25 -24.93
C LYS B 510 5.21 20.40 -25.92
N TYR B 511 5.01 20.07 -27.19
CA TYR B 511 5.11 20.95 -28.34
C TYR B 511 4.08 22.07 -28.41
N THR B 512 3.03 22.05 -27.58
CA THR B 512 2.05 23.14 -27.48
C THR B 512 1.52 23.37 -26.07
N ALA B 513 2.25 22.88 -25.05
CA ALA B 513 2.03 23.25 -23.65
C ALA B 513 0.58 23.05 -23.18
N GLN B 514 -0.01 21.92 -23.53
CA GLN B 514 -1.35 21.51 -23.10
C GLN B 514 -1.26 20.17 -22.39
N MET B 515 -2.05 20.01 -21.33
CA MET B 515 -2.08 18.81 -20.50
C MET B 515 -3.51 18.33 -20.29
N VAL B 516 -3.72 17.01 -20.28
CA VAL B 516 -4.98 16.37 -19.90
C VAL B 516 -4.81 15.56 -18.62
N VAL B 517 -5.75 15.70 -17.69
CA VAL B 517 -5.80 14.98 -16.41
C VAL B 517 -7.19 14.43 -16.19
N ALA B 518 -7.27 13.19 -15.70
CA ALA B 518 -8.51 12.44 -15.65
C ALA B 518 -8.73 11.82 -14.27
N GLY B 519 -9.95 11.82 -13.74
CA GLY B 519 -10.24 11.54 -12.33
C GLY B 519 -11.18 10.36 -12.05
N THR B 520 -11.45 10.08 -10.77
CA THR B 520 -12.19 8.88 -10.35
C THR B 520 -13.69 9.00 -10.55
N ALA B 521 -14.26 10.22 -10.59
CA ALA B 521 -15.68 10.48 -10.81
C ALA B 521 -15.95 10.94 -12.24
N GLY B 522 -15.28 10.32 -13.22
CA GLY B 522 -15.54 10.56 -14.63
C GLY B 522 -15.17 11.96 -15.14
N GLN B 523 -14.52 12.80 -14.32
CA GLN B 523 -14.02 14.10 -14.74
C GLN B 523 -12.77 13.96 -15.60
N VAL B 524 -12.64 14.81 -16.62
CA VAL B 524 -11.44 14.97 -17.42
C VAL B 524 -11.25 16.45 -17.70
N LEU B 525 -10.10 16.99 -17.33
CA LEU B 525 -9.74 18.38 -17.60
C LEU B 525 -8.63 18.40 -18.65
N VAL B 526 -8.79 19.29 -19.63
CA VAL B 526 -7.69 19.75 -20.47
C VAL B 526 -7.30 21.15 -20.05
N LEU B 527 -6.01 21.40 -19.88
CA LEU B 527 -5.45 22.64 -19.35
C LEU B 527 -4.38 23.19 -20.29
N GLU B 528 -4.42 24.49 -20.50
CA GLU B 528 -3.38 25.27 -21.16
C GLU B 528 -2.33 25.72 -20.14
N LEU B 529 -1.03 25.71 -20.48
CA LEU B 529 -0.02 26.42 -19.70
C LEU B 529 -0.03 27.92 -20.04
N SER B 530 -0.38 28.74 -19.07
CA SER B 530 -0.50 30.19 -19.20
C SER B 530 0.15 30.81 -17.99
N ASP B 531 1.39 31.28 -18.15
CA ASP B 531 2.24 31.82 -17.08
C ASP B 531 1.83 33.24 -16.65
N VAL B 532 0.52 33.46 -16.46
CA VAL B 532 -0.10 34.70 -16.01
C VAL B 532 -1.29 34.39 -15.10
N PRO B 533 -1.49 35.07 -13.96
CA PRO B 533 -2.67 34.91 -13.14
C PRO B 533 -3.86 35.57 -13.83
N VAL B 534 -4.99 34.87 -13.94
CA VAL B 534 -6.20 35.39 -14.58
C VAL B 534 -7.45 34.74 -14.00
N GLU B 535 -8.59 35.41 -14.14
CA GLU B 535 -9.89 34.93 -13.68
C GLU B 535 -10.78 34.56 -14.87
N GLN B 536 -11.26 33.32 -14.90
CA GLN B 536 -12.10 32.78 -15.98
C GLN B 536 -13.07 31.72 -15.45
N ALA B 537 -14.17 31.49 -16.18
CA ALA B 537 -15.08 30.37 -15.96
C ALA B 537 -14.86 29.30 -17.02
N VAL B 538 -14.65 28.03 -16.64
CA VAL B 538 -14.52 26.93 -17.61
C VAL B 538 -15.82 26.73 -18.39
N SER B 539 -15.73 26.03 -19.51
CA SER B 539 -16.89 25.39 -20.13
C SER B 539 -16.85 23.93 -19.73
N VAL B 540 -17.97 23.41 -19.25
CA VAL B 540 -18.15 22.00 -18.86
C VAL B 540 -19.09 21.31 -19.82
N ALA B 541 -18.73 20.11 -20.23
CA ALA B 541 -19.57 19.23 -21.02
C ALA B 541 -19.76 17.89 -20.31
N ILE B 542 -20.89 17.24 -20.54
CA ILE B 542 -21.18 15.90 -20.05
C ILE B 542 -21.56 15.00 -21.23
N ILE B 543 -21.10 13.76 -21.20
CA ILE B 543 -21.31 12.80 -22.28
C ILE B 543 -21.83 11.50 -21.69
N ASP B 544 -22.83 10.94 -22.34
CA ASP B 544 -23.54 9.76 -21.89
C ASP B 544 -23.05 8.56 -22.70
N LEU B 545 -22.35 7.60 -22.08
CA LEU B 545 -21.80 6.45 -22.80
C LEU B 545 -22.93 5.53 -23.30
N LEU B 546 -23.87 5.22 -22.42
CA LEU B 546 -25.15 4.58 -22.72
C LEU B 546 -26.23 5.67 -22.88
N GLN B 547 -26.23 6.34 -24.03
CA GLN B 547 -27.25 7.33 -24.41
C GLN B 547 -28.46 6.67 -25.06
N ASP B 548 -28.24 5.86 -26.09
CA ASP B 548 -29.27 5.07 -26.77
C ASP B 548 -29.53 3.75 -26.04
N ARG B 549 -28.50 3.13 -25.47
CA ARG B 549 -28.63 1.94 -24.62
C ARG B 549 -29.42 2.25 -23.35
N GLU B 550 -30.28 1.33 -22.94
CA GLU B 550 -31.12 1.44 -21.75
C GLU B 550 -30.31 1.62 -20.46
N GLY B 551 -30.85 2.36 -19.50
CA GLY B 551 -30.14 2.72 -18.28
C GLY B 551 -30.11 1.63 -17.21
N PHE B 552 -28.94 1.01 -17.01
CA PHE B 552 -28.60 0.42 -15.71
C PHE B 552 -28.53 1.52 -14.65
N THR B 553 -28.83 1.23 -13.38
CA THR B 553 -28.95 2.27 -12.34
C THR B 553 -27.65 2.49 -11.58
N TRP B 554 -26.95 3.61 -11.80
CA TRP B 554 -25.72 3.95 -11.07
C TRP B 554 -25.99 4.45 -9.65
N LYS B 555 -25.71 3.61 -8.65
CA LYS B 555 -25.78 3.93 -7.21
C LYS B 555 -24.39 4.19 -6.58
N GLY B 556 -23.33 4.20 -7.37
CA GLY B 556 -21.96 4.46 -6.93
C GLY B 556 -21.66 5.94 -6.68
N HIS B 557 -20.41 6.36 -6.87
CA HIS B 557 -19.96 7.75 -6.70
C HIS B 557 -20.92 8.75 -7.35
N GLU B 558 -21.52 9.65 -6.58
CA GLU B 558 -22.24 10.77 -7.15
C GLU B 558 -21.25 11.78 -7.74
N ARG B 559 -21.58 12.37 -8.89
CA ARG B 559 -20.67 13.26 -9.61
C ARG B 559 -20.35 14.55 -8.84
N LEU B 560 -19.11 15.01 -8.96
CA LEU B 560 -18.67 16.30 -8.47
C LEU B 560 -19.38 17.42 -9.22
N SER B 561 -19.70 18.52 -8.54
CA SER B 561 -20.26 19.70 -9.17
C SER B 561 -19.16 20.78 -9.30
N PRO B 562 -18.82 21.22 -10.51
CA PRO B 562 -17.88 22.32 -10.71
C PRO B 562 -18.48 23.62 -10.19
N ARG B 563 -17.69 24.46 -9.54
CA ARG B 563 -18.16 25.76 -9.03
C ARG B 563 -18.48 26.67 -10.21
N THR B 564 -19.70 27.20 -10.26
CA THR B 564 -20.20 28.05 -11.35
C THR B 564 -19.66 29.48 -11.26
N GLY B 565 -19.78 30.25 -12.33
CA GLY B 565 -19.21 31.60 -12.45
C GLY B 565 -17.68 31.63 -12.57
N PRO B 566 -17.08 32.82 -12.66
CA PRO B 566 -15.64 32.98 -12.82
C PRO B 566 -14.86 32.57 -11.58
N LEU B 567 -13.68 32.00 -11.79
CA LEU B 567 -12.76 31.55 -10.74
C LEU B 567 -11.35 32.13 -10.99
N PRO B 568 -10.65 32.65 -9.97
CA PRO B 568 -9.26 33.04 -10.11
C PRO B 568 -8.36 31.80 -10.22
N TRP B 569 -7.42 31.81 -11.16
CA TRP B 569 -6.44 30.75 -11.40
C TRP B 569 -5.00 31.27 -11.31
N PRO B 570 -4.03 30.45 -10.87
CA PRO B 570 -2.62 30.82 -10.75
C PRO B 570 -1.93 30.87 -12.10
N ALA B 571 -0.82 31.60 -12.20
CA ALA B 571 0.09 31.45 -13.34
C ALA B 571 0.63 30.01 -13.39
N GLY B 572 0.40 29.31 -14.49
CA GLY B 572 0.67 27.88 -14.61
C GLY B 572 -0.37 27.19 -15.49
N PHE B 573 -0.64 25.90 -15.28
CA PHE B 573 -1.71 25.21 -16.01
C PHE B 573 -3.09 25.68 -15.55
N GLN B 574 -3.95 26.06 -16.50
CA GLN B 574 -5.31 26.55 -16.27
C GLN B 574 -6.29 25.82 -17.18
N PRO B 575 -7.47 25.41 -16.69
CA PRO B 575 -8.34 24.52 -17.44
C PRO B 575 -9.00 25.23 -18.62
N ARG B 576 -8.86 24.66 -19.82
CA ARG B 576 -9.61 25.10 -21.00
C ARG B 576 -11.08 24.77 -20.85
N VAL B 577 -11.36 23.49 -20.62
CA VAL B 577 -12.70 22.90 -20.53
C VAL B 577 -12.67 21.67 -19.63
N LEU B 578 -13.81 21.35 -19.02
CA LEU B 578 -14.06 20.13 -18.28
C LEU B 578 -14.97 19.23 -19.09
N VAL B 579 -14.71 17.93 -19.07
CA VAL B 579 -15.65 16.93 -19.56
C VAL B 579 -15.97 15.93 -18.47
N GLN B 580 -17.21 15.46 -18.44
CA GLN B 580 -17.80 14.61 -17.41
C GLN B 580 -18.44 13.37 -18.07
N CYS B 581 -18.32 12.18 -17.45
CA CYS B 581 -18.98 10.96 -17.94
C CYS B 581 -20.27 10.67 -17.15
N LEU B 582 -21.32 10.16 -17.81
CA LEU B 582 -22.62 9.86 -17.19
C LEU B 582 -22.50 8.98 -15.95
N PRO B 583 -22.01 7.73 -16.01
CA PRO B 583 -21.56 7.01 -14.84
C PRO B 583 -20.21 7.60 -14.38
N PRO B 584 -20.10 8.16 -13.18
CA PRO B 584 -18.83 8.63 -12.62
C PRO B 584 -17.87 7.49 -12.26
N ALA B 585 -17.52 6.63 -13.23
CA ALA B 585 -16.52 5.60 -13.07
C ALA B 585 -15.10 6.16 -13.20
N ALA B 586 -14.11 5.40 -12.76
CA ALA B 586 -12.71 5.77 -12.93
C ALA B 586 -12.36 5.88 -14.42
N VAL B 587 -11.76 6.99 -14.84
CA VAL B 587 -11.34 7.18 -16.24
C VAL B 587 -10.09 6.36 -16.49
N THR B 588 -10.28 5.11 -16.90
CA THR B 588 -9.24 4.11 -17.11
C THR B 588 -8.29 4.45 -18.25
N ALA B 589 -8.70 5.26 -19.23
CA ALA B 589 -7.85 5.73 -20.30
C ALA B 589 -8.18 7.16 -20.72
N VAL B 590 -7.17 7.93 -21.14
CA VAL B 590 -7.32 9.25 -21.75
C VAL B 590 -6.15 9.52 -22.69
N THR B 591 -6.37 10.22 -23.80
CA THR B 591 -5.29 10.74 -24.67
C THR B 591 -5.74 11.97 -25.43
N LEU B 592 -4.80 12.78 -25.92
CA LEU B 592 -5.08 13.93 -26.75
C LEU B 592 -4.24 13.93 -28.03
N HIS B 593 -4.75 14.54 -29.09
CA HIS B 593 -4.02 14.73 -30.34
C HIS B 593 -4.17 16.17 -30.77
N THR B 594 -3.30 17.02 -30.23
CA THR B 594 -3.53 18.45 -30.14
C THR B 594 -3.63 19.15 -31.49
N GLU B 595 -2.96 18.66 -32.55
CA GLU B 595 -3.12 19.21 -33.91
C GLU B 595 -4.58 19.24 -34.38
N TRP B 596 -5.27 18.11 -34.20
CA TRP B 596 -6.69 17.89 -34.46
C TRP B 596 -7.59 18.60 -33.45
N SER B 597 -7.07 18.93 -32.26
CA SER B 597 -7.72 19.50 -31.08
C SER B 597 -8.70 18.56 -30.41
N LEU B 598 -8.43 17.26 -30.48
CA LEU B 598 -9.27 16.24 -29.87
C LEU B 598 -8.68 15.76 -28.55
N VAL B 599 -9.56 15.30 -27.66
CA VAL B 599 -9.27 14.42 -26.53
C VAL B 599 -10.23 13.26 -26.57
N ALA B 600 -9.75 12.09 -26.23
CA ALA B 600 -10.52 10.88 -26.02
C ALA B 600 -10.47 10.52 -24.55
N PHE B 601 -11.55 10.00 -24.00
CA PHE B 601 -11.59 9.52 -22.62
C PHE B 601 -12.41 8.25 -22.53
N GLY B 602 -12.06 7.38 -21.61
CA GLY B 602 -12.62 6.05 -21.53
C GLY B 602 -12.63 5.54 -20.11
N THR B 603 -13.70 4.84 -19.77
CA THR B 603 -14.05 4.46 -18.41
C THR B 603 -14.15 2.94 -18.26
N SER B 604 -14.70 2.48 -17.14
CA SER B 604 -15.11 1.08 -16.98
C SER B 604 -16.27 0.66 -17.90
N HIS B 605 -16.98 1.60 -18.55
CA HIS B 605 -18.25 1.34 -19.24
C HIS B 605 -18.31 1.79 -20.70
N GLY B 606 -17.46 2.74 -21.10
CA GLY B 606 -17.49 3.29 -22.45
C GLY B 606 -16.53 4.46 -22.63
N PHE B 607 -16.41 4.91 -23.88
CA PHE B 607 -15.50 5.98 -24.28
C PHE B 607 -16.17 7.00 -25.18
N GLY B 608 -15.58 8.19 -25.26
CA GLY B 608 -16.02 9.26 -26.16
C GLY B 608 -14.86 10.10 -26.65
N LEU B 609 -15.15 10.96 -27.62
CA LEU B 609 -14.22 11.93 -28.21
C LEU B 609 -14.80 13.31 -28.01
N PHE B 610 -13.95 14.29 -27.77
CA PHE B 610 -14.35 15.67 -27.61
C PHE B 610 -13.39 16.58 -28.35
N ASP B 611 -13.89 17.61 -29.04
CA ASP B 611 -13.05 18.64 -29.64
C ASP B 611 -13.07 19.89 -28.75
N TYR B 612 -11.91 20.36 -28.27
CA TYR B 612 -11.90 21.56 -27.44
C TYR B 612 -11.98 22.86 -28.24
N GLN B 613 -11.75 22.86 -29.55
CA GLN B 613 -11.77 24.10 -30.34
C GLN B 613 -13.21 24.63 -30.54
N ARG B 614 -14.12 23.75 -30.97
CA ARG B 614 -15.58 23.94 -31.00
C ARG B 614 -16.21 22.90 -30.07
N LYS B 615 -16.87 23.36 -29.01
CA LYS B 615 -17.13 22.62 -27.75
C LYS B 615 -18.04 21.39 -27.84
N SER B 616 -18.54 20.99 -29.01
CA SER B 616 -19.47 19.86 -29.16
C SER B 616 -18.75 18.50 -29.03
N PRO B 617 -19.36 17.48 -28.39
CA PRO B 617 -18.80 16.14 -28.35
C PRO B 617 -18.81 15.51 -29.73
N VAL B 618 -17.79 14.73 -30.04
CA VAL B 618 -17.65 14.07 -31.35
C VAL B 618 -18.39 12.75 -31.36
N LEU B 619 -18.22 11.93 -30.33
CA LEU B 619 -18.98 10.69 -30.13
C LEU B 619 -18.94 10.26 -28.68
N ALA B 620 -19.84 9.34 -28.31
CA ALA B 620 -19.71 8.49 -27.15
C ALA B 620 -20.25 7.09 -27.46
N ARG B 621 -19.68 6.05 -26.87
CA ARG B 621 -20.07 4.66 -27.07
C ARG B 621 -19.96 3.86 -25.77
N CYS B 622 -20.97 3.06 -25.47
CA CYS B 622 -20.93 2.05 -24.42
C CYS B 622 -20.35 0.74 -24.97
N THR B 623 -19.55 0.04 -24.17
CA THR B 623 -18.94 -1.25 -24.55
C THR B 623 -19.08 -2.33 -23.48
N LEU B 624 -20.00 -2.15 -22.53
CA LEU B 624 -20.42 -3.20 -21.61
C LEU B 624 -21.10 -4.34 -22.36
N HIS B 625 -21.05 -5.54 -21.79
CA HIS B 625 -21.95 -6.63 -22.18
C HIS B 625 -23.40 -6.26 -21.78
N PRO B 626 -24.45 -6.72 -22.49
CA PRO B 626 -25.83 -6.30 -22.20
C PRO B 626 -26.39 -6.72 -20.82
N ASN B 627 -25.63 -7.49 -20.05
CA ASN B 627 -25.79 -7.68 -18.61
C ASN B 627 -24.40 -7.61 -17.96
N ASP B 628 -24.32 -7.33 -16.66
CA ASP B 628 -23.06 -7.06 -15.95
C ASP B 628 -23.13 -7.43 -14.45
N SER B 629 -21.97 -7.44 -13.79
CA SER B 629 -21.83 -7.71 -12.35
C SER B 629 -21.07 -6.60 -11.64
N LEU B 630 -19.79 -6.40 -11.97
CA LEU B 630 -18.90 -5.42 -11.36
C LEU B 630 -19.11 -4.02 -11.97
N ALA B 631 -20.35 -3.52 -11.93
CA ALA B 631 -20.72 -2.17 -12.37
C ALA B 631 -21.99 -1.69 -11.65
N MET B 632 -22.28 -0.37 -11.70
CA MET B 632 -23.51 0.24 -11.16
C MET B 632 -23.72 -0.07 -9.66
N GLU B 633 -22.70 0.20 -8.85
CA GLU B 633 -22.63 -0.24 -7.45
C GLU B 633 -21.86 0.74 -6.55
N GLY B 634 -22.12 0.66 -5.24
CA GLY B 634 -21.37 1.40 -4.22
C GLY B 634 -19.96 0.83 -3.96
N PRO B 635 -19.16 1.47 -3.10
CA PRO B 635 -17.78 1.06 -2.85
C PRO B 635 -17.60 -0.24 -2.06
N LEU B 636 -18.66 -0.72 -1.40
CA LEU B 636 -18.76 -2.00 -0.70
C LEU B 636 -19.77 -2.88 -1.44
N SER B 637 -19.46 -4.13 -1.74
CA SER B 637 -20.45 -5.05 -2.36
C SER B 637 -20.14 -6.51 -2.09
N ARG B 638 -21.18 -7.35 -2.14
CA ARG B 638 -21.11 -8.79 -1.80
C ARG B 638 -20.43 -9.65 -2.88
N VAL B 639 -20.56 -9.22 -4.13
CA VAL B 639 -20.22 -10.00 -5.34
C VAL B 639 -18.71 -10.15 -5.58
N LYS B 640 -17.88 -9.19 -5.14
CA LYS B 640 -16.45 -9.22 -5.44
C LYS B 640 -15.75 -10.37 -4.72
N SER B 641 -15.24 -11.30 -5.52
CA SER B 641 -14.50 -12.50 -5.10
C SER B 641 -13.02 -12.32 -5.42
N LEU B 642 -12.15 -12.55 -4.44
CA LEU B 642 -10.73 -12.22 -4.54
C LEU B 642 -9.93 -13.47 -4.89
N LYS B 643 -9.22 -13.45 -6.01
CA LYS B 643 -8.41 -14.57 -6.51
C LYS B 643 -7.34 -14.98 -5.50
N LYS B 644 -7.33 -16.27 -5.14
CA LYS B 644 -6.62 -16.84 -4.00
C LYS B 644 -5.09 -16.86 -4.16
N SER B 645 -4.38 -16.59 -3.08
CA SER B 645 -2.92 -16.71 -3.00
C SER B 645 -2.40 -18.14 -3.14
N LEU B 646 -1.13 -18.30 -3.56
CA LEU B 646 -0.45 -19.60 -3.66
C LEU B 646 0.78 -19.74 -2.74
N ARG B 647 1.04 -18.77 -1.86
CA ARG B 647 2.23 -18.73 -1.00
C ARG B 647 2.20 -19.82 0.08
N GLN B 648 3.29 -20.00 0.83
CA GLN B 648 3.29 -20.82 2.06
C GLN B 648 2.91 -20.02 3.31
N PHE B 650 -0.17 -17.00 3.97
CA PHE B 650 -1.49 -16.71 3.36
C PHE B 650 -2.48 -17.89 3.17
N ARG B 651 -2.14 -19.13 3.51
CA ARG B 651 -3.05 -20.30 3.51
C ARG B 651 -2.80 -21.25 4.68
N ARG B 652 -3.83 -22.00 5.06
CA ARG B 652 -3.79 -23.04 6.12
C ARG B 652 -3.02 -24.29 5.69
N ILE B 653 -2.16 -24.79 6.56
CA ILE B 653 -1.35 -26.00 6.36
C ILE B 653 -2.19 -27.27 6.60
N THR B 690 -0.31 -29.87 1.39
CA THR B 690 -1.16 -28.67 1.47
C THR B 690 -1.56 -28.19 0.06
N PRO B 691 -2.62 -28.74 -0.54
CA PRO B 691 -3.08 -28.38 -1.89
C PRO B 691 -4.07 -27.20 -1.91
N VAL B 692 -4.12 -26.46 -3.02
CA VAL B 692 -5.17 -25.47 -3.34
C VAL B 692 -5.60 -25.58 -4.80
N GLN B 693 -6.88 -25.34 -5.09
CA GLN B 693 -7.43 -25.42 -6.44
C GLN B 693 -7.28 -24.10 -7.20
N ARG B 694 -6.92 -24.21 -8.48
CA ARG B 694 -7.20 -23.22 -9.53
C ARG B 694 -7.89 -23.93 -10.69
N ARG B 695 -8.88 -23.30 -11.30
CA ARG B 695 -9.59 -23.84 -12.48
C ARG B 695 -8.84 -23.52 -13.78
N ILE B 696 -9.22 -24.19 -14.86
CA ILE B 696 -8.70 -23.93 -16.21
C ILE B 696 -9.85 -23.92 -17.19
N GLU B 697 -9.89 -22.92 -18.06
CA GLU B 697 -11.11 -22.49 -18.74
C GLU B 697 -10.78 -21.52 -19.88
N PRO B 698 -11.37 -21.64 -21.08
CA PRO B 698 -11.25 -20.61 -22.12
C PRO B 698 -12.00 -19.32 -21.72
N ARG B 699 -11.45 -18.15 -22.04
CA ARG B 699 -12.11 -16.86 -21.75
C ARG B 699 -13.49 -16.74 -22.41
N SER B 700 -14.36 -15.89 -21.88
CA SER B 700 -15.73 -15.69 -22.38
C SER B 700 -16.25 -14.25 -22.23
N ALA B 701 -17.29 -13.90 -22.98
CA ALA B 701 -17.80 -12.55 -23.17
C ALA B 701 -18.31 -11.84 -21.89
N ASP B 702 -18.46 -12.56 -20.78
CA ASP B 702 -18.92 -12.03 -19.49
C ASP B 702 -18.12 -12.63 -18.32
N ASP B 703 -16.85 -13.00 -18.52
CA ASP B 703 -16.03 -13.66 -17.49
C ASP B 703 -15.43 -12.71 -16.43
N SER B 704 -15.53 -11.40 -16.66
CA SER B 704 -14.83 -10.34 -15.93
C SER B 704 -15.46 -8.99 -16.26
N LEU B 705 -14.97 -7.90 -15.67
CA LEU B 705 -15.36 -6.53 -16.05
C LEU B 705 -14.91 -6.24 -17.49
N SER B 706 -15.73 -6.61 -18.46
CA SER B 706 -15.33 -6.74 -19.87
C SER B 706 -15.50 -5.46 -20.70
N GLY B 707 -16.18 -4.45 -20.15
CA GLY B 707 -16.42 -3.15 -20.81
C GLY B 707 -15.41 -2.05 -20.46
N VAL B 708 -14.37 -2.37 -19.69
CA VAL B 708 -13.31 -1.40 -19.36
C VAL B 708 -12.53 -1.03 -20.61
N VAL B 709 -12.26 0.27 -20.79
CA VAL B 709 -11.53 0.82 -21.94
C VAL B 709 -10.07 1.04 -21.58
N ARG B 710 -9.15 0.25 -22.17
CA ARG B 710 -7.71 0.28 -21.84
C ARG B 710 -6.87 1.20 -22.72
N CYS B 711 -7.20 1.30 -24.01
CA CYS B 711 -6.45 2.08 -25.00
C CYS B 711 -7.35 3.16 -25.62
N LEU B 712 -6.77 4.31 -25.93
CA LEU B 712 -7.37 5.36 -26.73
C LEU B 712 -6.25 5.98 -27.56
N TYR B 713 -6.21 5.74 -28.85
CA TYR B 713 -5.03 6.02 -29.68
C TYR B 713 -5.41 6.75 -30.95
N PHE B 714 -4.60 7.71 -31.39
CA PHE B 714 -4.82 8.49 -32.62
C PHE B 714 -3.75 8.19 -33.65
N ALA B 715 -4.13 8.07 -34.93
CA ALA B 715 -3.22 7.71 -36.00
C ALA B 715 -3.67 8.26 -37.38
N ASP B 716 -2.73 8.51 -38.29
CA ASP B 716 -2.97 9.02 -39.64
C ASP B 716 -2.51 7.98 -40.67
N THR B 717 -3.45 7.17 -41.15
CA THR B 717 -3.20 5.81 -41.60
C THR B 717 -4.25 5.28 -42.56
N PHE B 718 -3.95 4.26 -43.35
CA PHE B 718 -4.82 3.87 -44.45
C PHE B 718 -5.70 2.72 -43.96
N LEU B 719 -6.89 3.09 -43.48
CA LEU B 719 -7.89 2.23 -42.84
C LEU B 719 -9.09 1.96 -43.75
N ARG B 720 -9.59 2.99 -44.44
CA ARG B 720 -10.66 2.88 -45.45
C ARG B 720 -10.14 2.20 -46.70
N ASP B 721 -9.06 2.76 -47.25
CA ASP B 721 -8.46 2.46 -48.54
C ASP B 721 -6.99 2.95 -48.56
N GLY B 722 -6.15 2.36 -49.40
CA GLY B 722 -4.71 2.71 -49.50
C GLY B 722 -4.38 4.06 -50.14
N ALA B 723 -5.33 4.76 -50.78
CA ALA B 723 -5.05 6.02 -51.44
C ALA B 723 -4.92 7.20 -50.47
N HIS B 724 -5.87 7.35 -49.54
CA HIS B 724 -6.01 8.56 -48.70
C HIS B 724 -5.59 8.31 -47.26
N HIS B 725 -4.75 9.20 -46.74
CA HIS B 725 -4.16 9.08 -45.41
C HIS B 725 -5.03 9.96 -44.53
N GLY B 726 -5.97 9.27 -43.92
CA GLY B 726 -7.06 9.83 -43.16
C GLY B 726 -6.73 9.75 -41.68
N PRO B 727 -7.29 10.62 -40.83
CA PRO B 727 -6.93 10.62 -39.42
C PRO B 727 -8.01 9.85 -38.68
N THR B 728 -7.57 9.03 -37.75
CA THR B 728 -8.32 7.89 -37.19
C THR B 728 -8.03 7.75 -35.71
N MET B 729 -8.99 7.19 -34.99
CA MET B 729 -8.85 6.92 -33.57
C MET B 729 -9.25 5.49 -33.27
N TRP B 730 -8.57 4.87 -32.32
CA TRP B 730 -8.68 3.48 -31.96
C TRP B 730 -9.02 3.36 -30.48
N ALA B 731 -10.14 2.75 -30.14
CA ALA B 731 -10.41 2.31 -28.78
C ALA B 731 -9.89 0.89 -28.54
N GLY B 732 -9.76 0.49 -27.28
CA GLY B 732 -9.41 -0.89 -26.93
C GLY B 732 -10.05 -1.29 -25.61
N THR B 733 -10.50 -2.54 -25.49
CA THR B 733 -11.40 -2.97 -24.41
C THR B 733 -10.99 -4.31 -23.79
N ASN B 734 -11.42 -4.55 -22.56
CA ASN B 734 -11.23 -5.84 -21.89
C ASN B 734 -11.85 -7.02 -22.63
N SER B 735 -12.90 -6.77 -23.42
CA SER B 735 -13.51 -7.78 -24.31
C SER B 735 -12.60 -8.23 -25.45
N GLY B 736 -11.52 -7.51 -25.78
CA GLY B 736 -10.75 -7.74 -27.01
C GLY B 736 -11.39 -7.14 -28.25
N SER B 737 -12.27 -6.15 -28.10
CA SER B 737 -12.89 -5.37 -29.18
C SER B 737 -12.14 -4.07 -29.40
N VAL B 738 -11.74 -3.85 -30.64
CA VAL B 738 -10.94 -2.73 -31.12
C VAL B 738 -11.77 -1.97 -32.14
N PHE B 739 -12.56 -1.02 -31.65
CA PHE B 739 -13.28 -0.09 -32.53
C PHE B 739 -12.34 0.97 -33.10
N ALA B 740 -11.86 0.78 -34.32
CA ALA B 740 -11.23 1.84 -35.10
C ALA B 740 -12.28 2.77 -35.68
N TYR B 741 -12.02 4.07 -35.72
CA TYR B 741 -12.90 5.09 -36.26
C TYR B 741 -12.13 5.96 -37.22
N ALA B 742 -12.74 6.35 -38.34
CA ALA B 742 -12.24 7.42 -39.20
C ALA B 742 -12.82 8.75 -38.75
N LEU B 743 -12.05 9.84 -38.88
CA LEU B 743 -12.39 11.19 -38.47
C LEU B 743 -12.33 12.17 -39.65
N GLU B 744 -13.17 13.18 -39.65
CA GLU B 744 -13.17 14.24 -40.67
C GLU B 744 -12.86 15.61 -40.04
N VAL B 745 -11.58 15.91 -39.82
CA VAL B 745 -11.13 17.19 -39.26
C VAL B 745 -11.34 18.33 -40.28
N PRO B 746 -11.85 19.51 -39.89
CA PRO B 746 -12.19 20.57 -40.83
C PRO B 746 -10.98 21.36 -41.35
N ALA B 747 -10.26 22.08 -40.49
CA ALA B 747 -9.10 22.90 -40.84
C ALA B 747 -8.21 23.20 -39.63
N GLU B 757 -17.90 26.97 -38.22
CA GLU B 757 -18.90 26.71 -39.26
C GLU B 757 -19.21 25.20 -39.40
N GLN B 758 -18.25 24.35 -39.03
CA GLN B 758 -18.32 22.89 -39.09
C GLN B 758 -17.43 22.27 -38.01
N ALA B 759 -17.69 21.02 -37.67
CA ALA B 759 -17.01 20.30 -36.58
C ALA B 759 -16.67 18.87 -37.00
N VAL B 760 -15.78 18.21 -36.25
CA VAL B 760 -15.29 16.86 -36.54
C VAL B 760 -16.42 15.84 -36.52
N GLU B 761 -16.46 15.00 -37.54
CA GLU B 761 -17.38 13.87 -37.66
C GLU B 761 -16.59 12.56 -37.60
N ALA B 762 -17.19 11.53 -37.01
CA ALA B 762 -16.56 10.23 -36.82
C ALA B 762 -17.46 9.09 -37.28
N VAL B 763 -16.89 8.07 -37.93
CA VAL B 763 -17.60 6.88 -38.41
C VAL B 763 -16.78 5.63 -38.14
N LEU B 764 -17.41 4.50 -37.83
CA LEU B 764 -16.71 3.28 -37.46
C LEU B 764 -16.03 2.68 -38.70
N GLY B 765 -14.74 2.38 -38.59
CA GLY B 765 -13.99 1.56 -39.54
C GLY B 765 -14.25 0.08 -39.28
N LYS B 766 -13.22 -0.76 -39.37
CA LYS B 766 -13.30 -2.17 -38.98
C LYS B 766 -13.16 -2.35 -37.47
N GLU B 767 -14.23 -2.79 -36.81
CA GLU B 767 -14.12 -3.48 -35.51
C GLU B 767 -13.22 -4.69 -35.73
N VAL B 768 -12.10 -4.77 -35.01
CA VAL B 768 -11.27 -5.97 -34.99
C VAL B 768 -11.58 -6.69 -33.70
N GLN B 769 -11.89 -7.97 -33.80
CA GLN B 769 -12.23 -8.83 -32.68
C GLN B 769 -11.18 -9.94 -32.57
N LEU B 770 -10.48 -9.99 -31.45
CA LEU B 770 -9.38 -10.92 -31.22
C LEU B 770 -9.86 -12.37 -31.14
N MET B 771 -8.98 -13.31 -31.52
CA MET B 771 -9.24 -14.76 -31.53
C MET B 771 -9.26 -15.41 -30.13
N HIS B 772 -8.74 -14.72 -29.12
CA HIS B 772 -8.63 -15.20 -27.73
C HIS B 772 -9.28 -14.30 -26.67
N ARG B 773 -9.94 -13.20 -27.06
CA ARG B 773 -10.63 -12.22 -26.18
C ARG B 773 -9.80 -11.59 -25.05
N ALA B 774 -8.50 -11.85 -24.95
CA ALA B 774 -7.63 -11.27 -23.93
C ALA B 774 -7.61 -9.73 -24.05
N PRO B 775 -7.65 -8.96 -22.95
CA PRO B 775 -7.69 -7.50 -23.00
C PRO B 775 -6.56 -6.89 -23.84
N VAL B 776 -6.86 -5.94 -24.72
CA VAL B 776 -5.83 -5.16 -25.42
C VAL B 776 -5.22 -4.12 -24.48
N VAL B 777 -3.90 -4.10 -24.35
CA VAL B 777 -3.16 -3.21 -23.44
C VAL B 777 -2.51 -2.02 -24.14
N ALA B 778 -2.14 -2.15 -25.41
CA ALA B 778 -1.58 -1.08 -26.23
C ALA B 778 -1.83 -1.31 -27.73
N ILE B 779 -1.95 -0.22 -28.47
CA ILE B 779 -2.08 -0.21 -29.93
C ILE B 779 -1.04 0.78 -30.48
N ALA B 780 -0.28 0.38 -31.50
CA ALA B 780 0.72 1.21 -32.15
C ALA B 780 0.72 0.96 -33.66
N VAL B 781 0.68 2.00 -34.49
CA VAL B 781 0.68 1.83 -35.95
C VAL B 781 2.08 2.09 -36.47
N LEU B 782 2.61 1.12 -37.23
CA LEU B 782 3.94 1.10 -37.81
C LEU B 782 3.86 1.60 -39.25
N ASP B 783 4.67 2.59 -39.59
CA ASP B 783 4.44 3.49 -40.71
C ASP B 783 4.76 2.94 -42.11
N GLY B 784 5.21 1.70 -42.24
CA GLY B 784 5.68 1.14 -43.51
C GLY B 784 7.20 1.22 -43.71
N ARG B 785 7.91 2.00 -42.88
CA ARG B 785 9.36 1.87 -42.66
C ARG B 785 9.72 1.02 -41.42
N GLY B 786 8.72 0.43 -40.76
CA GLY B 786 8.87 -0.26 -39.48
C GLY B 786 9.03 0.69 -38.28
N ARG B 787 8.80 2.00 -38.45
CA ARG B 787 8.89 3.02 -37.40
C ARG B 787 7.48 3.37 -36.91
N PRO B 788 7.21 3.49 -35.60
CA PRO B 788 5.89 3.88 -35.15
C PRO B 788 5.51 5.26 -35.67
N LEU B 789 4.21 5.51 -35.84
CA LEU B 789 3.68 6.86 -36.06
C LEU B 789 4.27 7.84 -35.01
N PRO B 790 4.64 9.08 -35.38
CA PRO B 790 5.17 10.06 -34.44
C PRO B 790 4.21 10.49 -33.33
N GLU B 791 4.71 11.28 -32.39
CA GLU B 791 3.88 12.01 -31.44
C GLU B 791 3.10 13.15 -32.13
N PRO B 792 1.99 13.66 -31.58
CA PRO B 792 1.01 14.44 -32.31
C PRO B 792 1.51 15.68 -33.07
N TYR B 793 2.07 16.67 -32.38
CA TYR B 793 2.46 17.97 -32.97
C TYR B 793 3.94 18.02 -33.37
N GLU B 794 4.55 16.87 -33.60
CA GLU B 794 5.99 16.77 -33.87
C GLU B 794 6.41 17.39 -35.22
N ALA B 795 5.45 17.81 -36.06
CA ALA B 795 5.69 18.65 -37.24
C ALA B 795 6.33 20.01 -36.93
N SER B 796 6.23 20.48 -35.68
CA SER B 796 6.95 21.64 -35.16
C SER B 796 8.42 21.35 -34.76
N ARG B 797 8.84 20.07 -34.69
CA ARG B 797 10.10 19.60 -34.10
C ARG B 797 11.12 19.12 -35.13
N ASP B 798 10.75 18.31 -36.14
CA ASP B 798 11.75 17.70 -37.02
C ASP B 798 11.28 17.42 -38.45
N LEU B 799 12.23 17.27 -39.37
CA LEU B 799 12.08 16.53 -40.63
C LEU B 799 12.06 15.01 -40.41
N ALA B 800 12.97 14.48 -39.59
CA ALA B 800 13.21 13.03 -39.46
C ALA B 800 12.00 12.25 -38.94
N GLN B 801 11.19 12.90 -38.12
CA GLN B 801 9.87 12.44 -37.67
C GLN B 801 8.89 12.14 -38.82
N ALA B 802 8.93 12.81 -39.97
CA ALA B 802 7.93 12.64 -41.02
C ALA B 802 7.83 11.17 -41.48
N PRO B 803 6.67 10.51 -41.31
CA PRO B 803 6.54 9.07 -41.49
C PRO B 803 6.56 8.67 -42.96
N ASP B 804 6.81 7.39 -43.25
CA ASP B 804 6.50 6.82 -44.55
C ASP B 804 4.96 6.86 -44.80
N MET B 805 4.58 7.06 -46.06
CA MET B 805 3.21 7.03 -46.56
C MET B 805 3.10 6.21 -47.85
N GLN B 806 4.21 5.86 -48.47
CA GLN B 806 4.27 5.20 -49.78
C GLN B 806 4.10 3.69 -49.64
N GLY B 807 4.72 3.10 -48.61
CA GLY B 807 4.41 1.74 -48.13
C GLY B 807 3.18 1.73 -47.23
N GLY B 808 2.33 0.71 -47.36
CA GLY B 808 1.13 0.58 -46.54
C GLY B 808 1.44 0.26 -45.07
N HIS B 809 0.78 0.97 -44.15
CA HIS B 809 0.95 0.80 -42.71
C HIS B 809 0.52 -0.57 -42.20
N ALA B 810 1.07 -0.96 -41.05
CA ALA B 810 0.55 -2.04 -40.24
C ALA B 810 0.17 -1.55 -38.85
N VAL B 811 -0.83 -2.14 -38.22
CA VAL B 811 -1.19 -1.86 -36.83
C VAL B 811 -0.71 -2.99 -35.96
N LEU B 812 -0.01 -2.68 -34.88
CA LEU B 812 0.36 -3.60 -33.83
C LEU B 812 -0.60 -3.44 -32.66
N ILE B 813 -1.13 -4.56 -32.19
CA ILE B 813 -1.98 -4.64 -31.02
C ILE B 813 -1.37 -5.64 -30.04
N ALA B 814 -1.27 -5.22 -28.79
CA ALA B 814 -0.77 -6.02 -27.70
C ALA B 814 -1.98 -6.44 -26.87
N SER B 815 -2.23 -7.74 -26.76
CA SER B 815 -3.17 -8.28 -25.78
C SER B 815 -2.39 -8.72 -24.54
N GLU B 816 -3.08 -9.02 -23.45
CA GLU B 816 -2.42 -9.48 -22.23
C GLU B 816 -1.60 -10.77 -22.39
N GLU B 817 -1.73 -11.54 -23.48
CA GLU B 817 -0.97 -12.81 -23.62
C GLU B 817 -0.29 -13.04 -24.98
N GLN B 818 -0.60 -12.25 -26.00
CA GLN B 818 0.05 -12.29 -27.30
C GLN B 818 0.02 -10.94 -28.03
N PHE B 819 0.99 -10.73 -28.91
CA PHE B 819 1.15 -9.53 -29.74
C PHE B 819 0.85 -9.90 -31.20
N LYS B 820 0.20 -9.01 -31.94
CA LYS B 820 -0.05 -9.20 -33.37
C LYS B 820 0.16 -7.90 -34.14
N VAL B 821 0.55 -7.99 -35.41
CA VAL B 821 0.45 -6.87 -36.35
C VAL B 821 -0.31 -7.22 -37.62
N PHE B 822 -1.06 -6.24 -38.14
CA PHE B 822 -2.04 -6.39 -39.19
C PHE B 822 -1.95 -5.27 -40.23
N THR B 823 -2.35 -5.54 -41.46
CA THR B 823 -2.17 -4.60 -42.56
C THR B 823 -3.50 -3.88 -42.75
N LEU B 824 -3.50 -2.55 -42.69
CA LEU B 824 -4.74 -1.84 -42.36
C LEU B 824 -5.89 -1.88 -43.39
N PRO B 825 -5.65 -1.85 -44.71
CA PRO B 825 -6.73 -2.03 -45.67
C PRO B 825 -7.32 -3.46 -45.69
N LYS B 826 -6.59 -4.47 -45.20
CA LYS B 826 -7.01 -5.88 -45.09
C LYS B 826 -6.31 -6.60 -43.93
N VAL B 827 -6.93 -6.57 -42.75
CA VAL B 827 -6.36 -7.07 -41.50
C VAL B 827 -6.05 -8.56 -41.64
N SER B 828 -4.76 -8.89 -41.68
CA SER B 828 -4.20 -10.23 -41.84
C SER B 828 -2.92 -10.31 -41.02
N ALA B 829 -2.63 -11.48 -40.42
CA ALA B 829 -1.53 -11.63 -39.49
C ALA B 829 -0.18 -11.54 -40.21
N LYS B 830 0.44 -10.36 -40.24
CA LYS B 830 1.78 -10.20 -40.81
C LYS B 830 2.77 -10.94 -39.91
N THR B 831 2.73 -10.61 -38.62
CA THR B 831 3.51 -11.24 -37.55
C THR B 831 2.67 -11.31 -36.29
N LYS B 832 2.98 -12.30 -35.46
CA LYS B 832 2.32 -12.67 -34.22
C LYS B 832 3.38 -13.23 -33.29
N PHE B 833 3.28 -12.98 -31.99
CA PHE B 833 4.03 -13.77 -31.00
C PHE B 833 3.20 -14.03 -29.76
N LYS B 834 3.28 -15.27 -29.26
CA LYS B 834 2.54 -15.80 -28.11
C LYS B 834 3.52 -16.13 -26.99
N LEU B 835 3.64 -15.23 -26.02
CA LEU B 835 4.55 -15.41 -24.89
C LEU B 835 4.10 -16.55 -23.97
N THR B 836 2.82 -16.52 -23.59
CA THR B 836 2.28 -17.35 -22.50
C THR B 836 2.18 -18.82 -22.85
N ALA B 837 1.97 -19.13 -24.13
CA ALA B 837 2.06 -20.48 -24.65
C ALA B 837 3.42 -21.13 -24.35
N HIS B 838 4.52 -20.44 -24.61
CA HIS B 838 5.88 -20.97 -24.41
C HIS B 838 6.28 -21.06 -22.93
N GLU B 839 5.86 -20.09 -22.11
CA GLU B 839 6.10 -20.09 -20.66
C GLU B 839 5.02 -19.29 -19.92
N GLY B 840 4.53 -19.81 -18.80
CA GLY B 840 3.46 -19.18 -18.04
C GLY B 840 3.81 -17.76 -17.63
N CYS B 841 3.06 -16.79 -18.16
CA CYS B 841 3.33 -15.36 -18.15
C CYS B 841 2.02 -14.62 -18.41
N ARG B 842 2.02 -13.30 -18.25
CA ARG B 842 0.99 -12.36 -18.73
C ARG B 842 1.64 -10.99 -18.86
N VAL B 843 1.15 -10.11 -19.72
CA VAL B 843 1.69 -8.76 -19.94
C VAL B 843 0.82 -7.70 -19.27
N ARG B 844 1.40 -6.93 -18.35
CA ARG B 844 0.74 -5.88 -17.56
C ARG B 844 0.65 -4.53 -18.26
N LYS B 845 1.78 -4.07 -18.81
CA LYS B 845 1.98 -2.75 -19.43
C LYS B 845 2.94 -2.86 -20.60
N VAL B 846 2.69 -2.07 -21.65
CA VAL B 846 3.48 -2.01 -22.89
C VAL B 846 3.70 -0.57 -23.28
N ALA B 847 4.90 -0.25 -23.75
CA ALA B 847 5.22 1.01 -24.39
C ALA B 847 6.32 0.81 -25.45
N LEU B 848 6.35 1.66 -26.46
CA LEU B 848 7.36 1.61 -27.52
C LEU B 848 8.47 2.64 -27.28
N ALA B 849 9.70 2.22 -27.55
CA ALA B 849 10.94 2.88 -27.18
C ALA B 849 12.01 2.70 -28.27
N THR B 850 12.97 3.61 -28.33
CA THR B 850 14.08 3.55 -29.28
C THR B 850 15.41 3.37 -28.58
N PHE B 851 16.32 2.67 -29.21
CA PHE B 851 17.59 2.26 -28.62
C PHE B 851 18.73 2.77 -29.50
N ALA B 852 19.18 4.00 -29.26
CA ALA B 852 20.36 4.54 -29.92
C ALA B 852 21.61 3.76 -29.49
N SER B 853 22.42 3.32 -30.46
CA SER B 853 23.62 2.53 -30.21
C SER B 853 24.67 3.29 -29.39
N VAL B 854 25.36 2.63 -28.46
CA VAL B 854 26.40 3.22 -27.57
C VAL B 854 27.51 4.00 -28.28
N ALA B 855 27.81 3.61 -29.51
CA ALA B 855 28.65 4.32 -30.49
C ALA B 855 28.05 4.05 -31.88
N CYS B 856 28.29 4.94 -32.85
CA CYS B 856 27.51 4.96 -34.08
C CYS B 856 26.00 4.97 -33.78
N GLU B 857 25.61 5.86 -32.86
CA GLU B 857 24.25 6.11 -32.41
C GLU B 857 23.26 6.44 -33.55
N ASP B 858 23.76 6.70 -34.77
CA ASP B 858 22.98 6.69 -36.01
C ASP B 858 22.08 5.44 -36.15
N TYR B 859 22.57 4.27 -35.71
CA TYR B 859 21.74 3.09 -35.56
C TYR B 859 20.91 3.21 -34.28
N ALA B 860 19.64 3.57 -34.44
CA ALA B 860 18.67 3.83 -33.37
C ALA B 860 17.32 3.19 -33.71
N GLU B 861 17.26 1.86 -33.71
CA GLU B 861 16.04 1.10 -34.00
C GLU B 861 14.99 1.20 -32.88
N THR B 862 13.79 0.65 -33.10
CA THR B 862 12.67 0.67 -32.16
C THR B 862 12.18 -0.71 -31.80
N CYS B 863 11.70 -0.81 -30.56
CA CYS B 863 11.27 -2.01 -29.87
C CYS B 863 10.09 -1.63 -28.96
N LEU B 864 9.23 -2.59 -28.66
CA LEU B 864 8.29 -2.44 -27.55
C LEU B 864 8.84 -3.18 -26.33
N ALA B 865 8.71 -2.56 -25.17
CA ALA B 865 9.03 -3.15 -23.87
C ALA B 865 7.73 -3.55 -23.20
N CYS B 866 7.67 -4.75 -22.65
CA CYS B 866 6.49 -5.26 -21.97
C CYS B 866 6.84 -5.72 -20.56
N LEU B 867 5.96 -5.43 -19.62
CA LEU B 867 6.14 -5.75 -18.22
C LEU B 867 5.32 -6.99 -17.91
N THR B 868 5.97 -8.05 -17.46
CA THR B 868 5.33 -9.31 -17.16
C THR B 868 4.63 -9.24 -15.80
N ASN B 869 3.58 -10.01 -15.59
CA ASN B 869 2.94 -10.17 -14.28
C ASN B 869 3.85 -10.82 -13.21
N LEU B 870 4.94 -11.48 -13.64
CA LEU B 870 6.03 -11.97 -12.80
C LEU B 870 7.10 -10.89 -12.51
N GLY B 871 6.90 -9.66 -12.99
CA GLY B 871 7.81 -8.53 -12.84
C GLY B 871 8.99 -8.50 -13.83
N ASP B 872 9.20 -9.52 -14.65
CA ASP B 872 10.20 -9.47 -15.72
C ASP B 872 9.85 -8.41 -16.78
N VAL B 873 10.85 -7.78 -17.38
CA VAL B 873 10.69 -6.97 -18.59
C VAL B 873 11.25 -7.76 -19.77
N HIS B 874 10.49 -7.86 -20.85
CA HIS B 874 10.94 -8.41 -22.13
C HIS B 874 10.86 -7.35 -23.21
N VAL B 875 11.82 -7.33 -24.12
CA VAL B 875 11.89 -6.38 -25.23
C VAL B 875 11.67 -7.12 -26.53
N PHE B 876 10.70 -6.65 -27.31
CA PHE B 876 10.32 -7.24 -28.59
C PHE B 876 10.61 -6.27 -29.73
N SER B 877 11.02 -6.83 -30.87
CA SER B 877 11.51 -6.06 -32.01
C SER B 877 10.38 -5.93 -33.02
N VAL B 878 10.07 -4.71 -33.43
CA VAL B 878 8.96 -4.42 -34.35
C VAL B 878 9.49 -4.14 -35.76
N PRO B 879 8.86 -4.66 -36.82
CA PRO B 879 7.62 -5.44 -36.84
C PRO B 879 7.80 -6.94 -36.59
N GLY B 880 9.03 -7.45 -36.50
CA GLY B 880 9.31 -8.90 -36.55
C GLY B 880 8.73 -9.75 -35.40
N LEU B 881 8.43 -9.13 -34.25
CA LEU B 881 7.98 -9.74 -32.99
C LEU B 881 8.86 -10.92 -32.55
N ARG B 882 10.16 -10.65 -32.43
CA ARG B 882 11.18 -11.53 -31.86
C ARG B 882 11.69 -11.02 -30.50
N PRO B 883 11.75 -11.85 -29.45
CA PRO B 883 12.22 -11.45 -28.12
C PRO B 883 13.73 -11.21 -28.13
N GLN B 884 14.17 -9.99 -27.89
CA GLN B 884 15.60 -9.67 -27.91
C GLN B 884 16.30 -10.01 -26.59
N VAL B 885 15.67 -9.72 -25.44
CA VAL B 885 16.19 -9.93 -24.08
C VAL B 885 15.11 -10.30 -23.08
N HIS B 886 15.52 -10.85 -21.94
CA HIS B 886 14.67 -11.54 -20.96
C HIS B 886 15.14 -11.26 -19.52
N TYR B 887 14.70 -10.15 -18.90
CA TYR B 887 15.33 -9.60 -17.67
C TYR B 887 14.39 -9.45 -16.47
N SER B 888 14.89 -9.77 -15.28
CA SER B 888 14.13 -9.93 -14.03
C SER B 888 14.00 -8.63 -13.24
N CYS B 889 13.42 -7.59 -13.85
CA CYS B 889 13.36 -6.23 -13.31
C CYS B 889 12.71 -6.11 -11.92
N ILE B 890 11.47 -6.56 -11.77
CA ILE B 890 10.67 -6.46 -10.53
C ILE B 890 10.39 -7.89 -10.03
N ARG B 891 10.21 -8.10 -8.72
CA ARG B 891 9.88 -9.43 -8.17
C ARG B 891 8.41 -9.80 -8.42
N LYS B 892 8.05 -11.07 -8.26
CA LYS B 892 6.64 -11.51 -8.32
C LYS B 892 5.80 -10.84 -7.24
N GLU B 893 6.36 -10.66 -6.05
CA GLU B 893 5.60 -10.24 -4.87
C GLU B 893 5.06 -8.81 -4.96
N ASP B 894 5.82 -7.80 -5.40
CA ASP B 894 5.41 -6.40 -5.31
C ASP B 894 4.47 -5.97 -6.44
N ILE B 895 3.24 -6.51 -6.44
CA ILE B 895 2.17 -6.23 -7.41
C ILE B 895 1.86 -4.73 -7.51
N SER B 896 1.90 -3.99 -6.40
CA SER B 896 1.73 -2.53 -6.40
C SER B 896 2.87 -1.80 -7.08
N GLY B 897 4.09 -2.34 -7.01
CA GLY B 897 5.25 -1.86 -7.78
C GLY B 897 5.05 -2.12 -9.27
N ILE B 898 4.68 -3.33 -9.67
CA ILE B 898 4.38 -3.66 -11.07
C ILE B 898 3.28 -2.74 -11.63
N ALA B 899 2.16 -2.57 -10.92
CA ALA B 899 1.06 -1.73 -11.34
C ALA B 899 1.39 -0.22 -11.43
N SER B 900 2.51 0.25 -10.88
CA SER B 900 2.89 1.67 -10.83
C SER B 900 3.75 2.17 -12.01
N CYS B 901 4.22 1.27 -12.87
CA CYS B 901 5.28 1.58 -13.84
C CYS B 901 4.91 2.66 -14.86
N VAL B 902 5.90 3.43 -15.26
CA VAL B 902 5.94 4.17 -16.52
C VAL B 902 7.27 3.95 -17.22
N PHE B 903 7.27 3.93 -18.55
CA PHE B 903 8.45 3.83 -19.39
C PHE B 903 8.76 5.17 -20.06
N THR B 904 10.00 5.63 -19.91
CA THR B 904 10.61 6.67 -20.76
C THR B 904 10.81 6.10 -22.17
N ARG B 905 10.78 6.93 -23.21
CA ARG B 905 10.85 6.46 -24.61
C ARG B 905 12.21 5.91 -25.09
N HIS B 906 13.18 5.79 -24.18
CA HIS B 906 14.56 5.41 -24.47
C HIS B 906 14.99 4.13 -23.73
N GLY B 907 14.06 3.25 -23.34
CA GLY B 907 14.38 2.02 -22.63
C GLY B 907 14.81 2.25 -21.19
N GLN B 908 14.01 2.99 -20.42
CA GLN B 908 14.20 3.28 -19.00
C GLN B 908 12.85 3.36 -18.31
N GLY B 909 12.77 3.08 -17.03
CA GLY B 909 11.50 3.01 -16.34
C GLY B 909 11.58 3.29 -14.85
N PHE B 910 10.47 3.77 -14.30
CA PHE B 910 10.28 4.10 -12.89
C PHE B 910 9.21 3.19 -12.29
N TYR B 911 9.44 2.64 -11.10
CA TYR B 911 8.45 1.85 -10.36
C TYR B 911 8.53 2.10 -8.85
N LEU B 912 7.41 1.93 -8.14
CA LEU B 912 7.31 2.30 -6.74
C LEU B 912 7.62 1.06 -5.89
N ILE B 913 8.88 0.94 -5.48
CA ILE B 913 9.35 -0.09 -4.53
C ILE B 913 8.82 0.13 -3.10
N SER B 914 8.32 1.34 -2.81
CA SER B 914 7.55 1.71 -1.63
C SER B 914 6.57 2.81 -2.03
N PRO B 915 5.42 3.03 -1.36
CA PRO B 915 4.64 4.23 -1.60
C PRO B 915 5.44 5.53 -1.39
N SER B 916 6.49 5.49 -0.58
CA SER B 916 7.40 6.61 -0.29
C SER B 916 8.48 6.87 -1.36
N GLU B 917 8.83 5.89 -2.19
CA GLU B 917 10.03 5.90 -3.04
C GLU B 917 9.79 5.38 -4.45
N PHE B 918 10.42 6.01 -5.45
CA PHE B 918 10.56 5.43 -6.78
C PHE B 918 11.94 4.81 -6.91
N GLU B 919 12.02 3.61 -7.48
CA GLU B 919 13.25 3.05 -8.04
C GLU B 919 13.21 3.13 -9.57
N ARG B 920 14.37 3.22 -10.19
CA ARG B 920 14.55 3.47 -11.62
C ARG B 920 15.41 2.36 -12.20
N PHE B 921 15.03 1.88 -13.37
CA PHE B 921 15.78 0.90 -14.15
C PHE B 921 16.05 1.45 -15.54
N SER B 922 17.13 0.99 -16.15
CA SER B 922 17.47 1.32 -17.54
C SER B 922 17.88 0.05 -18.24
N LEU B 923 17.33 -0.16 -19.43
CA LEU B 923 17.61 -1.30 -20.27
C LEU B 923 18.29 -0.88 -21.59
N SER B 924 18.29 0.41 -21.95
CA SER B 924 19.19 0.92 -22.98
C SER B 924 20.64 0.90 -22.53
N ALA B 925 21.56 0.47 -23.40
CA ALA B 925 22.99 0.40 -23.09
C ALA B 925 23.67 1.77 -23.08
N ARG B 926 23.11 2.74 -23.82
CA ARG B 926 23.62 4.12 -23.93
C ARG B 926 23.12 5.02 -22.79
N ASN B 927 21.84 4.93 -22.43
CA ASN B 927 21.26 5.66 -21.30
C ASN B 927 21.42 4.85 -20.00
N ILE B 928 22.43 5.19 -19.19
CA ILE B 928 22.78 4.53 -17.93
C ILE B 928 23.18 5.59 -16.87
N THR B 929 23.17 5.24 -15.58
CA THR B 929 23.52 6.16 -14.48
C THR B 929 24.23 5.43 -13.32
N GLU B 930 25.16 6.08 -12.64
CA GLU B 930 25.94 5.52 -11.52
C GLU B 930 26.14 6.52 -10.37
N PRO B 931 26.36 6.06 -9.12
CA PRO B 931 26.87 6.91 -8.04
C PRO B 931 28.27 7.43 -8.40
N LEU B 932 28.53 8.72 -8.15
CA LEU B 932 29.72 9.43 -8.61
C LEU B 932 29.92 10.67 -7.73
N CYS B 933 30.77 10.52 -6.70
CA CYS B 933 30.92 11.45 -5.58
C CYS B 933 32.37 11.50 -5.07
N SER B 934 32.75 12.51 -4.28
CA SER B 934 34.00 12.52 -3.50
C SER B 934 33.83 13.33 -2.20
N LEU B 935 34.68 13.05 -1.21
CA LEU B 935 34.61 13.60 0.15
C LEU B 935 36.00 13.69 0.80
N ASP B 936 36.26 14.74 1.57
CA ASP B 936 37.55 15.02 2.22
C ASP B 936 37.73 14.21 3.52
N ILE B 937 37.93 12.90 3.39
CA ILE B 937 38.12 11.98 4.53
C ILE B 937 39.44 12.27 5.25
N THR C 1 7.04 -41.69 -20.71
CA THR C 1 5.69 -41.35 -20.20
C THR C 1 4.63 -42.22 -20.87
N HIS C 2 3.46 -42.40 -20.24
CA HIS C 2 2.40 -43.26 -20.81
C HIS C 2 1.77 -42.68 -22.08
N ARG C 3 1.06 -41.54 -21.99
CA ARG C 3 0.31 -40.97 -23.11
C ARG C 3 0.17 -39.45 -22.99
N ARG C 4 0.03 -38.80 -24.14
CA ARG C 4 -0.38 -37.40 -24.30
C ARG C 4 -1.81 -37.32 -24.82
N VAL C 5 -2.67 -36.59 -24.14
CA VAL C 5 -4.12 -36.59 -24.40
C VAL C 5 -4.50 -35.31 -25.13
N ARG C 6 -5.13 -35.45 -26.29
CA ARG C 6 -5.79 -34.34 -26.98
C ARG C 6 -7.06 -33.99 -26.22
N LEU C 7 -7.19 -32.74 -25.83
CA LEU C 7 -8.48 -32.18 -25.40
C LEU C 7 -8.94 -31.21 -26.48
N HIS C 8 -10.13 -31.45 -27.02
CA HIS C 8 -10.60 -30.78 -28.23
C HIS C 8 -11.15 -29.37 -27.97
N LYS C 9 -11.23 -28.56 -29.02
CA LYS C 9 -12.16 -27.44 -29.06
C LYS C 9 -13.58 -27.96 -28.90
N HIS C 10 -14.38 -27.29 -28.08
CA HIS C 10 -15.79 -27.63 -27.86
C HIS C 10 -16.67 -27.45 -29.11
N GLY C 11 -16.35 -26.48 -29.97
CA GLY C 11 -17.22 -26.06 -31.09
C GLY C 11 -18.62 -25.61 -30.67
N SER C 12 -18.84 -25.33 -29.39
CA SER C 12 -20.16 -25.26 -28.74
C SER C 12 -20.07 -24.60 -27.35
N ASP C 13 -21.15 -24.62 -26.58
CA ASP C 13 -21.21 -23.96 -25.26
C ASP C 13 -20.42 -24.69 -24.14
N ARG C 14 -20.20 -26.01 -24.28
CA ARG C 14 -19.64 -26.86 -23.20
C ARG C 14 -18.21 -26.47 -22.81
N PRO C 15 -17.90 -26.23 -21.52
CA PRO C 15 -16.56 -25.85 -21.08
C PRO C 15 -15.59 -27.03 -21.18
N LEU C 16 -14.28 -26.80 -21.06
CA LEU C 16 -13.36 -27.89 -20.73
C LEU C 16 -13.50 -28.26 -19.25
N GLY C 17 -13.42 -29.55 -18.94
CA GLY C 17 -13.93 -30.09 -17.68
C GLY C 17 -12.85 -30.37 -16.63
N PHE C 18 -12.26 -29.32 -16.05
CA PHE C 18 -11.19 -29.47 -15.07
C PHE C 18 -11.15 -28.39 -13.97
N TYR C 19 -10.59 -28.80 -12.82
CA TYR C 19 -9.87 -27.99 -11.84
C TYR C 19 -8.54 -28.68 -11.55
N ILE C 20 -7.49 -27.93 -11.25
CA ILE C 20 -6.14 -28.44 -11.02
C ILE C 20 -5.56 -27.91 -9.70
N ARG C 21 -4.59 -28.64 -9.13
CA ARG C 21 -3.99 -28.36 -7.81
C ARG C 21 -2.48 -28.50 -7.83
N ASP C 22 -1.82 -27.83 -6.89
CA ASP C 22 -0.45 -28.14 -6.48
C ASP C 22 -0.41 -29.39 -5.57
N GLY C 23 0.80 -29.89 -5.33
CA GLY C 23 1.06 -31.06 -4.51
C GLY C 23 2.51 -31.51 -4.67
N MET C 24 2.78 -32.78 -4.39
CA MET C 24 4.12 -33.38 -4.45
C MET C 24 4.07 -34.79 -5.05
N SER C 25 5.18 -35.26 -5.60
CA SER C 25 5.37 -36.59 -6.19
C SER C 25 6.79 -37.13 -5.91
N VAL C 26 6.98 -38.45 -6.07
CA VAL C 26 8.24 -39.15 -5.75
C VAL C 26 8.39 -40.41 -6.60
N ARG C 27 9.63 -40.88 -6.82
CA ARG C 27 9.95 -42.16 -7.46
C ARG C 27 9.50 -43.34 -6.60
N LEU C 33 13.07 -42.06 -3.69
CA LEU C 33 13.17 -41.14 -2.56
C LEU C 33 13.23 -39.65 -2.98
N GLU C 34 13.35 -39.38 -4.28
CA GLU C 34 13.51 -38.06 -4.90
C GLU C 34 12.19 -37.25 -4.96
N ARG C 35 11.69 -36.86 -3.78
CA ARG C 35 10.46 -36.06 -3.58
C ARG C 35 10.57 -34.69 -4.25
N VAL C 36 9.52 -34.26 -4.95
CA VAL C 36 9.49 -33.01 -5.75
C VAL C 36 8.07 -32.45 -5.86
N PRO C 37 7.85 -31.14 -6.04
CA PRO C 37 6.53 -30.59 -6.35
C PRO C 37 5.94 -31.13 -7.65
N GLY C 38 4.61 -31.18 -7.74
CA GLY C 38 3.89 -31.58 -8.94
C GLY C 38 2.54 -30.89 -9.06
N ILE C 39 2.02 -30.80 -10.29
CA ILE C 39 0.70 -30.22 -10.59
C ILE C 39 -0.24 -31.36 -11.00
N PHE C 40 -1.46 -31.35 -10.47
CA PHE C 40 -2.39 -32.47 -10.57
C PHE C 40 -3.76 -32.07 -11.10
N ILE C 41 -4.38 -32.99 -11.81
CA ILE C 41 -5.81 -33.04 -12.03
C ILE C 41 -6.52 -33.19 -10.67
N SER C 42 -7.76 -32.71 -10.50
CA SER C 42 -8.44 -32.83 -9.19
C SER C 42 -9.97 -32.99 -9.22
N ARG C 43 -10.66 -32.33 -10.16
CA ARG C 43 -12.12 -32.38 -10.29
C ARG C 43 -12.52 -32.41 -11.76
N LEU C 44 -12.97 -33.58 -12.22
CA LEU C 44 -13.60 -33.79 -13.52
C LEU C 44 -15.03 -33.26 -13.44
N VAL C 45 -15.21 -31.95 -13.64
CA VAL C 45 -16.52 -31.30 -13.47
C VAL C 45 -17.52 -31.77 -14.55
N ARG C 46 -18.76 -32.05 -14.13
CA ARG C 46 -19.84 -32.62 -14.95
C ARG C 46 -20.21 -31.75 -16.15
N GLY C 47 -20.44 -32.39 -17.30
CA GLY C 47 -20.90 -31.73 -18.53
C GLY C 47 -19.83 -30.95 -19.30
N GLY C 48 -18.58 -30.92 -18.83
CA GLY C 48 -17.44 -30.35 -19.54
C GLY C 48 -16.71 -31.37 -20.43
N LEU C 49 -16.17 -30.93 -21.57
CA LEU C 49 -15.71 -31.81 -22.64
C LEU C 49 -14.55 -32.76 -22.27
N ALA C 50 -13.84 -32.48 -21.17
CA ALA C 50 -12.83 -33.40 -20.67
C ALA C 50 -13.46 -34.76 -20.33
N GLU C 51 -14.68 -34.79 -19.79
CA GLU C 51 -15.43 -36.01 -19.46
C GLU C 51 -15.75 -36.87 -20.70
N SER C 52 -15.79 -36.28 -21.90
CA SER C 52 -15.95 -37.03 -23.15
C SER C 52 -14.71 -37.86 -23.51
N THR C 53 -13.56 -37.62 -22.87
CA THR C 53 -12.28 -38.29 -23.23
C THR C 53 -11.97 -39.53 -22.39
N GLY C 54 -12.41 -39.57 -21.13
CA GLY C 54 -12.36 -40.76 -20.27
C GLY C 54 -10.99 -41.23 -19.76
N LEU C 55 -9.87 -40.86 -20.42
CA LEU C 55 -8.51 -41.28 -20.05
C LEU C 55 -7.91 -40.44 -18.90
N LEU C 56 -8.45 -39.27 -18.64
CA LEU C 56 -8.20 -38.42 -17.47
C LEU C 56 -8.71 -39.05 -16.15
N ALA C 57 -8.18 -38.64 -15.01
CA ALA C 57 -8.66 -39.02 -13.68
C ALA C 57 -8.25 -37.99 -12.62
N VAL C 58 -8.96 -37.90 -11.50
CA VAL C 58 -8.63 -37.02 -10.36
C VAL C 58 -7.29 -37.36 -9.69
N SER C 59 -6.75 -38.55 -9.96
CA SER C 59 -5.49 -39.08 -9.43
C SER C 59 -4.23 -38.51 -10.08
N ASP C 60 -4.32 -37.90 -11.26
CA ASP C 60 -3.17 -37.86 -12.16
C ASP C 60 -2.38 -36.55 -12.13
N GLU C 61 -1.06 -36.70 -12.18
CA GLU C 61 -0.10 -35.61 -12.36
C GLU C 61 0.01 -35.23 -13.84
N ILE C 62 0.14 -33.93 -14.14
CA ILE C 62 0.40 -33.45 -15.50
C ILE C 62 1.88 -33.08 -15.62
N LEU C 63 2.53 -33.64 -16.65
CA LEU C 63 3.99 -33.58 -16.84
C LEU C 63 4.39 -32.54 -17.89
N GLU C 64 3.56 -32.34 -18.92
CA GLU C 64 3.76 -31.34 -19.97
C GLU C 64 2.40 -30.73 -20.39
N VAL C 65 2.39 -29.45 -20.74
CA VAL C 65 1.24 -28.77 -21.37
C VAL C 65 1.68 -28.31 -22.75
N ASN C 66 0.97 -28.72 -23.79
CA ASN C 66 1.27 -28.45 -25.20
C ASN C 66 2.71 -28.77 -25.62
N GLY C 67 3.28 -29.83 -25.05
CA GLY C 67 4.64 -30.31 -25.33
C GLY C 67 5.77 -29.52 -24.66
N ILE C 68 5.43 -28.53 -23.82
CA ILE C 68 6.39 -27.78 -23.00
C ILE C 68 6.35 -28.41 -21.61
N GLU C 69 7.52 -28.69 -21.03
CA GLU C 69 7.60 -29.24 -19.68
C GLU C 69 7.13 -28.22 -18.63
N VAL C 70 6.28 -28.68 -17.72
CA VAL C 70 5.68 -27.89 -16.64
C VAL C 70 6.63 -27.75 -15.43
N ALA C 71 7.69 -28.55 -15.33
CA ALA C 71 8.38 -28.87 -14.09
C ALA C 71 8.74 -27.70 -13.14
N GLY C 72 9.15 -26.54 -13.68
CA GLY C 72 9.49 -25.37 -12.88
C GLY C 72 8.34 -24.42 -12.53
N LYS C 73 7.18 -24.57 -13.16
CA LYS C 73 6.07 -23.61 -13.09
C LYS C 73 5.28 -23.71 -11.79
N THR C 74 4.71 -22.59 -11.35
CA THR C 74 3.72 -22.56 -10.25
C THR C 74 2.32 -22.93 -10.76
N LEU C 75 1.37 -23.25 -9.87
CA LEU C 75 -0.03 -23.46 -10.26
C LEU C 75 -0.68 -22.21 -10.88
N ASP C 76 -0.32 -21.02 -10.41
CA ASP C 76 -0.75 -19.75 -10.97
C ASP C 76 -0.19 -19.53 -12.40
N GLN C 77 1.04 -20.01 -12.68
CA GLN C 77 1.64 -20.03 -14.03
C GLN C 77 1.02 -21.09 -14.94
N VAL C 78 0.60 -22.25 -14.44
CA VAL C 78 0.00 -23.28 -15.30
C VAL C 78 -1.46 -22.94 -15.65
N THR C 79 -2.25 -22.32 -14.76
CA THR C 79 -3.57 -21.80 -15.18
C THR C 79 -3.43 -20.66 -16.20
N ASP C 80 -2.39 -19.82 -16.14
CA ASP C 80 -2.05 -18.91 -17.25
C ASP C 80 -1.74 -19.66 -18.55
N MET C 81 -0.93 -20.71 -18.48
CA MET C 81 -0.55 -21.56 -19.63
C MET C 81 -1.71 -22.39 -20.20
N MET C 82 -2.94 -22.19 -19.71
CA MET C 82 -4.15 -22.94 -20.08
C MET C 82 -5.45 -22.11 -20.15
N VAL C 83 -5.45 -20.83 -19.75
CA VAL C 83 -6.53 -19.87 -20.01
C VAL C 83 -6.41 -19.29 -21.42
N ALA C 84 -5.21 -18.82 -21.80
CA ALA C 84 -4.79 -18.83 -23.20
C ALA C 84 -4.44 -20.28 -23.59
N ASN C 85 -3.93 -20.54 -24.80
CA ASN C 85 -3.56 -21.90 -25.21
C ASN C 85 -4.75 -22.89 -25.13
N SER C 86 -5.98 -22.37 -25.21
CA SER C 86 -7.22 -23.05 -24.76
C SER C 86 -8.13 -23.55 -25.89
N HIS C 87 -7.75 -23.41 -27.16
CA HIS C 87 -8.47 -23.99 -28.30
C HIS C 87 -7.90 -25.33 -28.81
N ASN C 88 -6.67 -25.71 -28.43
CA ASN C 88 -6.00 -26.89 -29.00
C ASN C 88 -5.04 -27.57 -27.99
N LEU C 89 -5.56 -27.95 -26.83
CA LEU C 89 -4.79 -28.57 -25.75
C LEU C 89 -4.17 -29.89 -26.19
N ILE C 90 -2.96 -30.14 -25.69
CA ILE C 90 -2.39 -31.47 -25.47
C ILE C 90 -1.83 -31.49 -24.05
N VAL C 91 -2.07 -32.54 -23.28
CA VAL C 91 -1.50 -32.69 -21.92
C VAL C 91 -0.81 -34.05 -21.80
N THR C 92 0.40 -34.12 -21.24
CA THR C 92 1.13 -35.39 -21.11
C THR C 92 1.10 -35.88 -19.66
N VAL C 93 0.76 -37.15 -19.46
CA VAL C 93 0.50 -37.74 -18.13
C VAL C 93 1.36 -39.00 -17.92
N LYS C 94 1.79 -39.23 -16.68
CA LYS C 94 2.79 -40.25 -16.31
C LYS C 94 2.25 -41.68 -16.15
N PRO C 95 1.32 -42.01 -15.21
CA PRO C 95 1.06 -43.39 -14.81
C PRO C 95 0.37 -44.23 -15.88
N ALA C 96 1.03 -45.31 -16.32
CA ALA C 96 0.46 -46.32 -17.21
C ALA C 96 -0.47 -47.32 -16.50
N ASN C 97 -0.09 -47.73 -15.28
CA ASN C 97 -0.81 -48.71 -14.45
C ASN C 97 -2.02 -48.13 -13.67
N GLN C 98 -2.16 -46.80 -13.62
CA GLN C 98 -3.12 -46.07 -12.78
C GLN C 98 -3.07 -46.49 -11.29
N ARG C 99 -1.86 -46.68 -10.74
CA ARG C 99 -1.60 -47.04 -9.33
C ARG C 99 -0.41 -46.25 -8.75
#